data_8TQO
#
_entry.id   8TQO
#
_cell.length_a   1.00
_cell.length_b   1.00
_cell.length_c   1.00
_cell.angle_alpha   90.00
_cell.angle_beta   90.00
_cell.angle_gamma   90.00
#
_symmetry.space_group_name_H-M   'P 1'
#
loop_
_entity.id
_entity.type
_entity.pdbx_description
1 polymer 'Translation initiation factor eIF-2B subunit epsilon'
2 polymer 'Translation initiation factor eIF-2B subunit gamma'
3 polymer 'Translation initiation factor eIF-2B subunit beta'
4 polymer 'Translation initiation factor eIF-2B subunit delta'
#
loop_
_entity_poly.entity_id
_entity_poly.type
_entity_poly.pdbx_seq_one_letter_code
_entity_poly.pdbx_strand_id
1 'polypeptide(L)'
;MAAPVVAPPGVVVSRANKRSGAGPGGSGGGGARGAEEEPPPPLQAVLVADSFDRRFFPISKDQPRVLLPLANVALIDYTL
EFLTATGVQETFVFCCWKAAQIKEHLLKSKWCRPTSLNVVRIITSELYRSLGDVLRDVDAKALVRSDFLLVYGDVISNIN
ITRALEEHRLRRKLEKNVSVMTMIFKESSPSHPTRCHEDNVVVAVDSTTNRVLHFQKTQGLRRFAFPLSLFQGSSDGVEV
RYDLLDCHISICSPQVAQLFTDNFDYQTRDDFVRGLLVNEEILGNQIHMHVTAKEYGARVSNLHMYSAVCADVIRRWVYP
LTPEANFTDSTTQSCTHSRHNIYRGPEVSLGHGSILEENVLLGSGTVIGSNCFITNSVIGPGCHIGDNVVLDQTYLWQGV
RVAAGAQIHQSLLCDNAEVKERVTLKPRSVLTSQVVVGPNITLPEGSVISLHPPDAEEDEDDGEFSDDSGADQEKDKVKM
KGYNPAEVGAAGKGYLWKAAGMNMEEEEELQQNLWGLKINMEEESESESEQSMDSEEPDSRGGSPQMDDIKVFQNEVLGT
LQRGKEENISCDNLVLEINSLKYAYNVSLKEVMQVLSHVVLEFPLQQMDSPLDSSRYCALLLPLLKAWSPVFRNYIKRAA
DHLEALAAIEDFFLEHEALGISMAKVLMAFYQLEILAEETILSWFSQRDTTDKGQQLRKNQQLQRFIQWLKEAEEESSED
D
;
A
2 'polypeptide(L)'
;MEFQAVVMAVGGGSRMTDLTSSIPKPLLPVGNKPLIWYPLNLLERVGFEEVIVVTTRDVQKALCAEFKMKMKPDIVCIPD
DADMGTADSLRYIYPKLKTDVLVLSCDLITDVALHEVVDLFRAYDASLAMLMRKGQDSIEPVPGQKGKKKAVEQRDFIGV
DSTGKRLLFMANEADLDEELVIKGSILQKHPRIRFHTGLVDAHLYCLKKYIVDFLMENGSITSIRSELIPYLVRKQFSSA
SSQQGQEEKEEDLKKKELKSLDIYSFIKEANTLNLAPYDACWNACRGDRWEDLSRSQVRCYVHIMKEGLCSRVSTLGLYM
EANRQVPKLLSALCPEEPPVHSSAQIVSKHLVGVDSLIGPETQIGEKSSIKRSVIGSSCLIKDRVTITNCLLMNSVTVEE
GSNIQGSVICNNAVIEKGADIKDCLIGSGQRIEAKAKRVNEVIVGNDQLMEI
;
I
3 'polypeptide(L)'
;MHHHHHHGGGSENLYFQSPGSAAKGSELSERIESFVETLKRGGGPRSSEEMARETLGLLRQIITDHRWSNAGELMELIRR
EGRRMTAAQPSETTVGNMVRRVLKIIREEYGRLHGRSDESDQQESLHKLLTSGGLNEDFSFHYAQLQSNIIEAINELLVE
LEGTMENIAAQALEHIHSNEVIMTIGFSRTVEAFLKEAARKRKFHVIVAECAPFCQGHEMAVNLSKAGIETTVMTDAAIF
AVMSRVNKVIIGTKTILANGALRAVTGTHTLALAAKHHSTPLIVCAPMFKLSPQFPNEEDSFHKFVAPEEVLPFTEGDIL
EKVSVHCPVFDYVPPELITLFISNIGGNAPSYIYRLMSELYHPDDHVL
;
D
4 'polypeptide(L)'
;MAAVAVAVREDSGSGMKAELPPGPGAVGREMTKEEKLQLRKEKKQQKKKRKEEKGAEPETGSAVSAAQCQVGPTRELPES
GIQLGTPREKVPAGRSKAELRAERRAKQEAERALKQARKGEQGGPPPKASPSTAGETPSGVKRLPEYPQVDDLLLRRLVK
KPERQQVPTRKDYGSKVSLFSHLPQYSRQNSLTQFMSIPSSVIHPAMVRLGLQYSQGLVSGSNARCIALLRALQQVIQDY
TTPPNEELSRDLVNKLKPYMSFLTQCRPLSASMHNAIKFLNKEITSVGSSKREEEAKSELRAAIDRYVQEKIVLAAQAIS
RFAYQKISNGDVILVYGCSSLVSRILQEAWTEGRRFRVVVVDSRPWLEGRHTLRSLVHAGVPASYLLIPAASYVLPEVSK
VLLGAHALLANGSVMSRVGTAQLALVARAHNVPVLVCCETYKFCERVQTDAFVSNELDDPDDLQCKRGEHVALANWQNHA
SLRLLNLVYDVTPPELVDLVITELGMIPCSSVPVVLRVKSSDQ
;
E
#
# COMPACT_ATOMS: atom_id res chain seq x y z
N PRO A 41 6.81 28.99 -20.06
CA PRO A 41 6.33 28.78 -21.43
C PRO A 41 5.02 28.00 -21.47
N PRO A 42 4.15 28.32 -22.44
CA PRO A 42 2.88 27.59 -22.56
C PRO A 42 3.12 26.14 -22.91
N LEU A 43 2.43 25.25 -22.21
CA LEU A 43 2.57 23.82 -22.45
C LEU A 43 1.95 23.44 -23.78
N GLN A 44 2.65 22.61 -24.54
CA GLN A 44 2.16 22.10 -25.82
C GLN A 44 2.42 20.61 -25.90
N ALA A 45 1.65 19.93 -26.75
CA ALA A 45 1.76 18.50 -26.92
C ALA A 45 1.69 18.16 -28.40
N VAL A 46 2.29 17.02 -28.75
CA VAL A 46 2.25 16.49 -30.11
C VAL A 46 1.43 15.20 -30.06
N LEU A 47 0.33 15.18 -30.81
CA LEU A 47 -0.60 14.06 -30.81
C LEU A 47 -0.50 13.33 -32.15
N VAL A 48 -0.22 12.04 -32.12
CA VAL A 48 -0.14 11.21 -33.30
C VAL A 48 -1.44 10.45 -33.43
N ALA A 49 -2.24 10.79 -34.43
CA ALA A 49 -3.54 10.19 -34.65
C ALA A 49 -3.49 8.97 -35.57
N ASP A 50 -2.34 8.31 -35.67
CA ASP A 50 -2.20 7.16 -36.55
C ASP A 50 -1.19 6.20 -35.96
N SER A 51 -1.60 4.94 -35.80
CA SER A 51 -0.72 3.87 -35.36
C SER A 51 -0.25 3.11 -36.60
N PHE A 52 1.07 3.10 -36.83
CA PHE A 52 1.63 2.53 -38.05
C PHE A 52 1.96 1.05 -37.86
N ASP A 53 0.92 0.27 -37.57
CA ASP A 53 1.05 -1.17 -37.44
C ASP A 53 -0.29 -1.82 -37.75
N ARG A 54 -0.23 -3.07 -38.19
CA ARG A 54 -1.44 -3.83 -38.52
C ARG A 54 -1.80 -4.72 -37.33
N ARG A 55 -2.34 -4.09 -36.29
CA ARG A 55 -2.87 -4.78 -35.14
C ARG A 55 -4.38 -4.65 -35.01
N PHE A 56 -5.00 -3.78 -35.79
CA PHE A 56 -6.45 -3.59 -35.85
C PHE A 56 -6.94 -3.72 -37.28
N PHE A 57 -6.53 -4.79 -37.96
CA PHE A 57 -6.76 -4.85 -39.39
C PHE A 57 -7.65 -6.04 -39.79
N PRO A 58 -8.71 -6.34 -39.03
CA PRO A 58 -9.96 -6.75 -39.67
C PRO A 58 -10.93 -5.59 -39.85
N ILE A 59 -10.63 -4.44 -39.26
CA ILE A 59 -11.60 -3.36 -39.10
C ILE A 59 -11.14 -2.07 -39.76
N SER A 60 -9.87 -1.69 -39.59
CA SER A 60 -9.34 -0.38 -39.96
C SER A 60 -9.47 -0.06 -41.44
N LYS A 61 -9.97 -0.95 -42.30
CA LYS A 61 -10.19 -0.58 -43.70
C LYS A 61 -11.35 0.40 -43.86
N ASP A 62 -12.22 0.52 -42.85
CA ASP A 62 -13.36 1.43 -42.91
C ASP A 62 -13.07 2.74 -42.19
N GLN A 63 -12.68 2.67 -40.92
CA GLN A 63 -12.35 3.85 -40.13
C GLN A 63 -11.05 3.61 -39.36
N PRO A 64 -10.30 4.66 -39.08
CA PRO A 64 -9.05 4.50 -38.34
C PRO A 64 -9.30 4.10 -36.89
N ARG A 65 -8.22 3.69 -36.23
CA ARG A 65 -8.31 3.26 -34.84
C ARG A 65 -8.70 4.40 -33.92
N VAL A 66 -8.23 5.62 -34.20
CA VAL A 66 -8.53 6.76 -33.34
C VAL A 66 -10.01 7.13 -33.34
N LEU A 67 -10.77 6.69 -34.34
CA LEU A 67 -12.20 6.98 -34.40
C LEU A 67 -13.06 5.86 -33.84
N LEU A 68 -12.44 4.77 -33.37
CA LEU A 68 -13.22 3.69 -32.79
C LEU A 68 -13.79 4.10 -31.44
N PRO A 69 -15.09 3.91 -31.20
CA PRO A 69 -15.68 4.29 -29.91
C PRO A 69 -15.23 3.34 -28.81
N LEU A 70 -14.82 3.89 -27.67
CA LEU A 70 -14.44 3.09 -26.52
C LEU A 70 -15.67 2.76 -25.66
N ALA A 71 -16.32 3.79 -25.13
CA ALA A 71 -17.63 3.66 -24.49
C ALA A 71 -18.51 4.76 -25.08
N ASN A 72 -19.08 4.49 -26.26
CA ASN A 72 -19.94 5.42 -26.98
C ASN A 72 -19.23 6.71 -27.36
N VAL A 73 -17.93 6.81 -27.06
CA VAL A 73 -17.13 7.99 -27.33
C VAL A 73 -15.87 7.58 -28.06
N ALA A 74 -15.45 8.39 -29.03
CA ALA A 74 -14.30 8.06 -29.86
C ALA A 74 -13.02 8.02 -29.02
N LEU A 75 -12.05 7.24 -29.52
CA LEU A 75 -10.79 7.06 -28.79
C LEU A 75 -10.01 8.37 -28.68
N ILE A 76 -9.95 9.15 -29.76
CA ILE A 76 -9.20 10.39 -29.73
C ILE A 76 -9.83 11.42 -28.80
N ASP A 77 -11.14 11.29 -28.52
CA ASP A 77 -11.79 12.22 -27.62
C ASP A 77 -11.23 12.12 -26.20
N TYR A 78 -10.97 10.89 -25.73
CA TYR A 78 -10.40 10.70 -24.41
C TYR A 78 -9.00 11.31 -24.33
N THR A 79 -8.18 11.11 -25.36
CA THR A 79 -6.84 11.68 -25.37
C THR A 79 -6.89 13.20 -25.38
N LEU A 80 -7.78 13.78 -26.17
CA LEU A 80 -7.91 15.23 -26.21
C LEU A 80 -8.39 15.78 -24.87
N GLU A 81 -9.33 15.09 -24.22
CA GLU A 81 -9.79 15.52 -22.91
C GLU A 81 -8.67 15.44 -21.88
N PHE A 82 -7.86 14.37 -21.93
CA PHE A 82 -6.74 14.26 -21.01
C PHE A 82 -5.72 15.37 -21.24
N LEU A 83 -5.43 15.68 -22.51
CA LEU A 83 -4.48 16.75 -22.81
C LEU A 83 -5.01 18.11 -22.35
N THR A 84 -6.31 18.36 -22.54
CA THR A 84 -6.89 19.61 -22.09
C THR A 84 -6.87 19.72 -20.57
N ALA A 85 -7.18 18.62 -19.86
CA ALA A 85 -7.25 18.67 -18.41
C ALA A 85 -5.87 18.76 -17.78
N THR A 86 -4.85 18.15 -18.39
CA THR A 86 -3.52 18.13 -17.81
C THR A 86 -2.80 19.47 -17.92
N GLY A 87 -3.35 20.42 -18.66
CA GLY A 87 -2.77 21.75 -18.76
C GLY A 87 -2.17 22.11 -20.11
N VAL A 88 -2.27 21.22 -21.10
CA VAL A 88 -1.72 21.52 -22.43
C VAL A 88 -2.59 22.55 -23.11
N GLN A 89 -1.98 23.60 -23.63
CA GLN A 89 -2.70 24.71 -24.26
C GLN A 89 -2.67 24.66 -25.78
N GLU A 90 -1.95 23.72 -26.38
CA GLU A 90 -1.88 23.62 -27.83
C GLU A 90 -1.42 22.22 -28.21
N THR A 91 -2.10 21.61 -29.18
CA THR A 91 -1.78 20.27 -29.64
C THR A 91 -1.66 20.27 -31.16
N PHE A 92 -0.78 19.39 -31.65
CA PHE A 92 -0.59 19.18 -33.08
C PHE A 92 -1.01 17.76 -33.43
N VAL A 93 -1.87 17.62 -34.43
CA VAL A 93 -2.39 16.32 -34.85
C VAL A 93 -1.72 15.95 -36.17
N PHE A 94 -1.05 14.79 -36.19
CA PHE A 94 -0.40 14.27 -37.37
C PHE A 94 -1.13 12.99 -37.78
N CYS A 95 -1.96 13.09 -38.80
CA CYS A 95 -2.75 11.97 -39.30
C CYS A 95 -2.40 11.71 -40.76
N CYS A 96 -2.09 10.46 -41.07
CA CYS A 96 -1.73 10.05 -42.43
C CYS A 96 -2.75 9.12 -43.06
N TRP A 97 -3.18 8.09 -42.33
CA TRP A 97 -4.14 7.12 -42.85
C TRP A 97 -5.55 7.60 -42.54
N LYS A 98 -6.37 7.76 -43.59
CA LYS A 98 -7.75 8.22 -43.46
C LYS A 98 -7.82 9.54 -42.70
N ALA A 99 -6.97 10.49 -43.13
CA ALA A 99 -6.89 11.78 -42.45
C ALA A 99 -8.15 12.61 -42.63
N ALA A 100 -8.87 12.41 -43.73
CA ALA A 100 -10.07 13.21 -43.99
C ALA A 100 -11.14 12.95 -42.93
N GLN A 101 -11.38 11.67 -42.62
CA GLN A 101 -12.38 11.33 -41.60
C GLN A 101 -11.98 11.86 -40.24
N ILE A 102 -10.70 11.74 -39.89
CA ILE A 102 -10.22 12.24 -38.60
C ILE A 102 -10.41 13.75 -38.51
N LYS A 103 -10.05 14.47 -39.58
CA LYS A 103 -10.22 15.92 -39.59
C LYS A 103 -11.69 16.31 -39.48
N GLU A 104 -12.56 15.62 -40.21
CA GLU A 104 -13.99 15.92 -40.15
C GLU A 104 -14.55 15.67 -38.76
N HIS A 105 -14.14 14.58 -38.11
CA HIS A 105 -14.59 14.30 -36.76
C HIS A 105 -14.06 15.34 -35.77
N LEU A 106 -12.81 15.76 -35.94
CA LEU A 106 -12.21 16.72 -35.00
C LEU A 106 -12.85 18.10 -35.14
N LEU A 107 -13.12 18.53 -36.37
CA LEU A 107 -13.61 19.89 -36.59
C LEU A 107 -14.97 20.14 -35.93
N LYS A 108 -15.79 19.11 -35.76
CA LYS A 108 -17.09 19.25 -35.14
C LYS A 108 -17.08 18.99 -33.65
N SER A 109 -15.92 18.64 -33.08
CA SER A 109 -15.83 18.35 -31.65
C SER A 109 -15.77 19.65 -30.86
N LYS A 110 -15.91 19.52 -29.54
CA LYS A 110 -15.87 20.69 -28.66
C LYS A 110 -14.49 21.31 -28.57
N TRP A 111 -13.45 20.57 -28.97
CA TRP A 111 -12.08 21.10 -28.93
C TRP A 111 -11.79 22.07 -30.06
N CYS A 112 -12.68 22.17 -31.06
CA CYS A 112 -12.56 23.17 -32.12
C CYS A 112 -13.73 24.14 -31.94
N ARG A 113 -13.52 25.13 -31.06
CA ARG A 113 -14.54 26.11 -30.73
C ARG A 113 -13.85 27.40 -30.31
N PRO A 114 -14.48 28.55 -30.51
CA PRO A 114 -13.88 29.81 -30.06
C PRO A 114 -13.66 29.86 -28.55
N THR A 115 -14.52 29.20 -27.77
CA THR A 115 -14.41 29.20 -26.31
C THR A 115 -13.44 28.16 -25.78
N SER A 116 -12.89 27.30 -26.64
CA SER A 116 -11.97 26.28 -26.20
C SER A 116 -10.63 26.90 -25.83
N LEU A 117 -9.91 26.22 -24.94
CA LEU A 117 -8.59 26.65 -24.49
C LEU A 117 -7.45 25.87 -25.13
N ASN A 118 -7.60 24.56 -25.29
CA ASN A 118 -6.59 23.71 -25.92
C ASN A 118 -6.81 23.76 -27.44
N VAL A 119 -6.20 24.75 -28.07
CA VAL A 119 -6.34 24.92 -29.51
C VAL A 119 -5.63 23.78 -30.22
N VAL A 120 -6.30 23.20 -31.21
CA VAL A 120 -5.79 22.06 -31.96
C VAL A 120 -5.38 22.53 -33.35
N ARG A 121 -4.35 21.86 -33.90
CA ARG A 121 -3.88 22.10 -35.26
C ARG A 121 -3.74 20.76 -35.95
N ILE A 122 -4.50 20.56 -37.03
CA ILE A 122 -4.52 19.30 -37.76
C ILE A 122 -3.55 19.41 -38.93
N ILE A 123 -2.56 18.53 -38.96
CA ILE A 123 -1.59 18.46 -40.05
C ILE A 123 -1.70 17.08 -40.68
N THR A 124 -2.03 17.05 -41.97
CA THR A 124 -2.24 15.80 -42.69
C THR A 124 -1.24 15.69 -43.83
N SER A 125 -0.60 14.53 -43.94
CA SER A 125 0.34 14.26 -45.02
C SER A 125 0.47 12.75 -45.19
N GLU A 126 0.55 12.31 -46.44
CA GLU A 126 0.67 10.89 -46.76
C GLU A 126 2.12 10.43 -46.87
N LEU A 127 3.08 11.30 -46.58
CA LEU A 127 4.49 10.96 -46.76
C LEU A 127 4.98 10.08 -45.60
N TYR A 128 4.91 10.60 -44.38
CA TYR A 128 5.44 9.87 -43.22
C TYR A 128 4.58 8.64 -42.91
N ARG A 129 5.25 7.58 -42.46
CA ARG A 129 4.56 6.34 -42.11
C ARG A 129 5.14 5.73 -40.82
N SER A 130 5.70 6.56 -39.95
CA SER A 130 6.27 6.07 -38.71
C SER A 130 6.32 7.21 -37.70
N LEU A 131 6.46 6.85 -36.42
CA LEU A 131 6.58 7.85 -35.37
C LEU A 131 7.86 8.67 -35.57
N GLY A 132 8.96 8.00 -35.93
CA GLY A 132 10.20 8.72 -36.18
C GLY A 132 10.08 9.68 -37.35
N ASP A 133 9.36 9.28 -38.40
CA ASP A 133 9.16 10.14 -39.55
C ASP A 133 8.31 11.36 -39.22
N VAL A 134 7.52 11.32 -38.16
CA VAL A 134 6.76 12.47 -37.71
C VAL A 134 7.57 13.34 -36.76
N LEU A 135 8.38 12.70 -35.90
CA LEU A 135 9.22 13.45 -34.96
C LEU A 135 10.37 14.16 -35.67
N ARG A 136 10.83 13.63 -36.80
CA ARG A 136 11.86 14.31 -37.59
C ARG A 136 11.28 15.37 -38.50
N ASP A 137 9.96 15.39 -38.69
CA ASP A 137 9.29 16.45 -39.42
C ASP A 137 8.85 17.59 -38.52
N VAL A 138 8.45 17.28 -37.28
CA VAL A 138 8.13 18.33 -36.31
C VAL A 138 9.37 19.14 -35.98
N ASP A 139 10.56 18.55 -36.09
CA ASP A 139 11.79 19.30 -35.94
C ASP A 139 12.09 20.15 -37.17
N ALA A 140 11.81 19.59 -38.36
CA ALA A 140 12.06 20.34 -39.60
C ALA A 140 11.18 21.58 -39.68
N LYS A 141 9.92 21.46 -39.25
CA LYS A 141 9.00 22.60 -39.26
C LYS A 141 9.10 23.46 -38.01
N ALA A 142 9.88 23.03 -37.01
CA ALA A 142 10.13 23.82 -35.80
C ALA A 142 8.83 24.19 -35.08
N LEU A 143 7.95 23.19 -34.92
CA LEU A 143 6.70 23.41 -34.21
C LEU A 143 6.88 23.48 -32.70
N VAL A 144 7.83 22.73 -32.15
CA VAL A 144 8.02 22.62 -30.71
C VAL A 144 9.18 23.53 -30.29
N ARG A 145 8.95 24.35 -29.28
CA ARG A 145 9.95 25.27 -28.77
C ARG A 145 10.38 24.98 -27.34
N SER A 146 9.65 24.12 -26.62
CA SER A 146 9.94 23.82 -25.23
C SER A 146 9.56 22.38 -24.95
N ASP A 147 9.49 22.02 -23.66
CA ASP A 147 9.12 20.68 -23.26
C ASP A 147 7.71 20.33 -23.69
N PHE A 148 7.58 19.40 -24.63
CA PHE A 148 6.28 18.99 -25.16
C PHE A 148 5.99 17.54 -24.76
N LEU A 149 4.72 17.16 -24.91
CA LEU A 149 4.25 15.82 -24.57
C LEU A 149 3.98 15.05 -25.84
N LEU A 150 4.59 13.87 -25.97
CA LEU A 150 4.37 12.98 -27.10
C LEU A 150 3.44 11.87 -26.66
N VAL A 151 2.26 11.81 -27.27
CA VAL A 151 1.24 10.84 -26.89
C VAL A 151 0.50 10.39 -28.14
N TYR A 152 0.20 9.09 -28.19
CA TYR A 152 -0.54 8.53 -29.32
C TYR A 152 -2.01 8.97 -29.26
N GLY A 153 -2.73 8.65 -30.32
CA GLY A 153 -4.13 9.02 -30.45
C GLY A 153 -5.12 8.09 -29.79
N ASP A 154 -4.66 7.06 -29.09
CA ASP A 154 -5.56 6.10 -28.45
C ASP A 154 -5.11 5.84 -27.01
N VAL A 155 -4.82 6.91 -26.27
CA VAL A 155 -4.38 6.81 -24.89
C VAL A 155 -5.51 7.27 -23.99
N ILE A 156 -5.91 6.40 -23.05
CA ILE A 156 -6.96 6.69 -22.09
C ILE A 156 -6.29 6.89 -20.74
N SER A 157 -6.36 8.12 -20.21
CA SER A 157 -5.70 8.43 -18.96
C SER A 157 -6.31 9.67 -18.34
N ASN A 158 -6.07 9.83 -17.04
CA ASN A 158 -6.44 11.04 -16.31
C ASN A 158 -5.27 11.54 -15.46
N ILE A 159 -4.03 11.24 -15.86
CA ILE A 159 -2.87 11.58 -15.06
C ILE A 159 -2.58 13.06 -15.17
N ASN A 160 -2.34 13.71 -14.03
CA ASN A 160 -1.91 15.10 -13.99
C ASN A 160 -0.39 15.13 -14.17
N ILE A 161 0.06 15.88 -15.18
CA ILE A 161 1.48 15.88 -15.55
C ILE A 161 2.26 17.01 -14.88
N THR A 162 1.62 17.80 -14.02
CA THR A 162 2.29 18.96 -13.43
C THR A 162 3.51 18.55 -12.61
N ARG A 163 3.38 17.51 -11.80
CA ARG A 163 4.52 17.05 -10.99
C ARG A 163 5.66 16.56 -11.88
N ALA A 164 5.33 15.82 -12.94
CA ALA A 164 6.34 15.40 -13.90
C ALA A 164 6.97 16.60 -14.59
N LEU A 165 6.15 17.61 -14.92
CA LEU A 165 6.68 18.85 -15.49
C LEU A 165 7.72 19.47 -14.57
N GLU A 166 7.38 19.64 -13.28
CA GLU A 166 8.32 20.26 -12.35
C GLU A 166 9.58 19.43 -12.19
N GLU A 167 9.45 18.11 -12.06
CA GLU A 167 10.62 17.26 -11.90
C GLU A 167 11.53 17.33 -13.12
N HIS A 168 10.95 17.25 -14.32
CA HIS A 168 11.75 17.29 -15.55
C HIS A 168 12.44 18.64 -15.70
N ARG A 169 11.72 19.73 -15.44
CA ARG A 169 12.31 21.05 -15.56
C ARG A 169 13.44 21.25 -14.56
N LEU A 170 13.24 20.80 -13.31
CA LEU A 170 14.29 20.91 -12.31
C LEU A 170 15.51 20.08 -12.71
N ARG A 171 15.30 18.87 -13.21
CA ARG A 171 16.42 18.03 -13.62
C ARG A 171 17.20 18.68 -14.76
N ARG A 172 16.48 19.21 -15.76
CA ARG A 172 17.15 19.83 -16.90
C ARG A 172 17.89 21.11 -16.48
N LYS A 173 17.32 21.87 -15.55
CA LYS A 173 17.98 23.11 -15.12
C LYS A 173 19.22 22.81 -14.27
N LEU A 174 19.12 21.83 -13.38
CA LEU A 174 20.24 21.53 -12.47
C LEU A 174 21.36 20.77 -13.17
N GLU A 175 21.03 19.89 -14.13
CA GLU A 175 22.01 19.05 -14.78
C GLU A 175 22.46 19.61 -16.12
N LYS A 176 22.29 20.92 -16.35
CA LYS A 176 22.70 21.57 -17.59
C LYS A 176 22.07 20.90 -18.82
N ASN A 177 20.78 20.58 -18.72
CA ASN A 177 20.02 19.96 -19.81
C ASN A 177 20.64 18.63 -20.22
N VAL A 178 20.68 17.70 -19.27
CA VAL A 178 21.20 16.36 -19.50
C VAL A 178 20.07 15.38 -19.84
N SER A 179 19.00 15.39 -19.05
CA SER A 179 17.86 14.54 -19.34
C SER A 179 17.13 15.03 -20.59
N VAL A 180 16.57 14.08 -21.34
CA VAL A 180 15.91 14.40 -22.60
C VAL A 180 14.44 13.99 -22.64
N MET A 181 14.02 13.02 -21.83
CA MET A 181 12.64 12.57 -21.87
C MET A 181 12.27 11.93 -20.54
N THR A 182 11.06 12.22 -20.07
CA THR A 182 10.51 11.61 -18.86
C THR A 182 9.31 10.77 -19.26
N MET A 183 9.43 9.45 -19.13
CA MET A 183 8.38 8.52 -19.53
C MET A 183 7.50 8.19 -18.34
N ILE A 184 6.19 8.36 -18.50
CA ILE A 184 5.24 8.17 -17.41
C ILE A 184 4.85 6.70 -17.33
N PHE A 185 4.95 6.14 -16.14
CA PHE A 185 4.59 4.75 -15.87
C PHE A 185 3.45 4.70 -14.84
N LYS A 186 3.08 3.49 -14.46
CA LYS A 186 2.03 3.28 -13.46
C LYS A 186 2.25 1.93 -12.82
N GLU A 187 2.43 1.92 -11.50
CA GLU A 187 2.69 0.67 -10.80
C GLU A 187 1.43 -0.19 -10.75
N SER A 188 1.56 -1.46 -11.12
CA SER A 188 0.45 -2.39 -11.11
C SER A 188 0.99 -3.81 -11.07
N SER A 189 0.14 -4.74 -10.65
CA SER A 189 0.52 -6.14 -10.58
C SER A 189 0.65 -6.73 -11.98
N PRO A 190 1.62 -7.61 -12.20
CA PRO A 190 1.77 -8.23 -13.53
C PRO A 190 0.60 -9.10 -13.93
N SER A 191 -0.22 -9.56 -13.00
CA SER A 191 -1.35 -10.43 -13.29
C SER A 191 -2.61 -9.66 -13.67
N HIS A 192 -2.56 -8.34 -13.69
CA HIS A 192 -3.74 -7.56 -14.06
C HIS A 192 -4.10 -7.79 -15.53
N PRO A 193 -5.39 -7.85 -15.86
CA PRO A 193 -5.77 -8.00 -17.28
C PRO A 193 -5.35 -6.83 -18.15
N THR A 194 -5.11 -5.65 -17.56
CA THR A 194 -4.68 -4.50 -18.36
C THR A 194 -3.28 -4.70 -18.93
N ARG A 195 -2.42 -5.43 -18.22
CA ARG A 195 -1.06 -5.67 -18.67
C ARG A 195 -1.08 -6.86 -19.62
N CYS A 196 -0.96 -6.59 -20.92
CA CYS A 196 -0.88 -7.63 -21.93
C CYS A 196 0.56 -8.03 -22.17
N HIS A 197 0.74 -9.23 -22.74
CA HIS A 197 2.08 -9.73 -23.01
C HIS A 197 2.78 -8.93 -24.10
N GLU A 198 2.02 -8.39 -25.06
CA GLU A 198 2.63 -7.63 -26.15
C GLU A 198 3.27 -6.34 -25.64
N ASP A 199 2.61 -5.66 -24.71
CA ASP A 199 3.08 -4.37 -24.21
C ASP A 199 3.80 -4.49 -22.87
N ASN A 200 4.13 -5.71 -22.45
CA ASN A 200 4.88 -5.90 -21.21
C ASN A 200 6.29 -5.36 -21.34
N VAL A 201 6.85 -4.90 -20.22
CA VAL A 201 8.17 -4.28 -20.22
C VAL A 201 8.82 -4.51 -18.86
N VAL A 202 10.15 -4.52 -18.85
CA VAL A 202 10.94 -4.63 -17.63
C VAL A 202 12.09 -3.64 -17.72
N VAL A 203 12.39 -2.97 -16.61
CA VAL A 203 13.42 -1.94 -16.58
C VAL A 203 14.36 -2.18 -15.41
N ALA A 204 15.59 -1.69 -15.57
CA ALA A 204 16.60 -1.69 -14.52
C ALA A 204 16.93 -0.23 -14.23
N VAL A 205 16.45 0.27 -13.09
CA VAL A 205 16.44 1.70 -12.80
C VAL A 205 17.21 1.96 -11.51
N ASP A 206 18.03 3.01 -11.53
CA ASP A 206 18.70 3.50 -10.33
C ASP A 206 17.66 4.21 -9.47
N SER A 207 17.44 3.70 -8.26
CA SER A 207 16.36 4.21 -7.41
C SER A 207 16.64 5.61 -6.89
N THR A 208 17.89 6.04 -6.86
CA THR A 208 18.21 7.35 -6.29
C THR A 208 17.61 8.48 -7.13
N THR A 209 17.79 8.43 -8.45
CA THR A 209 17.31 9.48 -9.34
C THR A 209 16.24 8.99 -10.30
N ASN A 210 15.71 7.79 -10.09
CA ASN A 210 14.69 7.14 -10.94
C ASN A 210 14.94 7.40 -12.42
N ARG A 211 16.15 7.03 -12.86
CA ARG A 211 16.55 7.15 -14.25
C ARG A 211 16.70 5.76 -14.87
N VAL A 212 16.17 5.61 -16.07
CA VAL A 212 16.15 4.32 -16.75
C VAL A 212 17.55 4.01 -17.26
N LEU A 213 18.04 2.81 -16.93
CA LEU A 213 19.32 2.33 -17.43
C LEU A 213 19.21 1.17 -18.41
N HIS A 214 18.06 0.49 -18.45
CA HIS A 214 17.83 -0.60 -19.38
C HIS A 214 16.35 -0.66 -19.71
N PHE A 215 16.04 -0.98 -20.96
CA PHE A 215 14.65 -1.00 -21.43
C PHE A 215 14.50 -2.10 -22.47
N GLN A 216 13.70 -3.13 -22.14
CA GLN A 216 13.43 -4.22 -23.07
C GLN A 216 12.03 -4.74 -22.81
N LYS A 217 11.44 -5.32 -23.84
CA LYS A 217 10.08 -5.85 -23.78
C LYS A 217 10.11 -7.36 -23.62
N THR A 218 9.24 -7.88 -22.75
CA THR A 218 9.17 -9.31 -22.47
C THR A 218 8.07 -9.91 -23.32
N GLN A 219 8.42 -10.35 -24.52
CA GLN A 219 7.50 -11.01 -25.44
C GLN A 219 8.04 -12.40 -25.72
N GLY A 220 7.39 -13.41 -25.15
CA GLY A 220 7.85 -14.78 -25.32
C GLY A 220 9.22 -15.04 -24.72
N LEU A 221 9.49 -14.48 -23.54
CA LEU A 221 10.78 -14.64 -22.87
C LEU A 221 10.55 -15.19 -21.48
N ARG A 222 11.31 -16.23 -21.12
CA ARG A 222 11.24 -16.81 -19.79
C ARG A 222 12.35 -16.33 -18.87
N ARG A 223 13.47 -15.87 -19.42
CA ARG A 223 14.57 -15.32 -18.64
C ARG A 223 14.98 -13.99 -19.24
N PHE A 224 15.39 -13.05 -18.39
CA PHE A 224 15.73 -11.70 -18.80
C PHE A 224 17.22 -11.46 -18.60
N ALA A 225 17.84 -10.81 -19.57
CA ALA A 225 19.27 -10.54 -19.55
C ALA A 225 19.49 -9.05 -19.31
N PHE A 226 20.34 -8.74 -18.33
CA PHE A 226 20.68 -7.37 -17.98
C PHE A 226 22.20 -7.19 -18.05
N PRO A 227 22.69 -6.18 -18.77
CA PRO A 227 24.14 -5.99 -18.87
C PRO A 227 24.74 -5.53 -17.55
N LEU A 228 26.08 -5.52 -17.51
CA LEU A 228 26.84 -5.09 -16.34
C LEU A 228 27.35 -3.66 -16.48
N SER A 229 26.97 -2.96 -17.54
CA SER A 229 27.44 -1.58 -17.72
C SER A 229 26.87 -0.66 -16.64
N LEU A 230 25.60 -0.83 -16.29
CA LEU A 230 24.97 0.05 -15.31
C LEU A 230 25.48 -0.23 -13.90
N PHE A 231 25.82 -1.49 -13.59
CA PHE A 231 26.33 -1.80 -12.26
C PHE A 231 27.66 -1.12 -12.00
N GLN A 232 28.55 -1.11 -13.00
CA GLN A 232 29.87 -0.51 -12.81
C GLN A 232 29.77 1.00 -12.60
N GLY A 233 28.87 1.66 -13.33
CA GLY A 233 28.74 3.11 -13.21
C GLY A 233 28.28 3.54 -11.84
N SER A 234 27.28 2.84 -11.29
CA SER A 234 26.77 3.17 -9.96
C SER A 234 26.22 1.89 -9.33
N SER A 235 26.72 1.54 -8.16
CA SER A 235 26.28 0.37 -7.43
C SER A 235 25.43 0.71 -6.22
N ASP A 236 24.93 1.94 -6.13
CA ASP A 236 24.20 2.38 -4.95
C ASP A 236 22.76 1.88 -4.95
N GLY A 237 21.98 2.29 -5.95
CA GLY A 237 20.56 2.01 -5.94
C GLY A 237 20.00 1.39 -7.20
N VAL A 238 20.76 0.50 -7.84
CA VAL A 238 20.26 -0.19 -9.03
C VAL A 238 19.13 -1.13 -8.62
N GLU A 239 17.99 -1.01 -9.30
CA GLU A 239 16.82 -1.80 -8.98
C GLU A 239 16.13 -2.22 -10.27
N VAL A 240 15.70 -3.48 -10.32
CA VAL A 240 14.98 -4.03 -11.46
C VAL A 240 13.50 -4.06 -11.11
N ARG A 241 12.67 -3.45 -11.96
CA ARG A 241 11.24 -3.31 -11.71
C ARG A 241 10.46 -4.03 -12.80
N TYR A 242 9.45 -4.79 -12.39
CA TYR A 242 8.57 -5.49 -13.31
C TYR A 242 7.10 -5.18 -13.05
N ASP A 243 6.79 -4.28 -12.12
CA ASP A 243 5.43 -3.94 -11.77
C ASP A 243 4.98 -2.61 -12.38
N LEU A 244 5.62 -2.18 -13.46
CA LEU A 244 5.30 -0.91 -14.10
C LEU A 244 4.52 -1.17 -15.38
N LEU A 245 3.40 -0.46 -15.52
CA LEU A 245 2.56 -0.54 -16.71
C LEU A 245 2.91 0.60 -17.64
N ASP A 246 3.15 0.27 -18.92
CA ASP A 246 3.55 1.26 -19.91
C ASP A 246 2.36 2.15 -20.23
N CYS A 247 2.32 3.34 -19.62
CA CYS A 247 1.25 4.29 -19.88
C CYS A 247 1.32 4.88 -21.27
N HIS A 248 2.43 4.72 -21.98
CA HIS A 248 2.66 5.22 -23.33
C HIS A 248 2.62 6.75 -23.40
N ILE A 249 2.72 7.43 -22.27
CA ILE A 249 2.82 8.88 -22.22
C ILE A 249 4.25 9.25 -21.88
N SER A 250 4.89 10.02 -22.75
CA SER A 250 6.30 10.39 -22.56
C SER A 250 6.46 11.85 -22.93
N ILE A 251 6.64 12.70 -21.91
CA ILE A 251 6.90 14.11 -22.14
C ILE A 251 8.35 14.29 -22.52
N CYS A 252 8.59 15.01 -23.61
CA CYS A 252 9.91 15.11 -24.21
C CYS A 252 10.33 16.57 -24.36
N SER A 253 11.48 16.77 -24.99
CA SER A 253 12.10 18.05 -25.25
C SER A 253 12.51 18.10 -26.71
N PRO A 254 12.61 19.29 -27.30
CA PRO A 254 13.01 19.38 -28.72
C PRO A 254 14.34 18.68 -29.03
N GLN A 255 15.16 18.39 -28.02
CA GLN A 255 16.36 17.60 -28.25
C GLN A 255 16.02 16.20 -28.75
N VAL A 256 14.87 15.64 -28.33
CA VAL A 256 14.47 14.35 -28.84
C VAL A 256 14.13 14.45 -30.33
N ALA A 257 13.52 15.56 -30.74
CA ALA A 257 13.25 15.79 -32.15
C ALA A 257 14.55 15.93 -32.95
N GLN A 258 15.52 16.65 -32.38
CA GLN A 258 16.81 16.79 -33.05
C GLN A 258 17.50 15.43 -33.19
N LEU A 259 17.46 14.61 -32.14
CA LEU A 259 18.07 13.29 -32.21
C LEU A 259 17.37 12.39 -33.22
N PHE A 260 16.03 12.46 -33.27
CA PHE A 260 15.29 11.67 -34.25
C PHE A 260 15.61 12.11 -35.66
N THR A 261 15.77 13.42 -35.88
CA THR A 261 16.20 13.91 -37.19
C THR A 261 17.59 13.40 -37.53
N ASP A 262 18.50 13.39 -36.55
CA ASP A 262 19.88 12.99 -36.81
C ASP A 262 19.95 11.52 -37.23
N ASN A 263 19.19 10.65 -36.58
CA ASN A 263 19.23 9.21 -36.85
C ASN A 263 18.03 8.85 -37.72
N PHE A 264 18.29 8.53 -38.99
CA PHE A 264 17.22 8.17 -39.90
C PHE A 264 16.64 6.80 -39.58
N ASP A 265 17.45 5.88 -39.06
CA ASP A 265 17.00 4.52 -38.79
C ASP A 265 15.97 4.45 -37.67
N TYR A 266 15.89 5.48 -36.82
CA TYR A 266 14.93 5.48 -35.73
C TYR A 266 13.51 5.60 -36.27
N GLN A 267 12.62 4.73 -35.81
CA GLN A 267 11.24 4.70 -36.31
C GLN A 267 10.24 4.75 -35.18
N THR A 268 10.61 4.25 -34.01
CA THR A 268 9.70 4.13 -32.88
C THR A 268 10.40 4.60 -31.61
N ARG A 269 9.59 4.94 -30.60
CA ARG A 269 10.15 5.38 -29.33
C ARG A 269 10.99 4.29 -28.68
N ASP A 270 10.59 3.03 -28.86
CA ASP A 270 11.38 1.92 -28.34
C ASP A 270 12.75 1.88 -29.00
N ASP A 271 12.82 2.09 -30.31
CA ASP A 271 14.11 2.15 -30.99
C ASP A 271 14.95 3.29 -30.45
N PHE A 272 14.33 4.45 -30.21
CA PHE A 272 15.08 5.60 -29.68
C PHE A 272 15.65 5.31 -28.31
N VAL A 273 14.85 4.73 -27.41
CA VAL A 273 15.33 4.47 -26.06
C VAL A 273 16.41 3.37 -26.09
N ARG A 274 16.26 2.38 -26.97
CA ARG A 274 17.30 1.36 -27.09
C ARG A 274 18.61 1.96 -27.60
N GLY A 275 18.53 2.87 -28.58
CA GLY A 275 19.74 3.50 -29.07
C GLY A 275 20.35 4.49 -28.09
N LEU A 276 19.54 5.08 -27.23
CA LEU A 276 20.06 6.05 -26.27
C LEU A 276 20.66 5.38 -25.05
N LEU A 277 20.07 4.27 -24.59
CA LEU A 277 20.59 3.56 -23.43
C LEU A 277 21.84 2.76 -23.74
N VAL A 278 22.19 2.60 -25.02
CA VAL A 278 23.40 1.87 -25.40
C VAL A 278 24.59 2.82 -25.51
N ASN A 279 24.42 3.93 -26.22
CA ASN A 279 25.48 4.90 -26.39
C ASN A 279 25.63 5.78 -25.16
N ASN A 285 23.31 11.96 -23.06
CA ASN A 285 21.91 12.11 -22.68
C ASN A 285 21.43 10.90 -21.87
N GLN A 286 20.33 11.09 -21.14
CA GLN A 286 19.77 10.04 -20.31
C GLN A 286 18.27 10.22 -20.21
N ILE A 287 17.58 9.15 -19.84
CA ILE A 287 16.12 9.12 -19.76
C ILE A 287 15.71 8.78 -18.34
N HIS A 288 14.82 9.59 -17.78
CA HIS A 288 14.23 9.37 -16.47
C HIS A 288 12.76 8.99 -16.66
N MET A 289 12.08 8.68 -15.55
CA MET A 289 10.67 8.35 -15.61
C MET A 289 9.94 9.04 -14.46
N HIS A 290 8.61 8.89 -14.46
CA HIS A 290 7.77 9.29 -13.35
C HIS A 290 6.77 8.16 -13.10
N VAL A 291 6.64 7.76 -11.84
CA VAL A 291 5.81 6.62 -11.46
C VAL A 291 4.53 7.15 -10.81
N THR A 292 3.39 6.71 -11.33
CA THR A 292 2.09 7.12 -10.81
C THR A 292 1.42 5.94 -10.10
N ALA A 293 0.83 6.22 -8.94
CA ALA A 293 0.21 5.19 -8.12
C ALA A 293 -1.27 5.41 -7.85
N LYS A 294 -1.78 6.63 -8.03
CA LYS A 294 -3.17 6.93 -7.72
C LYS A 294 -3.98 7.40 -8.93
N GLU A 295 -3.41 7.40 -10.12
CA GLU A 295 -4.09 7.84 -11.32
C GLU A 295 -4.02 6.77 -12.40
N TYR A 296 -5.00 6.78 -13.30
CA TYR A 296 -5.14 5.77 -14.34
C TYR A 296 -4.46 6.22 -15.62
N GLY A 297 -3.94 5.25 -16.36
CA GLY A 297 -3.33 5.51 -17.66
C GLY A 297 -3.04 4.25 -18.44
N ALA A 298 -3.47 4.21 -19.70
CA ALA A 298 -3.27 3.05 -20.54
C ALA A 298 -3.51 3.43 -21.99
N ARG A 299 -2.83 2.72 -22.89
CA ARG A 299 -2.99 2.89 -24.33
C ARG A 299 -3.47 1.58 -24.93
N VAL A 300 -4.51 1.66 -25.76
CA VAL A 300 -5.07 0.47 -26.39
C VAL A 300 -4.28 0.12 -27.64
N SER A 301 -4.00 -1.17 -27.82
CA SER A 301 -3.30 -1.65 -29.01
C SER A 301 -3.91 -2.91 -29.62
N ASN A 302 -4.79 -3.61 -28.90
CA ASN A 302 -5.42 -4.81 -29.42
C ASN A 302 -6.75 -5.01 -28.71
N LEU A 303 -7.43 -6.11 -29.03
CA LEU A 303 -8.74 -6.38 -28.45
C LEU A 303 -8.67 -6.62 -26.95
N HIS A 304 -7.57 -7.22 -26.47
CA HIS A 304 -7.41 -7.40 -25.04
C HIS A 304 -7.34 -6.06 -24.32
N MET A 305 -6.52 -5.14 -24.85
CA MET A 305 -6.45 -3.80 -24.29
C MET A 305 -7.78 -3.08 -24.41
N TYR A 306 -8.48 -3.27 -25.53
CA TYR A 306 -9.80 -2.68 -25.72
C TYR A 306 -10.76 -3.13 -24.61
N SER A 307 -10.85 -4.43 -24.38
CA SER A 307 -11.75 -4.95 -23.36
C SER A 307 -11.36 -4.47 -21.97
N ALA A 308 -10.06 -4.50 -21.66
CA ALA A 308 -9.61 -4.06 -20.34
C ALA A 308 -9.93 -2.59 -20.10
N VAL A 309 -9.65 -1.74 -21.09
CA VAL A 309 -9.89 -0.31 -20.94
C VAL A 309 -11.38 -0.02 -20.86
N CYS A 310 -12.20 -0.72 -21.65
CA CYS A 310 -13.64 -0.51 -21.57
C CYS A 310 -14.19 -0.94 -20.21
N ALA A 311 -13.71 -2.06 -19.67
CA ALA A 311 -14.15 -2.49 -18.35
C ALA A 311 -13.74 -1.50 -17.27
N ASP A 312 -12.51 -0.97 -17.36
CA ASP A 312 -12.07 0.00 -16.37
C ASP A 312 -12.85 1.31 -16.48
N VAL A 313 -13.12 1.77 -17.71
CA VAL A 313 -13.86 3.02 -17.89
C VAL A 313 -15.28 2.87 -17.39
N ILE A 314 -15.93 1.74 -17.67
CA ILE A 314 -17.30 1.53 -17.23
C ILE A 314 -17.37 1.51 -15.70
N ARG A 315 -16.38 0.90 -15.06
CA ARG A 315 -16.32 0.82 -13.60
C ARG A 315 -15.74 2.08 -12.96
N ARG A 316 -15.73 3.20 -13.69
CA ARG A 316 -15.34 4.51 -13.17
C ARG A 316 -13.88 4.56 -12.71
N TRP A 317 -13.02 3.69 -13.25
CA TRP A 317 -11.61 3.75 -12.91
C TRP A 317 -10.89 4.94 -13.51
N VAL A 318 -11.53 5.66 -14.43
CA VAL A 318 -10.91 6.79 -15.11
C VAL A 318 -11.69 8.05 -14.76
N TYR A 319 -12.24 8.09 -13.55
CA TYR A 319 -12.96 9.27 -13.09
C TYR A 319 -12.04 10.49 -13.12
N PRO A 320 -12.55 11.67 -13.53
CA PRO A 320 -13.94 12.02 -13.85
C PRO A 320 -14.35 11.70 -15.29
N LEU A 321 -13.55 10.97 -16.06
CA LEU A 321 -13.92 10.63 -17.44
C LEU A 321 -14.85 9.42 -17.47
N THR A 322 -16.01 9.58 -16.81
CA THR A 322 -17.06 8.57 -16.73
C THR A 322 -18.10 8.80 -17.80
N PRO A 323 -18.81 7.74 -18.23
CA PRO A 323 -19.83 7.92 -19.28
C PRO A 323 -20.93 8.90 -18.90
N GLU A 324 -21.31 8.96 -17.62
CA GLU A 324 -22.36 9.87 -17.21
C GLU A 324 -21.87 11.31 -17.03
N ALA A 325 -20.55 11.51 -16.96
CA ALA A 325 -20.02 12.86 -16.81
C ALA A 325 -20.17 13.67 -18.10
N ASN A 326 -20.11 13.01 -19.26
CA ASN A 326 -20.21 13.66 -20.56
C ASN A 326 -19.14 14.74 -20.72
N PHE A 327 -17.88 14.30 -20.72
CA PHE A 327 -16.77 15.22 -20.86
C PHE A 327 -16.76 15.91 -22.22
N THR A 328 -17.41 15.33 -23.22
CA THR A 328 -17.60 15.96 -24.52
C THR A 328 -19.01 16.55 -24.58
N ASP A 329 -19.10 17.82 -24.99
CA ASP A 329 -20.37 18.54 -24.96
C ASP A 329 -21.17 18.18 -26.21
N SER A 330 -21.88 17.05 -26.12
CA SER A 330 -22.79 16.60 -27.17
C SER A 330 -24.09 16.13 -26.55
N THR A 331 -25.18 16.30 -27.29
CA THR A 331 -26.51 15.96 -26.79
C THR A 331 -26.87 14.50 -26.97
N THR A 332 -26.08 13.72 -27.71
CA THR A 332 -26.39 12.33 -27.99
C THR A 332 -25.68 11.36 -27.06
N GLN A 333 -24.93 11.87 -26.06
CA GLN A 333 -24.18 11.02 -25.15
C GLN A 333 -24.57 11.25 -23.70
N SER A 334 -25.71 11.87 -23.45
CA SER A 334 -26.18 12.04 -22.08
C SER A 334 -26.58 10.71 -21.48
N CYS A 335 -26.18 10.49 -20.22
CA CYS A 335 -26.43 9.22 -19.53
C CYS A 335 -26.97 9.51 -18.14
N THR A 336 -27.20 8.44 -17.39
CA THR A 336 -27.70 8.53 -16.02
C THR A 336 -27.13 7.37 -15.23
N HIS A 337 -26.36 7.68 -14.18
CA HIS A 337 -25.73 6.65 -13.37
C HIS A 337 -26.70 6.11 -12.34
N SER A 338 -26.63 4.80 -12.11
CA SER A 338 -27.49 4.14 -11.13
C SER A 338 -26.70 3.13 -10.31
N ARG A 339 -27.40 2.33 -9.51
CA ARG A 339 -26.74 1.31 -8.70
C ARG A 339 -26.09 0.25 -9.59
N HIS A 340 -24.99 -0.30 -9.10
CA HIS A 340 -24.22 -1.33 -9.82
C HIS A 340 -23.73 -0.82 -11.18
N ASN A 341 -23.45 0.48 -11.27
CA ASN A 341 -22.93 1.12 -12.48
C ASN A 341 -23.84 0.84 -13.68
N ILE A 342 -25.07 1.33 -13.57
CA ILE A 342 -26.06 1.22 -14.64
C ILE A 342 -26.15 2.57 -15.34
N TYR A 343 -25.80 2.59 -16.63
CA TYR A 343 -25.86 3.80 -17.44
C TYR A 343 -26.98 3.67 -18.46
N ARG A 344 -27.88 4.65 -18.49
CA ARG A 344 -29.02 4.64 -19.39
C ARG A 344 -29.06 5.95 -20.16
N GLY A 345 -29.21 5.85 -21.48
CA GLY A 345 -29.33 7.02 -22.31
C GLY A 345 -30.76 7.52 -22.38
N PRO A 346 -31.00 8.55 -23.20
CA PRO A 346 -32.36 9.06 -23.35
C PRO A 346 -33.19 8.15 -24.25
N GLU A 347 -34.42 7.87 -23.80
CA GLU A 347 -35.39 7.08 -24.58
C GLU A 347 -34.84 5.70 -24.92
N VAL A 348 -34.58 4.91 -23.89
CA VAL A 348 -34.16 3.53 -24.08
C VAL A 348 -35.36 2.61 -24.23
N SER A 349 -36.27 2.65 -23.26
CA SER A 349 -37.51 1.87 -23.29
C SER A 349 -37.23 0.37 -23.42
N LEU A 350 -36.57 -0.17 -22.40
CA LEU A 350 -36.29 -1.59 -22.37
C LEU A 350 -37.57 -2.39 -22.11
N GLY A 351 -37.60 -3.62 -22.60
CA GLY A 351 -38.76 -4.47 -22.48
C GLY A 351 -38.94 -5.02 -21.08
N HIS A 352 -40.14 -5.56 -20.85
CA HIS A 352 -40.48 -6.13 -19.55
C HIS A 352 -39.77 -7.46 -19.37
N GLY A 353 -39.36 -7.73 -18.13
CA GLY A 353 -38.68 -8.97 -17.79
C GLY A 353 -37.19 -8.97 -18.04
N SER A 354 -36.66 -7.91 -18.65
CA SER A 354 -35.22 -7.82 -18.89
C SER A 354 -34.52 -7.30 -17.65
N ILE A 355 -33.39 -7.91 -17.30
CA ILE A 355 -32.60 -7.54 -16.14
C ILE A 355 -31.22 -7.10 -16.60
N LEU A 356 -30.78 -5.94 -16.12
CA LEU A 356 -29.43 -5.45 -16.38
C LEU A 356 -28.62 -5.70 -15.11
N GLU A 357 -27.75 -6.71 -15.18
CA GLU A 357 -27.09 -7.21 -13.97
C GLU A 357 -25.98 -6.28 -13.49
N GLU A 358 -24.96 -6.08 -14.32
CA GLU A 358 -23.75 -5.41 -13.84
C GLU A 358 -23.05 -4.71 -14.99
N ASN A 359 -22.76 -3.42 -14.80
CA ASN A 359 -21.83 -2.66 -15.64
C ASN A 359 -22.24 -2.70 -17.11
N VAL A 360 -23.42 -2.15 -17.41
CA VAL A 360 -23.94 -2.10 -18.76
C VAL A 360 -24.23 -0.65 -19.14
N LEU A 361 -23.79 -0.26 -20.32
CA LEU A 361 -24.06 1.07 -20.88
C LEU A 361 -25.10 0.93 -21.98
N LEU A 362 -26.15 1.74 -21.92
CA LEU A 362 -27.22 1.73 -22.90
C LEU A 362 -27.20 3.02 -23.71
N GLY A 363 -27.14 2.90 -25.03
CA GLY A 363 -27.12 4.06 -25.89
C GLY A 363 -28.49 4.70 -26.04
N SER A 364 -28.50 5.82 -26.75
CA SER A 364 -29.74 6.57 -26.98
C SER A 364 -30.55 5.88 -28.07
N GLY A 365 -31.79 5.50 -27.75
CA GLY A 365 -32.66 4.85 -28.70
C GLY A 365 -32.36 3.38 -28.89
N THR A 366 -31.92 2.71 -27.83
CA THR A 366 -31.61 1.29 -27.85
C THR A 366 -32.83 0.52 -27.37
N VAL A 367 -33.51 -0.15 -28.30
CA VAL A 367 -34.71 -0.92 -27.97
C VAL A 367 -34.28 -2.30 -27.45
N ILE A 368 -34.78 -2.66 -26.27
CA ILE A 368 -34.46 -3.93 -25.64
C ILE A 368 -35.72 -4.78 -25.59
N GLY A 369 -35.57 -6.07 -25.89
CA GLY A 369 -36.69 -6.98 -25.89
C GLY A 369 -37.05 -7.47 -24.50
N SER A 370 -37.81 -8.56 -24.46
CA SER A 370 -38.30 -9.13 -23.21
C SER A 370 -37.47 -10.32 -22.80
N ASN A 371 -37.39 -10.55 -21.48
CA ASN A 371 -36.66 -11.68 -20.90
C ASN A 371 -35.20 -11.67 -21.32
N CYS A 372 -34.60 -10.49 -21.37
CA CYS A 372 -33.20 -10.36 -21.73
C CYS A 372 -32.31 -10.49 -20.49
N PHE A 373 -31.01 -10.58 -20.73
CA PHE A 373 -30.02 -10.68 -19.66
C PHE A 373 -28.73 -10.06 -20.16
N ILE A 374 -28.48 -8.81 -19.76
CA ILE A 374 -27.34 -8.04 -20.23
C ILE A 374 -26.46 -7.69 -19.04
N THR A 375 -25.16 -8.00 -19.15
CA THR A 375 -24.22 -7.71 -18.08
C THR A 375 -22.84 -7.48 -18.68
N ASN A 376 -22.12 -6.51 -18.12
CA ASN A 376 -20.73 -6.22 -18.47
C ASN A 376 -20.57 -5.94 -19.97
N SER A 377 -21.56 -5.31 -20.58
CA SER A 377 -21.54 -5.05 -22.02
C SER A 377 -21.88 -3.59 -22.28
N VAL A 378 -21.37 -3.07 -23.40
CA VAL A 378 -21.62 -1.71 -23.83
C VAL A 378 -22.36 -1.76 -25.16
N ILE A 379 -23.54 -1.14 -25.21
CA ILE A 379 -24.38 -1.13 -26.39
C ILE A 379 -24.52 0.30 -26.88
N GLY A 380 -24.30 0.52 -28.18
CA GLY A 380 -24.34 1.85 -28.74
C GLY A 380 -25.77 2.33 -28.95
N PRO A 381 -25.88 3.54 -29.50
CA PRO A 381 -27.20 4.11 -29.75
C PRO A 381 -27.84 3.53 -31.01
N GLY A 382 -29.17 3.44 -30.98
CA GLY A 382 -29.93 3.00 -32.13
C GLY A 382 -29.98 1.50 -32.35
N CYS A 383 -29.55 0.71 -31.37
CA CYS A 383 -29.52 -0.74 -31.54
C CYS A 383 -30.89 -1.36 -31.24
N HIS A 384 -31.15 -2.51 -31.87
CA HIS A 384 -32.38 -3.26 -31.66
C HIS A 384 -32.02 -4.63 -31.08
N ILE A 385 -32.51 -4.91 -29.89
CA ILE A 385 -32.20 -6.13 -29.15
C ILE A 385 -33.45 -7.01 -29.13
N GLY A 386 -33.26 -8.29 -29.46
CA GLY A 386 -34.36 -9.23 -29.50
C GLY A 386 -34.78 -9.71 -28.12
N ASP A 387 -35.42 -10.87 -28.11
CA ASP A 387 -35.97 -11.46 -26.89
C ASP A 387 -35.25 -12.75 -26.54
N ASN A 388 -35.16 -13.02 -25.23
CA ASN A 388 -34.47 -14.20 -24.71
C ASN A 388 -33.03 -14.26 -25.21
N VAL A 389 -32.38 -13.10 -25.23
CA VAL A 389 -31.02 -12.97 -25.73
C VAL A 389 -30.13 -12.49 -24.58
N VAL A 390 -28.99 -13.16 -24.39
CA VAL A 390 -28.07 -12.83 -23.32
C VAL A 390 -26.80 -12.24 -23.93
N LEU A 391 -26.19 -11.32 -23.19
CA LEU A 391 -24.95 -10.67 -23.59
C LEU A 391 -24.01 -10.62 -22.39
N ASP A 392 -22.84 -11.24 -22.51
CA ASP A 392 -21.87 -11.30 -21.42
C ASP A 392 -20.53 -10.82 -21.96
N GLN A 393 -20.06 -9.68 -21.44
CA GLN A 393 -18.77 -9.10 -21.80
C GLN A 393 -18.66 -8.82 -23.29
N THR A 394 -19.77 -8.48 -23.93
CA THR A 394 -19.81 -8.17 -25.35
C THR A 394 -19.75 -6.65 -25.55
N TYR A 395 -19.56 -6.26 -26.81
CA TYR A 395 -19.51 -4.85 -27.18
C TYR A 395 -20.28 -4.65 -28.48
N LEU A 396 -21.38 -3.91 -28.41
CA LEU A 396 -22.23 -3.66 -29.57
C LEU A 396 -22.15 -2.18 -29.93
N TRP A 397 -21.74 -1.89 -31.15
CA TRP A 397 -21.61 -0.52 -31.62
C TRP A 397 -22.95 -0.03 -32.17
N GLN A 398 -22.95 1.16 -32.75
CA GLN A 398 -24.19 1.77 -33.21
C GLN A 398 -24.74 1.05 -34.44
N GLY A 399 -26.03 0.74 -34.42
CA GLY A 399 -26.72 0.21 -35.58
C GLY A 399 -26.90 -1.29 -35.63
N VAL A 400 -26.45 -2.02 -34.61
CA VAL A 400 -26.55 -3.47 -34.64
C VAL A 400 -27.98 -3.90 -34.32
N ARG A 401 -28.39 -5.02 -34.92
CA ARG A 401 -29.68 -5.64 -34.64
C ARG A 401 -29.44 -7.09 -34.26
N VAL A 402 -30.05 -7.51 -33.14
CA VAL A 402 -29.92 -8.87 -32.64
C VAL A 402 -31.30 -9.49 -32.60
N ALA A 403 -31.44 -10.66 -33.22
CA ALA A 403 -32.72 -11.36 -33.25
C ALA A 403 -32.94 -12.13 -31.95
N ALA A 404 -34.13 -12.71 -31.82
CA ALA A 404 -34.48 -13.43 -30.60
C ALA A 404 -33.73 -14.76 -30.53
N GLY A 405 -33.39 -15.16 -29.31
CA GLY A 405 -32.75 -16.44 -29.07
C GLY A 405 -31.25 -16.45 -29.20
N ALA A 406 -30.62 -15.34 -29.58
CA ALA A 406 -29.18 -15.31 -29.75
C ALA A 406 -28.47 -15.38 -28.41
N GLN A 407 -27.27 -15.95 -28.42
CA GLN A 407 -26.41 -16.03 -27.23
C GLN A 407 -25.03 -15.53 -27.64
N ILE A 408 -24.67 -14.34 -27.14
CA ILE A 408 -23.41 -13.69 -27.47
C ILE A 408 -22.60 -13.53 -26.19
N HIS A 409 -21.36 -14.02 -26.21
CA HIS A 409 -20.47 -13.93 -25.07
C HIS A 409 -19.10 -13.46 -25.54
N GLN A 410 -18.60 -12.40 -24.92
CA GLN A 410 -17.25 -11.87 -25.17
C GLN A 410 -16.99 -11.70 -26.67
N SER A 411 -17.79 -10.84 -27.29
CA SER A 411 -17.69 -10.58 -28.72
C SER A 411 -17.73 -9.07 -28.97
N LEU A 412 -17.50 -8.69 -30.22
CA LEU A 412 -17.50 -7.28 -30.62
C LEU A 412 -18.23 -7.15 -31.95
N LEU A 413 -19.24 -6.29 -31.98
CA LEU A 413 -20.01 -6.02 -33.19
C LEU A 413 -19.80 -4.58 -33.60
N CYS A 414 -19.42 -4.37 -34.86
CA CYS A 414 -19.16 -3.03 -35.39
C CYS A 414 -20.47 -2.42 -35.90
N ASP A 415 -20.35 -1.31 -36.63
CA ASP A 415 -21.52 -0.53 -37.03
C ASP A 415 -22.44 -1.33 -37.96
N ASN A 416 -23.74 -1.25 -37.68
CA ASN A 416 -24.81 -1.73 -38.56
C ASN A 416 -24.77 -3.25 -38.76
N ALA A 417 -24.09 -3.99 -37.89
CA ALA A 417 -24.05 -5.44 -38.01
C ALA A 417 -25.43 -6.04 -37.72
N GLU A 418 -25.60 -7.30 -38.09
CA GLU A 418 -26.88 -7.97 -37.90
C GLU A 418 -26.64 -9.43 -37.56
N VAL A 419 -27.37 -9.92 -36.56
CA VAL A 419 -27.32 -11.32 -36.14
C VAL A 419 -28.72 -11.90 -36.23
N LYS A 420 -28.85 -13.06 -36.86
CA LYS A 420 -30.13 -13.72 -37.04
C LYS A 420 -30.46 -14.52 -35.78
N GLU A 421 -31.59 -15.23 -35.81
CA GLU A 421 -32.04 -15.99 -34.65
C GLU A 421 -31.28 -17.30 -34.52
N ARG A 422 -31.29 -17.84 -33.30
CA ARG A 422 -30.66 -19.12 -32.99
C ARG A 422 -29.17 -19.13 -33.36
N VAL A 423 -28.49 -18.02 -33.08
CA VAL A 423 -27.07 -17.87 -33.37
C VAL A 423 -26.32 -17.72 -32.06
N THR A 424 -25.30 -18.56 -31.87
CA THR A 424 -24.47 -18.53 -30.66
C THR A 424 -23.07 -18.08 -31.04
N LEU A 425 -22.57 -17.07 -30.32
CA LEU A 425 -21.25 -16.49 -30.57
C LEU A 425 -20.33 -16.86 -29.41
N LYS A 426 -19.29 -17.64 -29.70
CA LYS A 426 -18.30 -17.99 -28.70
C LYS A 426 -17.39 -16.80 -28.43
N PRO A 427 -16.67 -16.81 -27.29
CA PRO A 427 -15.84 -15.66 -26.93
C PRO A 427 -14.78 -15.35 -27.99
N ARG A 428 -14.44 -14.06 -28.07
CA ARG A 428 -13.40 -13.54 -28.97
C ARG A 428 -13.80 -13.71 -30.45
N SER A 429 -15.02 -13.28 -30.77
CA SER A 429 -15.52 -13.25 -32.14
C SER A 429 -15.87 -11.82 -32.51
N VAL A 430 -15.48 -11.40 -33.71
CA VAL A 430 -15.63 -10.02 -34.16
C VAL A 430 -16.45 -9.99 -35.44
N LEU A 431 -17.49 -9.16 -35.45
CA LEU A 431 -18.29 -8.90 -36.64
C LEU A 431 -18.15 -7.43 -37.01
N THR A 432 -17.76 -7.16 -38.26
CA THR A 432 -17.34 -5.82 -38.66
C THR A 432 -18.16 -5.32 -39.84
N SER A 433 -18.46 -4.01 -39.81
CA SER A 433 -18.97 -3.25 -40.95
C SER A 433 -20.22 -3.90 -41.56
N GLN A 434 -21.29 -3.94 -40.76
CA GLN A 434 -22.61 -4.36 -41.23
C GLN A 434 -22.60 -5.76 -41.81
N VAL A 435 -21.90 -6.68 -41.18
CA VAL A 435 -21.86 -8.06 -41.65
C VAL A 435 -22.96 -8.86 -40.96
N VAL A 436 -23.50 -9.84 -41.67
CA VAL A 436 -24.62 -10.64 -41.20
C VAL A 436 -24.21 -12.11 -41.20
N VAL A 437 -24.78 -12.86 -40.25
CA VAL A 437 -24.51 -14.29 -40.12
C VAL A 437 -25.82 -15.05 -40.34
N GLY A 438 -25.67 -16.31 -40.72
CA GLY A 438 -26.80 -17.15 -41.01
C GLY A 438 -27.49 -17.69 -39.78
N PRO A 439 -28.79 -17.94 -39.88
CA PRO A 439 -29.52 -18.51 -38.74
C PRO A 439 -29.10 -19.95 -38.46
N ASN A 440 -29.26 -20.35 -37.20
CA ASN A 440 -28.95 -21.70 -36.73
C ASN A 440 -27.50 -22.07 -37.05
N ILE A 441 -26.60 -21.12 -36.82
CA ILE A 441 -25.17 -21.33 -37.06
C ILE A 441 -24.39 -20.80 -35.88
N THR A 442 -23.48 -21.62 -35.35
CA THR A 442 -22.63 -21.24 -34.23
C THR A 442 -21.21 -20.97 -34.74
N LEU A 443 -20.64 -19.85 -34.32
CA LEU A 443 -19.29 -19.48 -34.73
C LEU A 443 -18.29 -19.96 -33.68
N PRO A 444 -17.13 -20.48 -34.09
CA PRO A 444 -16.14 -20.95 -33.11
C PRO A 444 -15.53 -19.82 -32.31
N GLU A 445 -14.61 -20.14 -31.41
CA GLU A 445 -14.00 -19.13 -30.55
C GLU A 445 -13.23 -18.10 -31.38
N GLY A 446 -12.19 -18.54 -32.08
CA GLY A 446 -11.43 -17.65 -32.92
C GLY A 446 -12.04 -17.47 -34.29
N SER A 447 -13.21 -16.82 -34.35
CA SER A 447 -13.95 -16.65 -35.59
C SER A 447 -14.20 -15.15 -35.81
N VAL A 448 -13.36 -14.55 -36.66
CA VAL A 448 -13.54 -13.17 -37.08
C VAL A 448 -14.14 -13.19 -38.48
N ILE A 449 -15.23 -12.43 -38.68
CA ILE A 449 -15.98 -12.46 -39.92
C ILE A 449 -16.10 -11.05 -40.46
N SER A 450 -15.78 -10.87 -41.74
CA SER A 450 -15.88 -9.58 -42.40
C SER A 450 -16.16 -9.82 -43.88
N LEU A 451 -16.35 -8.73 -44.62
CA LEU A 451 -16.64 -8.79 -46.06
C LEU A 451 -15.38 -8.71 -46.90
N HIS A 452 -14.22 -9.05 -46.34
CA HIS A 452 -12.96 -9.05 -47.07
C HIS A 452 -12.46 -10.46 -47.23
N PRO A 453 -12.23 -10.92 -48.46
CA PRO A 453 -11.85 -12.33 -48.69
C PRO A 453 -10.57 -12.71 -47.95
N PRO A 454 -9.44 -12.03 -48.18
CA PRO A 454 -8.16 -12.58 -47.68
C PRO A 454 -7.90 -12.30 -46.21
N ASP A 455 -8.67 -11.43 -45.57
CA ASP A 455 -8.41 -11.10 -44.16
C ASP A 455 -9.07 -12.11 -43.23
N ALA A 456 -10.33 -12.45 -43.49
CA ALA A 456 -11.09 -13.29 -42.58
C ALA A 456 -12.09 -14.10 -43.41
N GLU A 457 -13.11 -14.65 -42.74
CA GLU A 457 -14.14 -15.43 -43.42
C GLU A 457 -14.90 -14.60 -44.44
N GLU A 458 -15.77 -15.24 -45.21
CA GLU A 458 -16.35 -14.61 -46.40
C GLU A 458 -17.43 -13.61 -45.97
N ASP A 459 -18.18 -13.10 -46.96
CA ASP A 459 -18.99 -11.91 -46.80
C ASP A 459 -20.25 -12.19 -45.97
N GLU A 460 -21.12 -11.18 -45.92
CA GLU A 460 -22.30 -11.22 -45.07
C GLU A 460 -23.43 -12.04 -45.65
N ASP A 461 -23.30 -12.52 -46.88
CA ASP A 461 -24.37 -13.26 -47.53
C ASP A 461 -24.72 -14.51 -46.74
N ASP A 462 -25.94 -14.54 -46.20
CA ASP A 462 -26.41 -15.67 -45.41
C ASP A 462 -27.34 -16.56 -46.22
N MET B 1 19.10 -27.51 23.44
CA MET B 1 19.82 -26.31 23.03
C MET B 1 19.27 -25.79 21.69
N GLU B 2 18.85 -24.53 21.68
CA GLU B 2 18.25 -23.96 20.48
C GLU B 2 19.25 -23.87 19.34
N PHE B 3 20.49 -23.45 19.64
CA PHE B 3 21.51 -23.25 18.62
C PHE B 3 22.79 -23.95 19.06
N GLN B 4 23.62 -24.27 18.06
CA GLN B 4 24.94 -24.85 18.28
C GLN B 4 25.96 -24.00 17.55
N ALA B 5 26.80 -23.29 18.29
CA ALA B 5 27.73 -22.33 17.69
C ALA B 5 28.97 -23.05 17.18
N VAL B 6 29.32 -22.78 15.92
CA VAL B 6 30.52 -23.33 15.29
C VAL B 6 31.31 -22.20 14.67
N VAL B 7 32.61 -22.17 14.93
CA VAL B 7 33.53 -21.23 14.30
C VAL B 7 34.54 -22.03 13.48
N MET B 8 34.83 -21.54 12.27
CA MET B 8 35.69 -22.25 11.32
C MET B 8 37.06 -21.57 11.33
N ALA B 9 37.99 -22.14 12.08
CA ALA B 9 39.34 -21.62 12.20
C ALA B 9 40.35 -22.43 11.41
N VAL B 10 39.97 -22.94 10.24
CA VAL B 10 40.87 -23.71 9.41
C VAL B 10 41.32 -22.90 8.21
N THR B 17 46.95 -12.15 4.49
CA THR B 17 46.85 -13.47 3.87
C THR B 17 48.22 -14.14 3.80
N ASP B 18 49.28 -13.35 3.92
CA ASP B 18 50.64 -13.86 3.89
C ASP B 18 51.55 -12.80 4.49
N LEU B 19 52.82 -13.17 4.67
CA LEU B 19 53.87 -12.37 5.28
C LEU B 19 53.61 -12.06 6.76
N THR B 20 52.49 -12.53 7.31
CA THR B 20 52.20 -12.36 8.73
C THR B 20 51.62 -13.65 9.34
N SER B 21 51.69 -14.77 8.62
CA SER B 21 51.08 -16.02 9.06
C SER B 21 52.06 -16.93 9.79
N SER B 22 53.26 -16.45 10.11
CA SER B 22 54.18 -17.24 10.92
C SER B 22 53.55 -17.58 12.26
N ILE B 23 52.98 -16.58 12.93
CA ILE B 23 52.08 -16.80 14.06
C ILE B 23 50.75 -17.23 13.46
N PRO B 24 50.05 -18.20 14.04
CA PRO B 24 48.81 -18.71 13.43
C PRO B 24 47.78 -17.59 13.22
N LYS B 25 47.08 -17.68 12.09
CA LYS B 25 46.09 -16.66 11.76
C LYS B 25 44.99 -16.49 12.81
N PRO B 26 44.41 -17.55 13.36
CA PRO B 26 43.41 -17.33 14.43
C PRO B 26 43.98 -16.65 15.66
N LEU B 27 45.29 -16.72 15.89
CA LEU B 27 45.92 -16.12 17.05
C LEU B 27 46.60 -14.78 16.72
N LEU B 28 46.22 -14.15 15.61
CA LEU B 28 46.81 -12.87 15.25
C LEU B 28 46.44 -11.82 16.29
N PRO B 29 47.41 -11.10 16.86
CA PRO B 29 47.10 -10.10 17.89
C PRO B 29 46.45 -8.87 17.26
N VAL B 30 45.16 -8.68 17.55
CA VAL B 30 44.40 -7.53 17.07
C VAL B 30 43.95 -6.74 18.28
N GLY B 31 44.40 -5.48 18.37
CA GLY B 31 44.08 -4.67 19.53
C GLY B 31 44.64 -5.22 20.83
N ASN B 32 45.86 -5.75 20.79
CA ASN B 32 46.52 -6.35 21.96
C ASN B 32 45.73 -7.52 22.51
N LYS B 33 44.92 -8.16 21.67
CA LYS B 33 44.12 -9.31 22.05
C LYS B 33 44.14 -10.31 20.91
N PRO B 34 43.89 -11.59 21.19
CA PRO B 34 43.88 -12.59 20.12
C PRO B 34 42.73 -12.36 19.15
N LEU B 35 42.97 -12.72 17.89
CA LEU B 35 41.94 -12.57 16.87
C LEU B 35 40.75 -13.48 17.14
N ILE B 36 41.01 -14.72 17.58
CA ILE B 36 39.93 -15.64 17.89
C ILE B 36 39.11 -15.19 19.08
N TRP B 37 39.63 -14.27 19.89
CA TRP B 37 38.90 -13.81 21.06
C TRP B 37 37.65 -13.02 20.67
N TYR B 38 37.65 -12.39 19.50
CA TYR B 38 36.51 -11.54 19.12
C TYR B 38 35.27 -12.35 18.80
N PRO B 39 35.30 -13.36 17.90
CA PRO B 39 34.09 -14.18 17.71
C PRO B 39 33.67 -14.92 18.97
N LEU B 40 34.63 -15.36 19.78
CA LEU B 40 34.28 -16.03 21.02
C LEU B 40 33.56 -15.10 21.98
N ASN B 41 34.02 -13.85 22.08
CA ASN B 41 33.34 -12.88 22.94
C ASN B 41 31.97 -12.51 22.37
N LEU B 42 31.85 -12.43 21.04
CA LEU B 42 30.57 -12.16 20.43
C LEU B 42 29.57 -13.27 20.74
N LEU B 43 30.01 -14.53 20.67
CA LEU B 43 29.16 -15.63 21.07
C LEU B 43 28.84 -15.57 22.55
N GLU B 44 29.81 -15.19 23.38
CA GLU B 44 29.61 -15.03 24.80
C GLU B 44 28.73 -13.81 25.09
N ARG B 45 28.44 -13.62 26.38
CA ARG B 45 27.65 -12.52 26.94
C ARG B 45 26.30 -12.35 26.27
N VAL B 46 25.92 -13.32 25.43
CA VAL B 46 24.53 -13.53 25.05
C VAL B 46 24.27 -15.03 24.95
N GLY B 47 23.74 -15.60 26.04
CA GLY B 47 23.55 -17.04 26.10
C GLY B 47 24.81 -17.80 25.73
N PHE B 48 24.62 -18.89 25.00
CA PHE B 48 25.70 -19.65 24.35
C PHE B 48 26.76 -20.09 25.38
N GLU B 49 26.31 -20.95 26.29
CA GLU B 49 27.21 -21.51 27.29
C GLU B 49 28.16 -22.54 26.72
N GLU B 50 27.98 -22.96 25.48
CA GLU B 50 28.85 -23.95 24.84
C GLU B 50 29.07 -23.58 23.38
N VAL B 51 30.19 -24.00 22.84
CA VAL B 51 30.57 -23.70 21.46
C VAL B 51 31.63 -24.71 21.02
N ILE B 52 31.55 -25.13 19.76
CA ILE B 52 32.48 -26.09 19.18
C ILE B 52 33.46 -25.33 18.29
N VAL B 53 34.75 -25.64 18.44
CA VAL B 53 35.82 -24.98 17.71
C VAL B 53 36.62 -26.04 16.96
N VAL B 54 36.91 -25.76 15.68
CA VAL B 54 37.48 -26.77 14.79
C VAL B 54 38.85 -26.30 14.29
N THR B 55 39.61 -25.62 15.15
CA THR B 55 40.92 -25.14 14.75
C THR B 55 41.90 -26.29 14.62
N THR B 56 43.14 -25.97 14.29
CA THR B 56 44.20 -26.95 14.15
C THR B 56 44.95 -27.10 15.48
N ARG B 57 46.06 -27.84 15.45
CA ARG B 57 46.84 -28.07 16.66
C ARG B 57 47.56 -26.80 17.10
N ASP B 58 48.02 -25.99 16.14
CA ASP B 58 48.83 -24.82 16.46
C ASP B 58 48.12 -23.87 17.41
N VAL B 59 46.79 -23.80 17.35
CA VAL B 59 46.02 -22.96 18.26
C VAL B 59 45.74 -23.76 19.53
N GLN B 60 46.12 -23.21 20.68
CA GLN B 60 45.94 -23.86 21.97
C GLN B 60 44.73 -23.32 22.74
N LYS B 61 43.84 -22.59 22.07
CA LYS B 61 42.66 -22.03 22.71
C LYS B 61 41.79 -23.11 23.32
N LYS B 72 33.39 -18.00 31.07
CA LYS B 72 33.81 -18.39 29.73
C LYS B 72 33.44 -19.84 29.43
N PRO B 73 32.82 -20.07 28.27
CA PRO B 73 32.43 -21.43 27.91
C PRO B 73 33.62 -22.35 27.72
N ASP B 74 33.41 -23.63 28.04
CA ASP B 74 34.43 -24.65 27.84
C ASP B 74 34.45 -25.03 26.37
N ILE B 75 35.34 -24.37 25.61
CA ILE B 75 35.37 -24.56 24.17
C ILE B 75 35.80 -25.98 23.83
N VAL B 76 35.08 -26.60 22.90
CA VAL B 76 35.40 -27.93 22.40
C VAL B 76 36.28 -27.76 21.17
N CYS B 77 37.52 -28.20 21.27
CA CYS B 77 38.50 -28.03 20.19
C CYS B 77 38.65 -29.35 19.44
N ILE B 78 38.45 -29.30 18.13
CA ILE B 78 38.59 -30.48 17.27
C ILE B 78 39.73 -30.24 16.29
N PRO B 79 40.86 -30.91 16.46
CA PRO B 79 41.97 -30.71 15.52
C PRO B 79 41.65 -31.26 14.14
N ASP B 80 42.28 -30.66 13.13
CA ASP B 80 42.09 -31.06 11.74
C ASP B 80 43.37 -31.70 11.22
N ASP B 81 43.25 -32.91 10.66
CA ASP B 81 44.41 -33.63 10.16
C ASP B 81 45.05 -32.90 8.98
N ALA B 82 44.24 -32.36 8.08
CA ALA B 82 44.76 -31.69 6.89
C ALA B 82 43.81 -30.56 6.51
N ASP B 83 44.33 -29.65 5.68
CA ASP B 83 43.53 -28.53 5.22
C ASP B 83 42.37 -29.01 4.37
N MET B 84 41.19 -28.42 4.60
CA MET B 84 39.98 -28.79 3.89
C MET B 84 39.03 -27.61 3.88
N GLY B 85 38.01 -27.69 3.03
CA GLY B 85 37.02 -26.64 2.95
C GLY B 85 36.19 -26.54 4.20
N THR B 86 35.59 -25.36 4.39
CA THR B 86 34.76 -25.12 5.56
C THR B 86 33.52 -26.01 5.57
N ALA B 87 32.93 -26.26 4.40
CA ALA B 87 31.81 -27.19 4.31
C ALA B 87 32.23 -28.60 4.70
N ASP B 88 33.43 -29.01 4.28
CA ASP B 88 33.95 -30.32 4.68
C ASP B 88 34.17 -30.37 6.19
N SER B 89 34.66 -29.28 6.78
CA SER B 89 34.82 -29.23 8.23
C SER B 89 33.49 -29.34 8.95
N LEU B 90 32.46 -28.67 8.43
CA LEU B 90 31.13 -28.78 9.02
C LEU B 90 30.60 -30.21 8.92
N ARG B 91 30.82 -30.85 7.76
CA ARG B 91 30.40 -32.24 7.60
C ARG B 91 31.19 -33.18 8.51
N TYR B 92 32.41 -32.78 8.89
CA TYR B 92 33.25 -33.63 9.73
C TYR B 92 32.75 -33.70 11.17
N ILE B 93 32.04 -32.66 11.63
CA ILE B 93 31.63 -32.56 13.01
C ILE B 93 30.13 -32.84 13.18
N TYR B 94 29.55 -33.61 12.26
CA TYR B 94 28.13 -33.93 12.36
C TYR B 94 27.75 -34.67 13.64
N PRO B 95 28.47 -35.70 14.09
CA PRO B 95 28.04 -36.39 15.32
C PRO B 95 27.95 -35.49 16.54
N LYS B 96 28.79 -34.45 16.61
CA LYS B 96 28.74 -33.56 17.77
C LYS B 96 27.48 -32.71 17.78
N LEU B 97 27.08 -32.19 16.62
CA LEU B 97 25.91 -31.33 16.55
C LEU B 97 24.62 -32.16 16.54
N LYS B 98 23.57 -31.60 17.15
CA LYS B 98 22.29 -32.27 17.24
C LYS B 98 21.10 -31.37 16.93
N THR B 99 21.33 -30.09 16.66
CA THR B 99 20.24 -29.14 16.40
C THR B 99 20.70 -28.18 15.31
N ASP B 100 19.94 -27.10 15.13
CA ASP B 100 20.30 -26.06 14.18
C ASP B 100 21.63 -25.44 14.58
N VAL B 101 22.55 -25.30 13.64
CA VAL B 101 23.89 -24.82 13.91
C VAL B 101 24.02 -23.37 13.49
N LEU B 102 24.76 -22.60 14.27
CA LEU B 102 25.08 -21.21 13.97
C LEU B 102 26.55 -21.15 13.60
N VAL B 103 26.84 -20.90 12.32
CA VAL B 103 28.20 -20.95 11.79
C VAL B 103 28.77 -19.55 11.77
N LEU B 104 29.98 -19.39 12.33
CA LEU B 104 30.67 -18.12 12.36
C LEU B 104 32.08 -18.27 11.80
N SER B 105 32.64 -17.16 11.34
CA SER B 105 33.98 -17.13 10.82
C SER B 105 34.99 -16.93 11.94
N CYS B 106 36.21 -17.44 11.73
CA CYS B 106 37.27 -17.29 12.71
C CYS B 106 37.67 -15.83 12.86
N ASP B 107 37.82 -15.12 11.75
CA ASP B 107 38.31 -13.74 11.73
C ASP B 107 37.16 -12.83 11.31
N LEU B 108 36.41 -12.34 12.29
CA LEU B 108 35.30 -11.44 12.02
C LEU B 108 35.02 -10.63 13.28
N ILE B 109 35.07 -9.30 13.17
CA ILE B 109 34.87 -8.41 14.31
C ILE B 109 33.66 -7.53 14.01
N THR B 110 32.61 -7.68 14.82
CA THR B 110 31.40 -6.90 14.68
C THR B 110 30.96 -6.37 16.04
N ASP B 111 30.03 -5.41 16.00
CA ASP B 111 29.37 -4.90 17.20
C ASP B 111 27.87 -5.09 17.16
N VAL B 112 27.34 -5.76 16.14
CA VAL B 112 25.90 -5.89 15.96
C VAL B 112 25.32 -6.80 17.04
N ALA B 113 24.17 -6.42 17.58
CA ALA B 113 23.42 -7.31 18.44
C ALA B 113 22.98 -8.54 17.64
N LEU B 114 23.31 -9.72 18.15
CA LEU B 114 23.07 -10.95 17.39
C LEU B 114 21.58 -11.23 17.20
N HIS B 115 20.71 -10.56 17.95
CA HIS B 115 19.28 -10.83 17.86
C HIS B 115 18.68 -10.38 16.53
N GLU B 116 19.35 -9.49 15.79
CA GLU B 116 18.78 -8.98 14.56
C GLU B 116 18.60 -10.08 13.52
N VAL B 117 19.59 -10.95 13.37
CA VAL B 117 19.49 -12.04 12.39
C VAL B 117 18.78 -13.25 13.01
N VAL B 118 18.91 -13.44 14.32
CA VAL B 118 18.22 -14.54 14.98
C VAL B 118 16.71 -14.34 14.92
N ASP B 119 16.24 -13.09 14.97
CA ASP B 119 14.82 -12.83 14.81
C ASP B 119 14.32 -13.26 13.43
N LEU B 120 15.10 -12.98 12.39
CA LEU B 120 14.74 -13.43 11.06
C LEU B 120 14.73 -14.95 10.98
N PHE B 121 15.71 -15.60 11.61
CA PHE B 121 15.74 -17.06 11.62
C PHE B 121 14.56 -17.64 12.38
N ARG B 122 14.12 -16.98 13.44
CA ARG B 122 13.10 -17.53 14.33
C ARG B 122 11.69 -17.28 13.79
N ALA B 123 11.32 -16.00 13.62
CA ALA B 123 9.94 -15.66 13.32
C ALA B 123 9.50 -16.22 11.97
N TYR B 124 10.35 -16.12 10.96
CA TYR B 124 10.00 -16.57 9.62
C TYR B 124 10.26 -18.05 9.39
N ASP B 125 10.83 -18.76 10.38
CA ASP B 125 11.20 -20.16 10.24
C ASP B 125 12.08 -20.37 9.01
N ALA B 126 13.02 -19.45 8.82
CA ALA B 126 13.87 -19.46 7.63
C ALA B 126 14.81 -20.66 7.63
N SER B 127 15.06 -21.20 6.44
CA SER B 127 16.04 -22.26 6.30
C SER B 127 17.47 -21.75 6.48
N LEU B 128 17.69 -20.45 6.28
CA LEU B 128 19.03 -19.87 6.41
C LEU B 128 18.91 -18.37 6.59
N ALA B 129 19.70 -17.82 7.51
CA ALA B 129 19.76 -16.40 7.75
C ALA B 129 21.22 -15.99 7.88
N MET B 130 21.61 -14.94 7.16
CA MET B 130 23.01 -14.53 7.11
C MET B 130 23.11 -13.02 7.15
N LEU B 131 24.30 -12.53 7.48
CA LEU B 131 24.57 -11.12 7.72
C LEU B 131 25.68 -10.63 6.80
N MET B 132 25.46 -9.45 6.20
CA MET B 132 26.54 -8.74 5.52
C MET B 132 26.42 -7.25 5.85
N ARG B 133 27.44 -6.50 5.44
CA ARG B 133 27.51 -5.07 5.66
C ARG B 133 27.81 -4.37 4.34
N LYS B 134 27.38 -3.11 4.25
CA LYS B 134 27.69 -2.29 3.09
C LYS B 134 29.18 -1.97 3.03
N GLY B 135 29.72 -1.89 1.82
CA GLY B 135 31.13 -1.60 1.67
C GLY B 135 31.48 -0.18 2.04
N GLN B 136 32.75 0.01 2.37
CA GLN B 136 33.26 1.33 2.76
C GLN B 136 34.66 1.55 2.21
N ARG B 155 31.60 -7.05 -7.81
CA ARG B 155 32.19 -8.37 -7.83
C ARG B 155 31.14 -9.43 -7.45
N ASP B 156 30.32 -9.10 -6.46
CA ASP B 156 29.27 -9.98 -5.98
C ASP B 156 27.93 -9.25 -6.06
N PHE B 157 26.96 -9.87 -6.72
CA PHE B 157 25.63 -9.30 -6.87
C PHE B 157 24.64 -10.05 -5.99
N ILE B 158 23.91 -9.30 -5.17
CA ILE B 158 22.95 -9.87 -4.22
C ILE B 158 21.57 -9.28 -4.54
N GLY B 159 20.57 -10.15 -4.67
CA GLY B 159 19.22 -9.70 -4.91
C GLY B 159 18.47 -9.55 -3.61
N VAL B 160 17.85 -8.38 -3.44
CA VAL B 160 17.18 -8.02 -2.18
C VAL B 160 15.75 -7.63 -2.49
N ASP B 161 14.82 -8.19 -1.73
CA ASP B 161 13.39 -7.91 -1.90
C ASP B 161 13.12 -6.48 -1.42
N SER B 162 11.98 -5.92 -1.83
CA SER B 162 11.64 -4.55 -1.47
C SER B 162 11.63 -4.34 0.05
N THR B 163 11.19 -5.34 0.81
CA THR B 163 11.21 -5.24 2.26
C THR B 163 12.63 -5.15 2.82
N GLY B 164 13.62 -5.66 2.09
CA GLY B 164 15.00 -5.60 2.53
C GLY B 164 15.49 -6.79 3.32
N LYS B 165 14.70 -7.85 3.44
CA LYS B 165 15.08 -9.02 4.22
C LYS B 165 15.23 -10.27 3.37
N ARG B 166 14.28 -10.55 2.49
CA ARG B 166 14.32 -11.78 1.70
C ARG B 166 15.44 -11.76 0.68
N LEU B 167 16.09 -12.90 0.49
CA LEU B 167 17.14 -13.08 -0.51
C LEU B 167 16.54 -13.68 -1.76
N LEU B 168 16.83 -13.07 -2.91
CA LEU B 168 16.29 -13.51 -4.19
C LEU B 168 17.35 -13.92 -5.20
N PHE B 169 18.45 -13.17 -5.31
CA PHE B 169 19.48 -13.44 -6.30
C PHE B 169 20.85 -13.39 -5.64
N MET B 170 21.75 -14.27 -6.09
CA MET B 170 23.11 -14.30 -5.58
C MET B 170 24.00 -14.97 -6.61
N ALA B 171 25.01 -14.25 -7.10
CA ALA B 171 25.93 -14.79 -8.08
C ALA B 171 27.23 -13.99 -8.05
N ASN B 172 28.33 -14.67 -8.36
CA ASN B 172 29.65 -14.05 -8.44
C ASN B 172 29.96 -13.69 -9.89
N GLU B 173 30.69 -12.58 -10.04
CA GLU B 173 30.96 -12.06 -11.39
C GLU B 173 31.74 -13.06 -12.23
N ALA B 174 32.76 -13.71 -11.65
CA ALA B 174 33.54 -14.67 -12.40
C ALA B 174 32.81 -15.99 -12.61
N ASP B 175 31.75 -16.23 -11.86
CA ASP B 175 31.04 -17.51 -11.96
C ASP B 175 30.28 -17.63 -13.28
N LEU B 176 29.58 -16.58 -13.69
CA LEU B 176 28.73 -16.61 -14.88
C LEU B 176 29.38 -15.78 -15.98
N ASP B 177 29.49 -16.38 -17.16
CA ASP B 177 30.04 -15.66 -18.31
C ASP B 177 29.03 -14.70 -18.91
N GLU B 178 27.76 -15.08 -18.93
CA GLU B 178 26.70 -14.18 -19.36
C GLU B 178 26.57 -13.04 -18.35
N GLU B 179 26.00 -11.92 -18.81
CA GLU B 179 25.96 -10.72 -17.97
C GLU B 179 25.16 -10.94 -16.70
N LEU B 180 23.84 -11.12 -16.84
CA LEU B 180 22.98 -11.30 -15.67
C LEU B 180 21.65 -11.87 -16.14
N VAL B 181 21.31 -13.07 -15.68
CA VAL B 181 20.10 -13.76 -16.09
C VAL B 181 19.18 -13.87 -14.88
N ILE B 182 17.94 -13.39 -15.04
CA ILE B 182 16.92 -13.47 -14.00
C ILE B 182 15.74 -14.24 -14.58
N LYS B 183 15.33 -15.30 -13.89
CA LYS B 183 14.17 -16.08 -14.32
C LYS B 183 12.89 -15.25 -14.18
N GLY B 184 11.98 -15.41 -15.13
CA GLY B 184 10.72 -14.70 -15.07
C GLY B 184 9.83 -15.13 -13.92
N SER B 185 9.96 -16.39 -13.50
CA SER B 185 9.14 -16.89 -12.40
C SER B 185 9.46 -16.17 -11.10
N ILE B 186 10.75 -15.92 -10.83
CA ILE B 186 11.13 -15.25 -9.60
C ILE B 186 10.75 -13.78 -9.62
N LEU B 187 10.54 -13.20 -10.81
CA LEU B 187 10.10 -11.82 -10.92
C LEU B 187 8.59 -11.68 -10.93
N GLN B 188 7.86 -12.74 -11.28
CA GLN B 188 6.41 -12.69 -11.26
C GLN B 188 5.88 -12.48 -9.85
N LYS B 189 6.47 -13.16 -8.86
CA LYS B 189 6.05 -13.03 -7.48
C LYS B 189 6.75 -11.89 -6.74
N HIS B 190 7.93 -11.48 -7.20
CA HIS B 190 8.69 -10.39 -6.60
C HIS B 190 9.05 -9.39 -7.69
N PRO B 191 8.09 -8.55 -8.09
CA PRO B 191 8.35 -7.62 -9.21
C PRO B 191 9.49 -6.65 -8.96
N ARG B 192 9.73 -6.26 -7.71
CA ARG B 192 10.77 -5.29 -7.37
C ARG B 192 11.92 -6.02 -6.71
N ILE B 193 13.11 -5.91 -7.31
CA ILE B 193 14.33 -6.52 -6.77
C ILE B 193 15.39 -5.43 -6.69
N ARG B 194 16.01 -5.31 -5.51
CA ARG B 194 17.07 -4.34 -5.28
C ARG B 194 18.42 -5.05 -5.33
N PHE B 195 19.36 -4.49 -6.07
CA PHE B 195 20.66 -5.11 -6.30
C PHE B 195 21.76 -4.28 -5.65
N HIS B 196 22.70 -4.99 -5.00
CA HIS B 196 23.85 -4.36 -4.38
C HIS B 196 25.11 -5.06 -4.88
N THR B 197 26.23 -4.32 -4.84
CA THR B 197 27.49 -4.86 -5.33
C THR B 197 28.59 -4.72 -4.29
N GLY B 198 28.49 -3.71 -3.43
CA GLY B 198 29.50 -3.44 -2.43
C GLY B 198 29.37 -4.20 -1.13
N LEU B 199 28.39 -5.08 -1.02
CA LEU B 199 28.19 -5.82 0.23
C LEU B 199 29.36 -6.77 0.48
N VAL B 200 29.79 -6.84 1.75
CA VAL B 200 30.88 -7.72 2.18
C VAL B 200 30.29 -8.79 3.09
N ASP B 201 30.59 -10.05 2.77
CA ASP B 201 30.01 -11.17 3.50
C ASP B 201 30.69 -11.29 4.86
N ALA B 202 29.87 -11.40 5.93
CA ALA B 202 30.39 -11.54 7.28
C ALA B 202 30.57 -12.99 7.70
N HIS B 203 30.14 -13.95 6.88
CA HIS B 203 30.24 -15.38 7.18
C HIS B 203 29.59 -15.71 8.53
N LEU B 204 28.43 -15.11 8.76
CA LEU B 204 27.62 -15.36 9.95
C LEU B 204 26.35 -16.06 9.46
N TYR B 205 26.35 -17.38 9.52
CA TYR B 205 25.27 -18.18 8.94
C TYR B 205 24.50 -18.89 10.04
N CYS B 206 23.17 -18.85 9.94
CA CYS B 206 22.28 -19.62 10.79
C CYS B 206 21.68 -20.73 9.93
N LEU B 207 22.09 -21.97 10.19
CA LEU B 207 21.74 -23.10 9.36
C LEU B 207 20.73 -24.00 10.06
N LYS B 208 19.77 -24.52 9.28
CA LYS B 208 18.81 -25.48 9.81
C LYS B 208 19.48 -26.85 9.97
N LYS B 209 18.77 -27.75 10.65
CA LYS B 209 19.33 -29.06 10.95
C LYS B 209 19.47 -29.91 9.70
N TYR B 210 18.46 -29.89 8.81
CA TYR B 210 18.49 -30.77 7.65
C TYR B 210 19.52 -30.34 6.61
N ILE B 211 20.04 -29.10 6.70
CA ILE B 211 21.09 -28.67 5.80
C ILE B 211 22.33 -29.53 5.97
N VAL B 212 22.67 -29.87 7.22
CA VAL B 212 23.85 -30.67 7.47
C VAL B 212 23.64 -32.10 6.97
N ASP B 213 22.43 -32.64 7.13
CA ASP B 213 22.13 -33.95 6.56
C ASP B 213 22.29 -33.94 5.05
N PHE B 214 21.77 -32.88 4.40
CA PHE B 214 21.88 -32.77 2.96
C PHE B 214 23.35 -32.67 2.53
N LEU B 215 24.16 -31.95 3.31
CA LEU B 215 25.60 -31.89 3.04
C LEU B 215 26.24 -33.27 3.16
N MET B 216 25.80 -34.06 4.14
CA MET B 216 26.34 -35.40 4.28
C MET B 216 25.99 -36.28 3.09
N GLU B 217 24.72 -36.27 2.67
CA GLU B 217 24.33 -37.13 1.55
C GLU B 217 24.79 -36.57 0.21
N ASN B 218 25.29 -35.33 0.16
CA ASN B 218 25.82 -34.73 -1.06
C ASN B 218 27.21 -34.22 -0.72
N GLY B 219 28.20 -35.09 -0.85
CA GLY B 219 29.57 -34.78 -0.48
C GLY B 219 30.35 -33.96 -1.46
N SER B 220 29.77 -33.64 -2.63
CA SER B 220 30.49 -32.85 -3.62
C SER B 220 30.49 -31.37 -3.28
N ILE B 221 29.69 -30.94 -2.30
CA ILE B 221 29.59 -29.53 -1.96
C ILE B 221 30.71 -29.17 -0.99
N THR B 222 31.49 -28.15 -1.35
CA THR B 222 32.55 -27.63 -0.52
C THR B 222 32.52 -26.11 -0.57
N SER B 223 33.09 -25.47 0.46
CA SER B 223 33.15 -24.02 0.56
C SER B 223 31.74 -23.41 0.52
N ILE B 224 31.00 -23.71 1.59
CA ILE B 224 29.61 -23.32 1.78
C ILE B 224 29.34 -21.89 1.33
N ARG B 225 30.31 -21.00 1.57
CA ARG B 225 30.12 -19.59 1.22
C ARG B 225 29.94 -19.41 -0.28
N SER B 226 30.70 -20.14 -1.09
CA SER B 226 30.68 -19.95 -2.53
C SER B 226 29.75 -20.91 -3.26
N GLU B 227 29.47 -22.09 -2.68
CA GLU B 227 28.69 -23.11 -3.36
C GLU B 227 27.33 -23.37 -2.73
N LEU B 228 27.28 -23.67 -1.43
CA LEU B 228 26.01 -24.02 -0.80
C LEU B 228 25.05 -22.83 -0.78
N ILE B 229 25.56 -21.64 -0.48
CA ILE B 229 24.70 -20.47 -0.36
C ILE B 229 23.97 -20.17 -1.67
N PRO B 230 24.63 -20.13 -2.83
CA PRO B 230 23.86 -19.95 -4.09
C PRO B 230 22.86 -21.06 -4.35
N TYR B 231 23.15 -22.29 -3.91
CA TYR B 231 22.23 -23.40 -4.13
C TYR B 231 20.91 -23.15 -3.41
N LEU B 232 20.95 -22.70 -2.16
CA LEU B 232 19.74 -22.46 -1.40
C LEU B 232 18.97 -21.24 -1.85
N VAL B 233 19.57 -20.39 -2.69
CA VAL B 233 18.88 -19.21 -3.20
C VAL B 233 18.08 -19.52 -4.46
N ARG B 234 18.65 -20.31 -5.37
CA ARG B 234 17.97 -20.65 -6.61
C ARG B 234 16.85 -21.68 -6.41
N LYS B 235 16.85 -22.39 -5.29
CA LYS B 235 15.86 -23.44 -5.06
C LYS B 235 14.59 -22.95 -4.37
N GLN B 236 14.55 -21.69 -3.93
CA GLN B 236 13.34 -21.16 -3.33
C GLN B 236 12.19 -21.11 -4.33
N PHE B 237 12.49 -20.72 -5.57
CA PHE B 237 11.47 -20.59 -6.61
C PHE B 237 11.57 -21.73 -7.61
N GLN B 297 9.42 -25.98 1.65
CA GLN B 297 9.97 -24.79 1.01
C GLN B 297 11.24 -24.33 1.71
N VAL B 298 12.09 -23.63 0.96
CA VAL B 298 13.36 -23.11 1.46
C VAL B 298 13.33 -21.60 1.35
N ARG B 299 13.59 -20.91 2.46
CA ARG B 299 13.59 -19.46 2.51
C ARG B 299 14.90 -18.97 3.11
N CYS B 300 15.42 -17.88 2.54
CA CYS B 300 16.66 -17.26 3.03
C CYS B 300 16.41 -15.79 3.26
N TYR B 301 16.90 -15.27 4.39
CA TYR B 301 16.75 -13.88 4.76
C TYR B 301 18.11 -13.30 5.13
N VAL B 302 18.24 -11.99 4.94
CA VAL B 302 19.50 -11.29 5.19
C VAL B 302 19.23 -10.00 5.92
N HIS B 303 20.15 -9.63 6.82
CA HIS B 303 20.06 -8.40 7.59
C HIS B 303 21.19 -7.46 7.16
N ILE B 304 20.85 -6.53 6.28
CA ILE B 304 21.84 -5.59 5.76
C ILE B 304 22.19 -4.59 6.84
N MET B 305 23.49 -4.37 7.05
CA MET B 305 23.99 -3.42 8.01
C MET B 305 24.72 -2.27 7.31
N LYS B 306 24.56 -1.06 7.84
CA LYS B 306 25.21 0.12 7.28
C LYS B 306 25.73 1.05 8.36
N GLU B 307 25.87 0.54 9.59
CA GLU B 307 26.30 1.37 10.70
C GLU B 307 27.49 0.75 11.44
N GLY B 308 27.50 -0.57 11.56
CA GLY B 308 28.51 -1.25 12.34
C GLY B 308 29.83 -1.38 11.61
N LEU B 309 30.78 -2.04 12.28
CA LEU B 309 32.09 -2.30 11.69
C LEU B 309 32.05 -3.51 10.76
N CYS B 310 31.72 -4.67 11.33
CA CYS B 310 31.59 -5.92 10.56
C CYS B 310 32.87 -6.23 9.78
N SER B 311 34.02 -5.98 10.40
CA SER B 311 35.30 -6.21 9.76
C SER B 311 35.58 -7.71 9.67
N ARG B 312 36.03 -8.14 8.49
CA ARG B 312 36.44 -9.52 8.24
C ARG B 312 37.85 -9.47 7.68
N VAL B 313 38.84 -9.69 8.54
CA VAL B 313 40.24 -9.58 8.13
C VAL B 313 40.61 -10.84 7.37
N SER B 314 41.08 -10.67 6.14
CA SER B 314 41.58 -11.75 5.30
C SER B 314 42.88 -11.42 4.60
N THR B 315 43.20 -10.14 4.45
CA THR B 315 44.43 -9.67 3.83
C THR B 315 45.12 -8.70 4.78
N LEU B 316 46.30 -8.22 4.35
CA LEU B 316 47.05 -7.28 5.19
C LEU B 316 46.33 -5.95 5.30
N GLY B 317 45.65 -5.52 4.24
CA GLY B 317 44.98 -4.23 4.27
C GLY B 317 43.87 -4.16 5.30
N LEU B 318 43.05 -5.22 5.40
CA LEU B 318 41.98 -5.23 6.39
C LEU B 318 42.52 -5.43 7.80
N TYR B 319 43.72 -6.02 7.93
CA TYR B 319 44.32 -6.20 9.24
C TYR B 319 44.61 -4.86 9.90
N MET B 320 45.21 -3.93 9.15
CA MET B 320 45.55 -2.62 9.71
C MET B 320 44.31 -1.81 10.04
N GLU B 321 43.29 -1.86 9.16
CA GLU B 321 42.09 -1.07 9.38
C GLU B 321 41.33 -1.55 10.62
N ALA B 322 41.27 -2.87 10.81
CA ALA B 322 40.53 -3.41 11.95
C ALA B 322 41.16 -2.99 13.28
N ASN B 323 42.50 -2.97 13.34
CA ASN B 323 43.16 -2.61 14.59
C ASN B 323 42.85 -1.18 15.00
N ARG B 324 42.86 -0.25 14.05
CA ARG B 324 42.62 1.15 14.37
C ARG B 324 41.18 1.43 14.80
N GLN B 325 40.24 0.54 14.46
CA GLN B 325 38.87 0.65 14.93
C GLN B 325 38.61 -0.15 16.20
N VAL B 326 39.56 -0.97 16.63
CA VAL B 326 39.39 -1.76 17.85
C VAL B 326 39.23 -0.88 19.10
N PRO B 327 40.04 0.18 19.32
CA PRO B 327 39.98 0.88 20.62
C PRO B 327 38.59 1.35 21.02
N LYS B 328 37.78 1.83 20.07
CA LYS B 328 36.41 2.19 20.39
C LYS B 328 35.60 0.98 20.81
N LEU B 329 35.81 -0.16 20.13
CA LEU B 329 35.05 -1.36 20.45
C LEU B 329 35.43 -1.93 21.81
N LEU B 330 36.73 -1.98 22.11
CA LEU B 330 37.17 -2.59 23.36
C LEU B 330 36.74 -1.80 24.59
N SER B 331 36.44 -0.51 24.43
CA SER B 331 35.97 0.29 25.56
C SER B 331 34.62 -0.20 26.05
N ALA B 332 33.72 -0.56 25.12
CA ALA B 332 32.41 -1.02 25.52
C ALA B 332 32.39 -2.51 25.83
N LEU B 333 33.16 -3.31 25.08
CA LEU B 333 33.15 -4.75 25.28
C LEU B 333 33.76 -5.13 26.63
N CYS B 334 34.93 -4.59 26.95
CA CYS B 334 35.65 -4.92 28.18
C CYS B 334 36.08 -3.62 28.87
N PRO B 335 35.16 -2.92 29.51
CA PRO B 335 35.54 -1.71 30.26
C PRO B 335 36.40 -1.98 31.48
N GLU B 336 36.46 -3.24 31.95
CA GLU B 336 37.21 -3.53 33.17
C GLU B 336 38.70 -3.26 32.98
N GLU B 337 39.29 -3.76 31.91
CA GLU B 337 40.70 -3.52 31.66
C GLU B 337 40.90 -2.10 31.15
N PRO B 338 41.78 -1.31 31.76
CA PRO B 338 41.99 0.07 31.29
C PRO B 338 42.62 0.07 29.90
N PRO B 339 42.15 0.96 29.01
CA PRO B 339 42.71 0.99 27.65
C PRO B 339 44.16 1.44 27.60
N VAL B 340 44.66 2.08 28.65
CA VAL B 340 46.00 2.68 28.60
C VAL B 340 47.07 1.59 28.69
N HIS B 341 47.00 0.74 29.72
CA HIS B 341 48.08 -0.20 30.00
C HIS B 341 47.61 -1.22 31.03
N SER B 342 48.27 -2.37 31.02
CA SER B 342 48.04 -3.39 32.05
C SER B 342 48.71 -2.98 33.35
N SER B 343 48.26 -3.58 34.46
CA SER B 343 48.79 -3.21 35.76
C SER B 343 50.28 -3.53 35.89
N ALA B 344 50.70 -4.70 35.43
CA ALA B 344 52.11 -5.09 35.47
C ALA B 344 52.83 -4.46 34.27
N GLN B 345 53.14 -3.18 34.41
CA GLN B 345 53.76 -2.41 33.34
C GLN B 345 54.89 -1.56 33.91
N ILE B 346 55.92 -1.35 33.08
CA ILE B 346 57.07 -0.53 33.47
C ILE B 346 57.10 0.67 32.52
N VAL B 347 55.92 1.16 32.14
CA VAL B 347 55.86 2.32 31.25
C VAL B 347 56.47 3.53 31.94
N SER B 348 56.96 4.47 31.13
CA SER B 348 57.79 5.56 31.65
C SER B 348 57.00 6.60 32.43
N LYS B 349 55.69 6.70 32.19
CA LYS B 349 54.79 7.71 32.76
C LYS B 349 54.97 9.09 32.13
N HIS B 350 55.65 9.20 30.99
CA HIS B 350 55.79 10.50 30.33
C HIS B 350 54.64 10.77 29.36
N LEU B 351 53.41 10.60 29.84
CA LEU B 351 52.19 10.88 29.08
C LEU B 351 52.25 10.33 27.67
N VAL B 352 52.27 11.22 26.68
CA VAL B 352 52.36 10.95 25.25
C VAL B 352 51.56 9.73 24.82
N GLY B 353 50.44 9.47 25.50
CA GLY B 353 49.55 8.40 25.09
C GLY B 353 48.10 8.82 25.06
N VAL B 354 47.49 8.83 23.88
CA VAL B 354 46.08 9.16 23.70
C VAL B 354 45.46 8.10 22.80
N ASP B 355 44.42 7.43 23.29
CA ASP B 355 43.69 6.42 22.52
C ASP B 355 44.63 5.34 22.00
N SER B 356 45.51 4.87 22.89
CA SER B 356 46.53 3.89 22.53
C SER B 356 46.52 2.77 23.56
N LEU B 357 46.49 1.53 23.08
CA LEU B 357 46.54 0.37 23.96
C LEU B 357 47.98 -0.15 24.03
N ILE B 358 48.47 -0.31 25.26
CA ILE B 358 49.83 -0.80 25.50
C ILE B 358 49.74 -2.10 26.28
N GLY B 359 50.51 -3.09 25.85
CA GLY B 359 50.47 -4.40 26.46
C GLY B 359 51.23 -4.45 27.78
N PRO B 360 51.31 -5.64 28.35
CA PRO B 360 51.98 -5.80 29.64
C PRO B 360 53.50 -5.76 29.52
N GLU B 361 54.12 -5.20 30.55
CA GLU B 361 55.58 -5.06 30.71
C GLU B 361 56.28 -4.71 29.40
N THR B 362 55.88 -3.58 28.83
CA THR B 362 56.53 -3.01 27.65
C THR B 362 57.18 -1.70 28.08
N GLN B 363 58.41 -1.78 28.55
CA GLN B 363 59.10 -0.62 29.09
C GLN B 363 59.30 0.45 28.01
N ILE B 364 59.01 1.70 28.38
CA ILE B 364 59.18 2.84 27.50
C ILE B 364 60.30 3.72 28.05
N GLY B 365 61.09 4.29 27.13
CA GLY B 365 62.27 5.03 27.53
C GLY B 365 61.96 6.48 27.89
N GLU B 366 62.62 7.42 27.21
CA GLU B 366 62.48 8.83 27.54
C GLU B 366 61.68 9.55 26.46
N LYS B 367 60.62 10.23 26.89
CA LYS B 367 59.83 11.15 26.07
C LYS B 367 59.55 10.59 24.68
N SER B 368 58.85 9.46 24.65
CA SER B 368 58.46 8.84 23.40
C SER B 368 57.24 9.56 22.83
N SER B 369 56.65 9.00 21.77
CA SER B 369 55.46 9.61 21.16
C SER B 369 54.64 8.48 20.54
N ILE B 370 53.61 8.06 21.26
CA ILE B 370 52.69 7.01 20.79
C ILE B 370 51.35 7.69 20.53
N LYS B 371 51.02 7.88 19.26
CA LYS B 371 49.80 8.57 18.85
C LYS B 371 48.94 7.60 18.05
N ARG B 372 47.81 7.19 18.64
CA ARG B 372 46.84 6.33 17.97
C ARG B 372 47.48 5.04 17.44
N SER B 373 48.39 4.48 18.24
CA SER B 373 49.08 3.25 17.88
C SER B 373 48.96 2.24 19.01
N VAL B 374 48.89 0.97 18.64
CA VAL B 374 48.72 -0.13 19.59
C VAL B 374 50.08 -0.79 19.76
N ILE B 375 50.67 -0.64 20.95
CA ILE B 375 51.94 -1.29 21.26
C ILE B 375 51.65 -2.69 21.79
N GLY B 376 52.45 -3.66 21.36
CA GLY B 376 52.26 -5.05 21.75
C GLY B 376 52.69 -5.33 23.17
N SER B 377 53.18 -6.55 23.39
CA SER B 377 53.60 -7.02 24.70
C SER B 377 55.10 -7.19 24.74
N SER B 378 55.71 -6.83 25.87
CA SER B 378 57.15 -6.94 26.08
C SER B 378 57.95 -6.16 25.04
N CYS B 379 57.47 -4.97 24.68
CA CYS B 379 58.15 -4.11 23.73
C CYS B 379 59.06 -3.15 24.48
N LEU B 380 60.37 -3.27 24.27
CA LEU B 380 61.35 -2.47 24.99
C LEU B 380 61.60 -1.17 24.22
N ILE B 381 60.90 -0.12 24.62
CA ILE B 381 61.10 1.22 24.07
C ILE B 381 62.12 1.94 24.94
N LYS B 382 63.14 2.55 24.32
CA LYS B 382 64.29 3.05 25.05
C LYS B 382 64.67 4.49 24.71
N ASP B 383 63.90 5.18 23.88
CA ASP B 383 64.30 6.53 23.46
C ASP B 383 63.06 7.29 22.98
N ARG B 384 63.31 8.49 22.43
CA ARG B 384 62.24 9.37 21.95
C ARG B 384 61.81 8.90 20.55
N VAL B 385 60.95 7.89 20.54
CA VAL B 385 60.45 7.31 19.30
C VAL B 385 59.04 7.81 19.03
N THR B 386 58.81 8.30 17.81
CA THR B 386 57.50 8.78 17.39
C THR B 386 56.77 7.64 16.68
N ILE B 387 55.75 7.09 17.31
CA ILE B 387 54.95 6.02 16.75
C ILE B 387 53.55 6.56 16.51
N THR B 388 53.11 6.51 15.26
CA THR B 388 51.82 7.07 14.86
C THR B 388 51.09 6.04 13.98
N ASN B 389 49.94 5.57 14.48
CA ASN B 389 49.06 4.67 13.72
C ASN B 389 49.82 3.44 13.23
N CYS B 390 50.40 2.70 14.18
CA CYS B 390 51.25 1.57 13.84
C CYS B 390 50.93 0.37 14.73
N LEU B 391 51.33 -0.80 14.25
CA LEU B 391 51.11 -2.06 14.94
C LEU B 391 52.45 -2.74 15.19
N LEU B 392 52.65 -3.20 16.43
CA LEU B 392 53.80 -4.01 16.80
C LEU B 392 53.28 -5.20 17.58
N MET B 393 53.53 -6.41 17.08
CA MET B 393 52.95 -7.61 17.66
C MET B 393 53.42 -7.83 19.09
N ASN B 394 54.72 -8.09 19.27
CA ASN B 394 55.30 -8.28 20.59
C ASN B 394 56.81 -8.34 20.47
N SER B 395 57.49 -8.02 21.58
CA SER B 395 58.95 -8.11 21.67
C SER B 395 59.64 -7.31 20.56
N VAL B 396 59.19 -6.09 20.34
CA VAL B 396 59.79 -5.18 19.37
C VAL B 396 60.49 -4.06 20.15
N THR B 397 61.78 -3.88 19.88
CA THR B 397 62.62 -2.97 20.65
C THR B 397 63.13 -1.85 19.77
N VAL B 398 63.03 -0.62 20.27
CA VAL B 398 63.64 0.54 19.62
C VAL B 398 64.92 0.88 20.37
N GLU B 399 65.82 1.60 19.69
CA GLU B 399 67.14 1.87 20.27
C GLU B 399 67.38 3.35 20.54
N GLU B 400 67.34 4.20 19.52
CA GLU B 400 67.69 5.61 19.69
C GLU B 400 66.88 6.47 18.72
N GLY B 401 65.89 7.18 19.25
CA GLY B 401 65.17 8.22 18.51
C GLY B 401 64.74 7.87 17.10
N SER B 402 63.83 6.91 16.96
CA SER B 402 63.32 6.49 15.67
C SER B 402 61.98 7.16 15.38
N ASN B 403 61.54 7.04 14.13
CA ASN B 403 60.24 7.53 13.70
C ASN B 403 59.46 6.37 13.11
N ILE B 404 58.28 6.13 13.65
CA ILE B 404 57.44 5.00 13.26
C ILE B 404 56.09 5.55 12.81
N GLN B 405 55.73 5.31 11.55
CA GLN B 405 54.53 5.89 10.97
C GLN B 405 53.86 4.89 10.03
N GLY B 406 52.63 4.51 10.36
CA GLY B 406 51.81 3.71 9.48
C GLY B 406 52.41 2.39 9.08
N SER B 407 52.95 1.64 10.04
CA SER B 407 53.69 0.42 9.73
C SER B 407 53.28 -0.70 10.67
N VAL B 408 53.50 -1.93 10.21
CA VAL B 408 53.28 -3.14 11.00
C VAL B 408 54.63 -3.83 11.18
N ILE B 409 54.90 -4.27 12.40
CA ILE B 409 56.15 -4.93 12.76
C ILE B 409 55.81 -6.27 13.40
N CYS B 410 56.39 -7.35 12.88
CA CYS B 410 56.17 -8.66 13.45
C CYS B 410 57.01 -8.84 14.71
N ASN B 411 56.83 -9.98 15.37
CA ASN B 411 57.47 -10.24 16.65
C ASN B 411 58.97 -10.47 16.47
N ASN B 412 59.70 -10.28 17.58
CA ASN B 412 61.15 -10.52 17.63
C ASN B 412 61.91 -9.66 16.62
N ALA B 413 61.41 -8.46 16.34
CA ALA B 413 62.06 -7.54 15.42
C ALA B 413 62.73 -6.42 16.19
N VAL B 414 63.96 -6.08 15.80
CA VAL B 414 64.76 -5.07 16.48
C VAL B 414 65.22 -4.05 15.45
N ILE B 415 64.87 -2.78 15.66
CA ILE B 415 65.41 -1.71 14.83
C ILE B 415 66.70 -1.18 15.46
N GLU B 416 67.51 -0.51 14.64
CA GLU B 416 68.84 -0.08 15.05
C GLU B 416 68.96 1.43 14.92
N LYS B 417 69.37 2.08 16.01
CA LYS B 417 69.71 3.52 16.05
C LYS B 417 68.49 4.32 15.59
N GLY B 418 68.64 5.28 14.67
CA GLY B 418 67.61 6.24 14.38
C GLY B 418 66.92 6.08 13.04
N ALA B 419 66.57 4.84 12.68
CA ALA B 419 65.88 4.59 11.43
C ALA B 419 64.51 5.28 11.42
N ASP B 420 64.14 5.78 10.25
CA ASP B 420 62.84 6.41 10.04
C ASP B 420 61.95 5.46 9.25
N ILE B 421 60.76 5.20 9.77
CA ILE B 421 59.87 4.17 9.24
C ILE B 421 58.57 4.84 8.81
N LYS B 422 58.17 4.61 7.55
CA LYS B 422 56.91 5.12 7.03
C LYS B 422 56.35 4.14 6.03
N ASP B 423 55.12 3.69 6.29
CA ASP B 423 54.38 2.78 5.40
C ASP B 423 55.24 1.58 4.99
N CYS B 424 55.68 0.83 6.01
CA CYS B 424 56.58 -0.29 5.80
C CYS B 424 56.08 -1.51 6.58
N LEU B 425 56.58 -2.67 6.19
CA LEU B 425 56.34 -3.92 6.90
C LEU B 425 57.69 -4.54 7.23
N ILE B 426 57.94 -4.75 8.51
CA ILE B 426 59.21 -5.31 8.99
C ILE B 426 58.94 -6.73 9.46
N GLY B 427 59.68 -7.68 8.90
CA GLY B 427 59.47 -9.08 9.20
C GLY B 427 59.91 -9.46 10.60
N SER B 428 59.67 -10.72 10.94
CA SER B 428 60.00 -11.25 12.26
C SER B 428 61.48 -11.60 12.30
N GLY B 429 62.25 -10.81 13.03
CA GLY B 429 63.69 -11.01 13.14
C GLY B 429 64.52 -10.10 12.27
N GLN B 430 63.91 -9.26 11.45
CA GLN B 430 64.66 -8.36 10.58
C GLN B 430 65.36 -7.29 11.40
N ARG B 431 66.62 -7.03 11.05
CA ARG B 431 67.43 -6.00 11.70
C ARG B 431 67.71 -4.91 10.66
N ILE B 432 67.04 -3.76 10.82
CA ILE B 432 67.18 -2.63 9.90
C ILE B 432 67.89 -1.51 10.61
N GLU B 433 68.96 -0.99 10.00
CA GLU B 433 69.79 0.03 10.60
C GLU B 433 69.18 1.41 10.33
N ALA B 434 69.87 2.47 10.76
CA ALA B 434 69.37 3.83 10.63
C ALA B 434 69.34 4.25 9.17
N LYS B 435 68.14 4.30 8.59
CA LYS B 435 67.95 4.72 7.20
C LYS B 435 66.46 5.02 7.02
N ALA B 436 66.13 5.57 5.86
CA ALA B 436 64.76 5.85 5.48
C ALA B 436 64.21 4.66 4.70
N LYS B 437 63.05 4.15 5.13
CA LYS B 437 62.43 2.98 4.53
C LYS B 437 61.22 3.40 3.70
N ARG B 438 61.10 2.84 2.51
CA ARG B 438 60.06 3.20 1.57
C ARG B 438 58.84 2.29 1.77
N VAL B 439 57.91 2.33 0.82
CA VAL B 439 56.70 1.51 0.87
C VAL B 439 57.00 0.02 0.79
N ASN B 440 58.19 -0.35 0.34
CA ASN B 440 58.53 -1.75 0.09
C ASN B 440 58.29 -2.61 1.33
N GLU B 441 57.67 -3.77 1.12
CA GLU B 441 57.34 -4.69 2.21
C GLU B 441 58.45 -5.74 2.34
N VAL B 442 59.51 -5.35 3.04
CA VAL B 442 60.65 -6.23 3.23
C VAL B 442 60.26 -7.38 4.16
N ILE B 443 60.62 -8.60 3.77
CA ILE B 443 60.30 -9.80 4.52
C ILE B 443 61.58 -10.55 4.82
N VAL B 444 61.51 -11.47 5.78
CA VAL B 444 62.65 -12.28 6.19
C VAL B 444 63.26 -13.02 5.00
N GLY C 25 -17.46 41.13 -23.93
CA GLY C 25 -18.25 40.02 -23.42
C GLY C 25 -17.56 38.68 -23.57
N SER C 26 -16.49 38.66 -24.36
CA SER C 26 -15.74 37.42 -24.55
C SER C 26 -15.10 36.94 -23.26
N GLU C 27 -14.57 37.87 -22.45
CA GLU C 27 -13.97 37.49 -21.19
C GLU C 27 -15.02 36.93 -20.24
N LEU C 28 -16.25 37.46 -20.29
CA LEU C 28 -17.32 36.92 -19.46
C LEU C 28 -17.63 35.47 -19.83
N SER C 29 -17.72 35.18 -21.12
CA SER C 29 -17.96 33.82 -21.57
C SER C 29 -16.80 32.90 -21.19
N GLU C 30 -15.57 33.39 -21.32
CA GLU C 30 -14.42 32.59 -20.93
C GLU C 30 -14.46 32.28 -19.45
N ARG C 31 -14.83 33.25 -18.62
CA ARG C 31 -14.93 33.03 -17.19
C ARG C 31 -16.00 32.01 -16.84
N ILE C 32 -17.18 32.13 -17.45
CA ILE C 32 -18.26 31.19 -17.13
C ILE C 32 -17.89 29.78 -17.58
N GLU C 33 -17.29 29.64 -18.76
CA GLU C 33 -16.88 28.31 -19.22
C GLU C 33 -15.79 27.74 -18.34
N SER C 34 -14.83 28.57 -17.94
CA SER C 34 -13.75 28.10 -17.07
C SER C 34 -14.28 27.63 -15.73
N PHE C 35 -15.24 28.36 -15.16
CA PHE C 35 -15.84 27.93 -13.91
C PHE C 35 -16.64 26.63 -14.09
N VAL C 36 -17.29 26.48 -15.26
CA VAL C 36 -18.02 25.24 -15.53
C VAL C 36 -17.07 24.06 -15.57
N GLU C 37 -15.95 24.20 -16.28
CA GLU C 37 -14.98 23.09 -16.32
C GLU C 37 -14.32 22.87 -14.97
N THR C 38 -14.12 23.93 -14.19
CA THR C 38 -13.57 23.76 -12.85
C THR C 38 -14.51 22.94 -11.97
N LEU C 39 -15.81 23.23 -12.04
CA LEU C 39 -16.78 22.42 -11.31
C LEU C 39 -16.78 20.98 -11.82
N LYS C 40 -16.74 20.80 -13.14
CA LYS C 40 -16.83 19.47 -13.72
C LYS C 40 -15.64 18.60 -13.32
N ARG C 41 -14.43 19.15 -13.35
CA ARG C 41 -13.24 18.35 -13.09
C ARG C 41 -12.99 18.18 -11.60
N GLY C 42 -12.77 19.28 -10.89
CA GLY C 42 -12.51 19.20 -9.46
C GLY C 42 -12.93 20.45 -8.72
N GLY C 43 -13.73 20.28 -7.67
CA GLY C 43 -14.28 21.40 -6.93
C GLY C 43 -13.23 22.33 -6.34
N GLY C 44 -13.13 23.52 -6.91
CA GLY C 44 -12.20 24.52 -6.44
C GLY C 44 -12.83 25.89 -6.40
N PRO C 45 -12.62 26.62 -5.30
CA PRO C 45 -11.84 26.27 -4.10
C PRO C 45 -12.55 25.25 -3.22
N ARG C 46 -11.81 24.60 -2.31
CA ARG C 46 -12.40 23.57 -1.47
C ARG C 46 -13.45 24.15 -0.52
N SER C 47 -13.19 25.34 0.04
CA SER C 47 -14.13 25.94 0.98
C SER C 47 -15.43 26.29 0.28
N SER C 48 -16.55 25.98 0.96
CA SER C 48 -17.86 26.22 0.37
C SER C 48 -18.21 27.69 0.36
N GLU C 49 -17.86 28.42 1.43
CA GLU C 49 -18.19 29.84 1.50
C GLU C 49 -17.46 30.64 0.43
N GLU C 50 -16.18 30.33 0.19
CA GLU C 50 -15.43 31.01 -0.86
C GLU C 50 -16.01 30.72 -2.24
N MET C 51 -16.43 29.48 -2.46
CA MET C 51 -17.06 29.13 -3.74
C MET C 51 -18.38 29.88 -3.92
N ALA C 52 -19.17 30.01 -2.84
CA ALA C 52 -20.41 30.76 -2.93
C ALA C 52 -20.14 32.24 -3.22
N ARG C 53 -19.11 32.81 -2.59
CA ARG C 53 -18.76 34.20 -2.86
C ARG C 53 -18.29 34.38 -4.29
N GLU C 54 -17.51 33.43 -4.81
CA GLU C 54 -17.10 33.49 -6.21
C GLU C 54 -18.31 33.39 -7.15
N THR C 55 -19.28 32.55 -6.81
CA THR C 55 -20.49 32.47 -7.60
C THR C 55 -21.25 33.79 -7.58
N LEU C 56 -21.32 34.43 -6.41
CA LEU C 56 -21.95 35.75 -6.32
C LEU C 56 -21.22 36.76 -7.18
N GLY C 57 -19.89 36.78 -7.12
CA GLY C 57 -19.14 37.73 -7.92
C GLY C 57 -19.34 37.52 -9.41
N LEU C 58 -19.32 36.26 -9.86
CA LEU C 58 -19.50 36.00 -11.28
C LEU C 58 -20.93 36.31 -11.73
N LEU C 59 -21.91 36.02 -10.88
CA LEU C 59 -23.29 36.36 -11.20
C LEU C 59 -23.49 37.87 -11.30
N ARG C 60 -22.88 38.63 -10.37
CA ARG C 60 -22.94 40.07 -10.46
C ARG C 60 -22.26 40.58 -11.73
N GLN C 61 -21.12 39.98 -12.09
CA GLN C 61 -20.40 40.40 -13.29
C GLN C 61 -21.23 40.14 -14.54
N ILE C 62 -21.88 38.97 -14.63
CA ILE C 62 -22.71 38.71 -15.80
C ILE C 62 -23.97 39.56 -15.77
N ILE C 63 -24.40 39.99 -14.57
CA ILE C 63 -25.52 40.92 -14.47
C ILE C 63 -25.14 42.27 -15.08
N THR C 64 -23.96 42.79 -14.73
CA THR C 64 -23.62 44.15 -15.13
C THR C 64 -23.00 44.25 -16.52
N ASP C 65 -22.67 43.11 -17.15
CA ASP C 65 -22.07 43.10 -18.48
C ASP C 65 -22.96 42.41 -19.51
N HIS C 66 -24.26 42.71 -19.51
CA HIS C 66 -25.18 42.15 -20.48
C HIS C 66 -26.21 43.19 -20.90
N ARG C 67 -26.87 42.92 -22.02
CA ARG C 67 -27.87 43.81 -22.60
C ARG C 67 -29.25 43.19 -22.41
N TRP C 68 -30.19 44.01 -21.93
CA TRP C 68 -31.53 43.53 -21.62
C TRP C 68 -32.45 44.73 -21.50
N SER C 69 -33.76 44.46 -21.54
CA SER C 69 -34.78 45.48 -21.38
C SER C 69 -35.68 45.24 -20.18
N ASN C 70 -36.18 44.02 -20.02
CA ASN C 70 -37.09 43.66 -18.94
C ASN C 70 -36.38 42.70 -17.98
N ALA C 71 -37.14 42.19 -17.00
CA ALA C 71 -36.61 41.23 -16.06
C ALA C 71 -36.80 39.79 -16.52
N GLY C 72 -37.78 39.54 -17.38
CA GLY C 72 -38.06 38.17 -17.79
C GLY C 72 -36.93 37.54 -18.59
N GLU C 73 -36.40 38.27 -19.57
CA GLU C 73 -35.34 37.70 -20.41
C GLU C 73 -34.04 37.57 -19.63
N LEU C 74 -33.74 38.50 -18.72
CA LEU C 74 -32.57 38.35 -17.87
C LEU C 74 -32.73 37.17 -16.92
N MET C 75 -33.93 36.98 -16.37
CA MET C 75 -34.18 35.81 -15.54
C MET C 75 -34.00 34.52 -16.33
N GLU C 76 -34.47 34.51 -17.58
CA GLU C 76 -34.26 33.34 -18.44
C GLU C 76 -32.78 33.09 -18.70
N LEU C 77 -32.01 34.16 -18.93
CA LEU C 77 -30.58 34.00 -19.17
C LEU C 77 -29.88 33.43 -17.93
N ILE C 78 -30.20 33.95 -16.75
CA ILE C 78 -29.60 33.42 -15.53
C ILE C 78 -30.06 31.99 -15.30
N ARG C 79 -31.30 31.67 -15.67
CA ARG C 79 -31.79 30.30 -15.54
C ARG C 79 -31.02 29.35 -16.45
N ARG C 80 -30.72 29.78 -17.68
CA ARG C 80 -29.89 28.98 -18.57
C ARG C 80 -28.50 28.76 -17.99
N GLU C 81 -27.90 29.84 -17.48
CA GLU C 81 -26.57 29.72 -16.90
C GLU C 81 -26.58 28.76 -15.71
N GLY C 82 -27.56 28.90 -14.82
CA GLY C 82 -27.65 28.02 -13.67
C GLY C 82 -27.95 26.58 -14.04
N ARG C 83 -28.77 26.38 -15.08
CA ARG C 83 -29.07 25.03 -15.53
C ARG C 83 -27.81 24.34 -16.03
N ARG C 84 -27.02 25.04 -16.85
CA ARG C 84 -25.72 24.50 -17.24
C ARG C 84 -24.83 24.27 -16.03
N MET C 85 -24.87 25.19 -15.06
CA MET C 85 -23.97 25.15 -13.91
C MET C 85 -24.22 23.92 -13.06
N THR C 86 -25.50 23.63 -12.77
CA THR C 86 -25.83 22.44 -12.00
C THR C 86 -25.88 21.18 -12.85
N ALA C 87 -25.93 21.30 -14.18
CA ALA C 87 -25.75 20.13 -15.01
C ALA C 87 -24.30 19.68 -15.04
N ALA C 88 -23.37 20.63 -14.87
CA ALA C 88 -21.96 20.25 -14.76
C ALA C 88 -21.71 19.39 -13.52
N GLN C 89 -22.34 19.74 -12.39
CA GLN C 89 -22.17 18.98 -11.15
C GLN C 89 -23.46 19.03 -10.36
N PRO C 90 -24.33 18.03 -10.51
CA PRO C 90 -25.55 17.98 -9.70
C PRO C 90 -25.28 17.83 -8.21
N SER C 91 -24.15 17.27 -7.83
CA SER C 91 -23.83 17.03 -6.43
C SER C 91 -23.54 18.31 -5.66
N GLU C 92 -23.32 19.43 -6.35
CA GLU C 92 -23.02 20.71 -5.71
C GLU C 92 -24.27 21.57 -5.79
N THR C 93 -24.91 21.78 -4.64
CA THR C 93 -26.14 22.56 -4.58
C THR C 93 -25.92 24.03 -4.23
N THR C 94 -24.70 24.41 -3.84
CA THR C 94 -24.45 25.79 -3.43
C THR C 94 -24.66 26.75 -4.60
N VAL C 95 -24.16 26.40 -5.78
CA VAL C 95 -24.31 27.27 -6.94
C VAL C 95 -25.79 27.43 -7.30
N GLY C 96 -26.54 26.33 -7.29
CA GLY C 96 -27.96 26.41 -7.57
C GLY C 96 -28.72 27.25 -6.55
N ASN C 97 -28.40 27.08 -5.27
CA ASN C 97 -29.03 27.88 -4.23
C ASN C 97 -28.74 29.36 -4.42
N MET C 98 -27.49 29.70 -4.76
CA MET C 98 -27.13 31.10 -4.88
C MET C 98 -27.74 31.71 -6.13
N VAL C 99 -27.85 30.94 -7.21
CA VAL C 99 -28.56 31.40 -8.40
C VAL C 99 -30.03 31.65 -8.07
N ARG C 100 -30.64 30.75 -7.29
CA ARG C 100 -32.01 30.96 -6.86
C ARG C 100 -32.13 32.22 -6.00
N ARG C 101 -31.15 32.48 -5.15
CA ARG C 101 -31.15 33.72 -4.37
C ARG C 101 -31.08 34.94 -5.27
N VAL C 102 -30.24 34.89 -6.30
CA VAL C 102 -30.15 36.00 -7.24
C VAL C 102 -31.49 36.22 -7.95
N LEU C 103 -32.12 35.13 -8.40
CA LEU C 103 -33.42 35.25 -9.04
C LEU C 103 -34.46 35.85 -8.08
N LYS C 104 -34.48 35.39 -6.83
CA LYS C 104 -35.44 35.89 -5.86
C LYS C 104 -35.23 37.38 -5.58
N ILE C 105 -33.97 37.80 -5.42
CA ILE C 105 -33.72 39.20 -5.08
C ILE C 105 -34.03 40.09 -6.29
N ILE C 106 -33.80 39.59 -7.50
CA ILE C 106 -34.23 40.31 -8.69
C ILE C 106 -35.74 40.46 -8.71
N ARG C 107 -36.47 39.40 -8.36
CA ARG C 107 -37.93 39.48 -8.31
C ARG C 107 -38.38 40.48 -7.25
N GLU C 108 -37.71 40.53 -6.10
CA GLU C 108 -38.04 41.54 -5.09
C GLU C 108 -37.81 42.95 -5.63
N GLU C 109 -36.69 43.16 -6.33
CA GLU C 109 -36.42 44.47 -6.90
C GLU C 109 -37.50 44.86 -7.91
N TYR C 110 -37.93 43.92 -8.73
CA TYR C 110 -38.99 44.21 -9.70
C TYR C 110 -40.31 44.50 -9.02
N GLY C 111 -40.67 43.70 -8.01
CA GLY C 111 -41.95 43.87 -7.35
C GLY C 111 -42.04 45.16 -6.56
N ARG C 112 -40.95 45.54 -5.87
CA ARG C 112 -40.95 46.78 -5.11
C ARG C 112 -40.98 48.02 -5.99
N LEU C 113 -40.76 47.86 -7.30
CA LEU C 113 -40.80 48.97 -8.24
C LEU C 113 -42.03 48.96 -9.15
N HIS C 114 -42.54 47.78 -9.51
CA HIS C 114 -43.73 47.69 -10.35
C HIS C 114 -45.01 48.02 -9.58
N GLY C 115 -45.08 47.62 -8.31
CA GLY C 115 -46.26 47.88 -7.49
C GLY C 115 -46.36 49.32 -7.05
N HIS C 142 -39.45 52.51 -15.70
CA HIS C 142 -39.58 51.42 -14.76
C HIS C 142 -38.77 50.20 -15.20
N TYR C 143 -37.87 50.42 -16.15
CA TYR C 143 -37.06 49.34 -16.71
C TYR C 143 -35.57 49.59 -16.59
N ALA C 144 -35.11 50.82 -16.79
CA ALA C 144 -33.68 51.10 -16.84
C ALA C 144 -33.04 51.13 -15.45
N GLN C 145 -33.77 51.59 -14.43
CA GLN C 145 -33.21 51.82 -13.11
C GLN C 145 -33.04 50.55 -12.27
N LEU C 146 -33.17 49.37 -12.87
CA LEU C 146 -33.01 48.13 -12.11
C LEU C 146 -31.55 47.82 -11.84
N GLN C 147 -30.63 48.35 -12.65
CA GLN C 147 -29.22 47.99 -12.54
C GLN C 147 -28.66 48.38 -11.18
N SER C 148 -28.89 49.63 -10.77
CA SER C 148 -28.36 50.10 -9.50
C SER C 148 -28.92 49.32 -8.32
N ASN C 149 -30.23 49.07 -8.33
CA ASN C 149 -30.85 48.32 -7.24
C ASN C 149 -30.28 46.92 -7.16
N ILE C 150 -30.15 46.24 -8.30
CA ILE C 150 -29.62 44.88 -8.30
C ILE C 150 -28.17 44.88 -7.81
N ILE C 151 -27.37 45.86 -8.26
CA ILE C 151 -25.95 45.87 -7.89
C ILE C 151 -25.79 46.14 -6.40
N GLU C 152 -26.50 47.13 -5.86
CA GLU C 152 -26.38 47.42 -4.44
C GLU C 152 -26.89 46.27 -3.58
N ALA C 153 -28.00 45.65 -3.99
CA ALA C 153 -28.54 44.53 -3.24
C ALA C 153 -27.59 43.34 -3.26
N ILE C 154 -26.98 43.06 -4.41
CA ILE C 154 -26.02 41.97 -4.52
C ILE C 154 -24.80 42.25 -3.65
N ASN C 155 -24.35 43.51 -3.63
CA ASN C 155 -23.21 43.88 -2.80
C ASN C 155 -23.55 43.69 -1.31
N GLU C 156 -24.76 44.08 -0.91
CA GLU C 156 -25.18 43.87 0.47
C GLU C 156 -25.22 42.39 0.82
N LEU C 157 -25.73 41.57 -0.11
CA LEU C 157 -25.77 40.13 0.13
C LEU C 157 -24.37 39.55 0.27
N LEU C 158 -23.43 39.99 -0.57
CA LEU C 158 -22.06 39.51 -0.46
C LEU C 158 -21.43 39.94 0.86
N VAL C 159 -21.64 41.20 1.26
CA VAL C 159 -21.08 41.70 2.51
C VAL C 159 -21.60 40.89 3.69
N GLU C 160 -22.91 40.60 3.69
CA GLU C 160 -23.46 39.74 4.72
C GLU C 160 -22.89 38.33 4.63
N LEU C 161 -22.63 37.84 3.42
CA LEU C 161 -22.07 36.50 3.24
C LEU C 161 -20.67 36.40 3.82
N GLU C 162 -19.92 37.50 3.85
CA GLU C 162 -18.61 37.48 4.48
C GLU C 162 -18.71 37.17 5.97
N GLY C 163 -19.78 37.63 6.62
CA GLY C 163 -19.90 37.51 8.06
C GLY C 163 -20.85 36.44 8.56
N THR C 164 -20.85 35.26 7.94
CA THR C 164 -21.68 34.15 8.38
C THR C 164 -20.92 33.13 9.22
N MET C 165 -19.70 33.44 9.63
CA MET C 165 -18.90 32.54 10.46
C MET C 165 -18.89 32.97 11.92
N GLU C 166 -18.65 34.26 12.19
CA GLU C 166 -18.61 34.74 13.57
C GLU C 166 -19.98 34.63 14.22
N ASN C 167 -21.05 34.93 13.47
CA ASN C 167 -22.40 34.81 14.03
C ASN C 167 -22.73 33.38 14.42
N ILE C 168 -22.33 32.40 13.58
CA ILE C 168 -22.55 31.01 13.92
C ILE C 168 -21.70 30.60 15.12
N ALA C 169 -20.45 31.04 15.16
CA ALA C 169 -19.55 30.64 16.25
C ALA C 169 -19.96 31.26 17.57
N ALA C 170 -20.62 32.42 17.56
CA ALA C 170 -20.93 33.13 18.79
C ALA C 170 -21.85 32.34 19.72
N GLN C 171 -22.52 31.32 19.20
CA GLN C 171 -23.41 30.49 20.02
C GLN C 171 -22.70 29.28 20.62
N ALA C 172 -21.37 29.20 20.49
CA ALA C 172 -20.65 28.06 21.02
C ALA C 172 -20.62 28.04 22.54
N LEU C 173 -20.61 29.22 23.16
CA LEU C 173 -20.55 29.28 24.63
C LEU C 173 -21.80 28.67 25.26
N GLU C 174 -22.97 28.92 24.66
CA GLU C 174 -24.21 28.42 25.24
C GLU C 174 -24.32 26.91 25.11
N HIS C 175 -23.91 26.36 23.96
CA HIS C 175 -24.10 24.93 23.72
C HIS C 175 -23.01 24.09 24.40
N ILE C 176 -21.76 24.34 24.06
CA ILE C 176 -20.65 23.54 24.57
C ILE C 176 -20.36 23.94 26.01
N HIS C 177 -20.13 22.93 26.86
CA HIS C 177 -19.85 23.12 28.27
C HIS C 177 -18.43 22.63 28.58
N SER C 178 -18.08 22.63 29.86
CA SER C 178 -16.77 22.19 30.31
C SER C 178 -16.81 20.70 30.65
N ASN C 179 -15.72 19.99 30.30
CA ASN C 179 -15.58 18.56 30.57
C ASN C 179 -16.73 17.77 29.92
N GLU C 180 -16.90 17.98 28.62
CA GLU C 180 -17.92 17.28 27.85
C GLU C 180 -17.28 16.77 26.57
N VAL C 181 -17.52 15.50 26.24
CA VAL C 181 -16.92 14.90 25.06
C VAL C 181 -17.74 15.27 23.83
N ILE C 182 -17.07 15.79 22.82
CA ILE C 182 -17.69 16.25 21.58
C ILE C 182 -17.02 15.53 20.41
N MET C 183 -17.84 15.01 19.49
CA MET C 183 -17.36 14.27 18.33
C MET C 183 -17.64 15.05 17.06
N THR C 184 -16.69 15.02 16.14
CA THR C 184 -16.84 15.60 14.81
C THR C 184 -16.22 14.65 13.79
N ILE C 185 -16.93 14.45 12.68
CA ILE C 185 -16.50 13.53 11.63
C ILE C 185 -16.12 14.35 10.40
N GLY C 186 -14.93 14.08 9.85
CA GLY C 186 -14.47 14.77 8.66
C GLY C 186 -13.97 16.16 8.95
N PHE C 187 -13.69 16.89 7.86
CA PHE C 187 -13.18 18.24 7.94
C PHE C 187 -14.32 19.22 7.66
N SER C 188 -14.55 20.12 8.61
CA SER C 188 -15.59 21.16 8.46
C SER C 188 -15.05 22.43 9.10
N ARG C 189 -14.87 23.48 8.29
CA ARG C 189 -14.31 24.72 8.79
C ARG C 189 -15.22 25.37 9.82
N THR C 190 -16.54 25.32 9.60
CA THR C 190 -17.48 25.91 10.54
C THR C 190 -17.39 25.24 11.90
N VAL C 191 -17.38 23.90 11.91
CA VAL C 191 -17.29 23.17 13.17
C VAL C 191 -15.92 23.38 13.82
N GLU C 192 -14.87 23.47 13.01
CA GLU C 192 -13.54 23.71 13.55
C GLU C 192 -13.49 25.06 14.27
N ALA C 193 -14.02 26.10 13.64
CA ALA C 193 -14.08 27.41 14.28
C ALA C 193 -14.96 27.38 15.53
N PHE C 194 -16.09 26.66 15.45
CA PHE C 194 -16.98 26.50 16.60
C PHE C 194 -16.23 25.95 17.80
N LEU C 195 -15.54 24.82 17.60
CA LEU C 195 -14.81 24.18 18.69
C LEU C 195 -13.65 25.03 19.17
N LYS C 196 -12.92 25.64 18.24
CA LYS C 196 -11.75 26.43 18.63
C LYS C 196 -12.14 27.67 19.44
N GLU C 197 -13.23 28.33 19.07
CA GLU C 197 -13.68 29.48 19.85
C GLU C 197 -14.37 29.08 21.15
N ALA C 198 -15.02 27.91 21.19
CA ALA C 198 -15.58 27.43 22.44
C ALA C 198 -14.50 27.05 23.44
N ALA C 199 -13.38 26.50 22.96
CA ALA C 199 -12.29 26.09 23.83
C ALA C 199 -11.52 27.26 24.43
N ARG C 200 -11.77 28.49 23.96
CA ARG C 200 -11.04 29.65 24.47
C ARG C 200 -11.28 29.88 25.95
N LYS C 201 -12.38 29.38 26.51
CA LYS C 201 -12.68 29.55 27.92
C LYS C 201 -13.10 28.27 28.61
N ARG C 202 -13.19 27.16 27.89
CA ARG C 202 -13.61 25.88 28.46
C ARG C 202 -12.62 24.79 28.06
N LYS C 203 -12.51 23.79 28.92
CA LYS C 203 -11.67 22.62 28.67
C LYS C 203 -12.56 21.40 28.49
N PHE C 204 -12.37 20.68 27.39
CA PHE C 204 -13.19 19.52 27.08
C PHE C 204 -12.40 18.58 26.17
N HIS C 205 -12.96 17.40 25.94
CA HIS C 205 -12.33 16.36 25.14
C HIS C 205 -13.06 16.24 23.81
N VAL C 206 -12.30 16.28 22.71
CA VAL C 206 -12.84 16.12 21.37
C VAL C 206 -12.24 14.86 20.76
N ILE C 207 -13.10 14.00 20.23
CA ILE C 207 -12.70 12.78 19.55
C ILE C 207 -13.11 12.91 18.10
N VAL C 208 -12.14 12.91 17.20
CA VAL C 208 -12.39 13.13 15.78
C VAL C 208 -12.24 11.80 15.05
N ALA C 209 -13.25 11.46 14.24
CA ALA C 209 -13.23 10.22 13.47
C ALA C 209 -12.88 10.54 12.01
N GLU C 210 -11.84 9.88 11.51
CA GLU C 210 -11.41 10.10 10.14
C GLU C 210 -12.41 9.47 9.16
N CYS C 211 -12.50 10.06 7.98
CA CYS C 211 -13.32 9.49 6.92
C CYS C 211 -12.61 8.30 6.30
N ALA C 212 -13.41 7.40 5.69
CA ALA C 212 -12.84 6.15 5.17
C ALA C 212 -12.00 6.36 3.91
N PRO C 213 -12.52 6.90 2.81
CA PRO C 213 -11.70 6.96 1.60
C PRO C 213 -10.59 7.99 1.68
N PHE C 214 -10.89 9.19 2.21
CA PHE C 214 -9.89 10.23 2.42
C PHE C 214 -9.86 10.53 3.91
N CYS C 215 -8.73 10.26 4.55
CA CYS C 215 -8.60 10.50 5.99
C CYS C 215 -8.49 11.99 6.27
N GLN C 216 -9.59 12.72 6.06
CA GLN C 216 -9.61 14.16 6.29
C GLN C 216 -9.79 14.53 7.74
N GLY C 217 -10.14 13.57 8.59
CA GLY C 217 -10.24 13.85 10.02
C GLY C 217 -8.90 14.09 10.68
N HIS C 218 -7.82 13.58 10.09
CA HIS C 218 -6.49 13.84 10.64
C HIS C 218 -6.16 15.32 10.60
N GLU C 219 -6.49 16.00 9.51
CA GLU C 219 -6.22 17.42 9.40
C GLU C 219 -7.00 18.21 10.44
N MET C 220 -8.28 17.88 10.62
CA MET C 220 -9.09 18.56 11.62
C MET C 220 -8.56 18.32 13.03
N ALA C 221 -8.17 17.07 13.32
CA ALA C 221 -7.61 16.76 14.63
C ALA C 221 -6.31 17.52 14.88
N VAL C 222 -5.46 17.62 13.86
CA VAL C 222 -4.20 18.36 14.00
C VAL C 222 -4.49 19.84 14.23
N ASN C 223 -5.44 20.40 13.47
CA ASN C 223 -5.76 21.81 13.63
C ASN C 223 -6.32 22.10 15.02
N LEU C 224 -7.20 21.24 15.52
CA LEU C 224 -7.77 21.46 16.84
C LEU C 224 -6.72 21.26 17.94
N SER C 225 -5.84 20.26 17.77
CA SER C 225 -4.83 19.99 18.78
C SER C 225 -3.77 21.09 18.85
N LYS C 226 -3.63 21.89 17.79
CA LYS C 226 -2.67 22.99 17.81
C LYS C 226 -3.05 24.03 18.85
N ALA C 227 -4.34 24.15 19.17
CA ALA C 227 -4.82 25.08 20.18
C ALA C 227 -4.88 24.48 21.58
N GLY C 228 -4.55 23.20 21.74
CA GLY C 228 -4.60 22.57 23.04
C GLY C 228 -6.00 22.19 23.46
N ILE C 229 -6.64 21.31 22.71
CA ILE C 229 -8.01 20.89 22.95
C ILE C 229 -8.10 19.42 23.36
N GLU C 230 -6.98 18.70 23.35
CA GLU C 230 -6.92 17.28 23.70
C GLU C 230 -7.78 16.45 22.75
N THR C 231 -7.37 16.46 21.49
CA THR C 231 -8.07 15.73 20.44
C THR C 231 -7.75 14.23 20.50
N THR C 232 -8.56 13.45 19.79
CA THR C 232 -8.37 12.01 19.69
C THR C 232 -8.79 11.56 18.30
N VAL C 233 -8.06 10.59 17.75
CA VAL C 233 -8.28 10.10 16.39
C VAL C 233 -8.54 8.60 16.46
N MET C 234 -9.59 8.16 15.76
CA MET C 234 -9.90 6.73 15.64
C MET C 234 -10.36 6.45 14.21
N THR C 235 -10.71 5.21 13.96
CA THR C 235 -11.30 4.83 12.69
C THR C 235 -12.82 4.95 12.75
N ASP C 236 -13.46 4.74 11.61
CA ASP C 236 -14.92 4.83 11.54
C ASP C 236 -15.61 3.71 12.30
N ALA C 237 -14.90 2.62 12.60
CA ALA C 237 -15.51 1.46 13.24
C ALA C 237 -15.62 1.59 14.75
N ALA C 238 -14.96 2.57 15.36
CA ALA C 238 -14.98 2.76 16.80
C ALA C 238 -16.11 3.68 17.25
N ILE C 239 -16.99 4.09 16.34
CA ILE C 239 -18.05 5.05 16.67
C ILE C 239 -18.98 4.46 17.73
N PHE C 240 -19.49 3.25 17.47
CA PHE C 240 -20.40 2.62 18.41
C PHE C 240 -19.69 2.23 19.70
N ALA C 241 -18.39 1.96 19.63
CA ALA C 241 -17.65 1.60 20.84
C ALA C 241 -17.45 2.80 21.74
N VAL C 242 -17.22 3.99 21.16
CA VAL C 242 -16.96 5.19 21.95
C VAL C 242 -18.23 6.02 22.19
N MET C 243 -19.37 5.58 21.66
CA MET C 243 -20.62 6.30 21.95
C MET C 243 -20.98 6.32 23.44
N SER C 244 -20.39 5.44 24.24
CA SER C 244 -20.81 5.31 25.63
C SER C 244 -20.59 6.59 26.43
N ARG C 245 -19.38 7.16 26.32
CA ARG C 245 -19.02 8.34 27.12
C ARG C 245 -19.14 9.65 26.36
N VAL C 246 -19.63 9.63 25.11
CA VAL C 246 -19.74 10.86 24.34
C VAL C 246 -20.95 11.65 24.81
N ASN C 247 -20.72 12.87 25.29
CA ASN C 247 -21.81 13.69 25.80
C ASN C 247 -22.63 14.30 24.67
N LYS C 248 -21.98 14.74 23.58
CA LYS C 248 -22.68 15.41 22.50
C LYS C 248 -21.92 15.18 21.20
N VAL C 249 -22.65 15.28 20.09
CA VAL C 249 -22.08 15.13 18.76
C VAL C 249 -22.36 16.41 17.99
N ILE C 250 -21.30 17.07 17.52
CA ILE C 250 -21.39 18.31 16.76
C ILE C 250 -20.62 18.12 15.46
N ILE C 251 -21.33 18.03 14.34
CA ILE C 251 -20.73 17.82 13.04
C ILE C 251 -21.34 18.81 12.04
N GLY C 252 -20.63 18.96 10.92
CA GLY C 252 -21.10 19.80 9.83
C GLY C 252 -21.84 19.01 8.77
N THR C 253 -22.15 19.70 7.67
CA THR C 253 -22.87 19.08 6.57
C THR C 253 -22.56 19.84 5.29
N LYS C 254 -23.08 19.32 4.17
CA LYS C 254 -22.89 19.91 2.85
C LYS C 254 -24.15 20.56 2.29
N THR C 255 -25.32 19.94 2.49
CA THR C 255 -26.57 20.47 1.95
C THR C 255 -27.71 20.11 2.88
N ILE C 256 -28.53 21.10 3.22
CA ILE C 256 -29.72 20.90 4.04
C ILE C 256 -30.92 20.86 3.12
N LEU C 257 -31.72 19.79 3.23
CA LEU C 257 -32.84 19.58 2.34
C LEU C 257 -34.11 20.20 2.92
N ALA C 258 -35.23 19.98 2.22
CA ALA C 258 -36.49 20.64 2.58
C ALA C 258 -36.99 20.18 3.95
N ASN C 259 -36.92 18.88 4.23
CA ASN C 259 -37.43 18.34 5.48
C ASN C 259 -36.46 18.47 6.64
N GLY C 260 -35.28 19.03 6.40
CA GLY C 260 -34.24 19.08 7.40
C GLY C 260 -33.18 18.00 7.28
N ALA C 261 -33.22 17.23 6.21
CA ALA C 261 -32.25 16.15 6.01
C ALA C 261 -30.87 16.74 5.69
N LEU C 262 -29.89 15.85 5.58
CA LEU C 262 -28.51 16.23 5.37
C LEU C 262 -27.93 15.49 4.17
N ARG C 263 -26.90 16.09 3.59
CA ARG C 263 -26.13 15.51 2.50
C ARG C 263 -24.64 15.56 2.83
N ALA C 264 -24.31 15.20 4.06
CA ALA C 264 -22.94 15.27 4.54
C ALA C 264 -22.10 14.14 3.94
N VAL C 265 -20.84 14.07 4.38
CA VAL C 265 -19.90 13.07 3.89
C VAL C 265 -20.36 11.67 4.31
N THR C 266 -19.78 10.66 3.69
CA THR C 266 -20.17 9.28 3.98
C THR C 266 -19.84 8.93 5.43
N GLY C 267 -20.70 8.08 6.01
CA GLY C 267 -20.59 7.72 7.41
C GLY C 267 -21.38 8.59 8.36
N THR C 268 -21.98 9.68 7.86
CA THR C 268 -22.76 10.56 8.72
C THR C 268 -24.04 9.87 9.19
N HIS C 269 -24.68 9.09 8.32
CA HIS C 269 -25.89 8.38 8.71
C HIS C 269 -25.62 7.39 9.83
N THR C 270 -24.51 6.66 9.75
CA THR C 270 -24.15 5.73 10.82
C THR C 270 -23.90 6.46 12.13
N LEU C 271 -23.22 7.61 12.07
CA LEU C 271 -22.98 8.39 13.28
C LEU C 271 -24.29 8.87 13.89
N ALA C 272 -25.22 9.35 13.06
CA ALA C 272 -26.51 9.80 13.57
C ALA C 272 -27.30 8.65 14.17
N LEU C 273 -27.27 7.48 13.54
CA LEU C 273 -27.97 6.32 14.09
C LEU C 273 -27.38 5.91 15.43
N ALA C 274 -26.05 5.89 15.54
CA ALA C 274 -25.41 5.55 16.80
C ALA C 274 -25.72 6.57 17.88
N ALA C 275 -25.76 7.86 17.53
CA ALA C 275 -26.12 8.89 18.49
C ALA C 275 -27.57 8.75 18.96
N LYS C 276 -28.49 8.42 18.06
CA LYS C 276 -29.88 8.19 18.44
C LYS C 276 -30.05 6.96 19.30
N HIS C 277 -29.29 5.90 19.04
CA HIS C 277 -29.40 4.68 19.84
C HIS C 277 -29.09 4.94 21.31
N HIS C 278 -28.05 5.73 21.57
CA HIS C 278 -27.66 6.08 22.93
C HIS C 278 -28.29 7.38 23.41
N SER C 279 -29.18 7.97 22.61
CA SER C 279 -29.91 9.18 22.98
C SER C 279 -28.97 10.35 23.29
N THR C 280 -27.87 10.43 22.54
CA THR C 280 -26.96 11.57 22.65
C THR C 280 -27.35 12.63 21.64
N PRO C 281 -27.59 13.87 22.05
CA PRO C 281 -28.05 14.89 21.09
C PRO C 281 -27.02 15.14 20.00
N LEU C 282 -27.51 15.38 18.79
CA LEU C 282 -26.68 15.67 17.64
C LEU C 282 -26.94 17.09 17.17
N ILE C 283 -25.87 17.87 17.02
CA ILE C 283 -25.95 19.28 16.67
C ILE C 283 -25.28 19.47 15.32
N VAL C 284 -25.97 20.17 14.41
CA VAL C 284 -25.48 20.44 13.06
C VAL C 284 -25.31 21.94 12.90
N CYS C 285 -24.11 22.36 12.51
CA CYS C 285 -23.80 23.75 12.25
C CYS C 285 -23.52 23.92 10.76
N ALA C 286 -24.28 24.81 10.11
CA ALA C 286 -24.13 25.01 8.68
C ALA C 286 -24.57 26.43 8.32
N PRO C 287 -23.91 27.05 7.34
CA PRO C 287 -24.35 28.39 6.90
C PRO C 287 -25.70 28.32 6.20
N MET C 288 -26.31 29.50 6.06
CA MET C 288 -27.66 29.59 5.53
C MET C 288 -27.72 29.16 4.06
N PHE C 289 -26.71 29.53 3.26
CA PHE C 289 -26.77 29.26 1.83
C PHE C 289 -26.68 27.78 1.50
N LYS C 290 -26.19 26.96 2.43
CA LYS C 290 -26.13 25.52 2.18
C LYS C 290 -27.54 24.90 2.12
N LEU C 291 -28.52 25.56 2.73
CA LEU C 291 -29.89 25.06 2.68
C LEU C 291 -30.41 25.10 1.25
N SER C 292 -31.00 23.99 0.81
CA SER C 292 -31.46 23.86 -0.57
C SER C 292 -32.95 23.49 -0.61
N PRO C 293 -33.69 23.96 -1.61
CA PRO C 293 -35.10 23.59 -1.74
C PRO C 293 -35.34 22.21 -2.34
N GLN C 294 -34.29 21.47 -2.65
CA GLN C 294 -34.45 20.14 -3.24
C GLN C 294 -35.06 19.17 -2.25
N PHE C 295 -35.98 18.35 -2.75
CA PHE C 295 -36.55 17.28 -1.94
C PHE C 295 -35.51 16.18 -1.74
N PRO C 296 -35.69 15.32 -0.71
CA PRO C 296 -34.64 14.35 -0.35
C PRO C 296 -34.05 13.56 -1.51
N ASN C 297 -34.89 12.84 -2.25
CA ASN C 297 -34.38 12.02 -3.36
C ASN C 297 -35.49 11.63 -4.33
N GLU C 298 -35.23 11.81 -5.62
CA GLU C 298 -36.15 11.38 -6.67
C GLU C 298 -35.66 10.14 -7.40
N GLU C 299 -34.35 9.92 -7.48
CA GLU C 299 -33.78 8.77 -8.17
C GLU C 299 -32.38 8.53 -7.59
N ASP C 300 -31.60 7.72 -8.29
CA ASP C 300 -30.24 7.41 -7.86
C ASP C 300 -29.33 8.61 -8.17
N SER C 301 -28.03 8.41 -7.99
CA SER C 301 -26.98 9.41 -8.21
C SER C 301 -27.10 10.60 -7.27
N PHE C 302 -27.84 10.46 -6.16
CA PHE C 302 -27.87 11.52 -5.16
C PHE C 302 -26.50 11.70 -4.51
N HIS C 303 -25.72 10.63 -4.45
CA HIS C 303 -24.34 10.69 -3.97
C HIS C 303 -23.39 10.53 -5.15
N LYS C 304 -22.37 11.38 -5.21
CA LYS C 304 -21.40 11.31 -6.30
C LYS C 304 -20.42 10.18 -6.04
N PHE C 305 -20.04 9.49 -7.11
CA PHE C 305 -19.14 8.34 -7.03
C PHE C 305 -17.78 8.73 -7.65
N VAL C 306 -16.77 8.82 -6.80
CA VAL C 306 -15.39 9.04 -7.26
C VAL C 306 -14.80 7.70 -7.67
N ALA C 307 -13.62 7.74 -8.29
CA ALA C 307 -13.01 6.54 -8.81
C ALA C 307 -12.79 5.52 -7.69
N PRO C 308 -13.00 4.23 -7.95
CA PRO C 308 -12.78 3.21 -6.91
C PRO C 308 -11.33 3.03 -6.49
N GLU C 309 -10.40 3.75 -7.12
CA GLU C 309 -9.00 3.65 -6.72
C GLU C 309 -8.80 4.08 -5.28
N GLU C 310 -9.64 4.99 -4.77
CA GLU C 310 -9.50 5.45 -3.41
C GLU C 310 -9.73 4.32 -2.41
N VAL C 311 -10.72 3.47 -2.66
CA VAL C 311 -11.05 2.42 -1.70
C VAL C 311 -10.14 1.21 -1.88
N LEU C 312 -10.04 0.70 -3.10
CA LEU C 312 -9.26 -0.50 -3.39
C LEU C 312 -8.20 -0.15 -4.43
N PRO C 313 -6.93 -0.41 -4.16
CA PRO C 313 -5.86 0.04 -5.06
C PRO C 313 -5.77 -0.82 -6.32
N PHE C 314 -5.03 -0.28 -7.29
CA PHE C 314 -4.84 -0.98 -8.57
C PHE C 314 -3.93 -2.19 -8.42
N THR C 315 -3.01 -2.17 -7.46
CA THR C 315 -2.00 -3.22 -7.31
C THR C 315 -2.55 -4.51 -6.74
N GLU C 316 -3.88 -4.67 -6.64
CA GLU C 316 -4.44 -5.90 -6.09
C GLU C 316 -4.11 -7.10 -6.96
N GLY C 317 -4.25 -6.96 -8.28
CA GLY C 317 -3.89 -8.00 -9.21
C GLY C 317 -5.08 -8.40 -10.09
N ASP C 318 -5.16 -9.69 -10.40
CA ASP C 318 -6.20 -10.19 -11.30
C ASP C 318 -7.58 -10.17 -10.67
N ILE C 319 -7.66 -10.06 -9.33
CA ILE C 319 -8.95 -10.07 -8.66
C ILE C 319 -9.77 -8.83 -8.96
N LEU C 320 -9.15 -7.79 -9.51
CA LEU C 320 -9.87 -6.56 -9.82
C LEU C 320 -10.89 -6.76 -10.93
N GLU C 321 -10.60 -7.65 -11.88
CA GLU C 321 -11.50 -7.87 -13.01
C GLU C 321 -12.83 -8.48 -12.57
N LYS C 322 -12.81 -9.41 -11.61
CA LYS C 322 -13.99 -10.15 -11.21
C LYS C 322 -14.68 -9.55 -10.00
N VAL C 323 -14.30 -8.34 -9.58
CA VAL C 323 -14.90 -7.69 -8.41
C VAL C 323 -15.42 -6.33 -8.82
N SER C 324 -16.46 -5.88 -8.12
CA SER C 324 -17.04 -4.55 -8.28
C SER C 324 -16.90 -3.80 -6.97
N VAL C 325 -16.18 -2.69 -7.00
CA VAL C 325 -15.90 -1.89 -5.81
C VAL C 325 -16.50 -0.50 -5.99
N HIS C 326 -17.26 -0.06 -4.99
CA HIS C 326 -17.94 1.23 -5.02
C HIS C 326 -17.37 2.16 -3.96
N CYS C 327 -17.35 3.45 -4.25
CA CYS C 327 -16.80 4.47 -3.35
C CYS C 327 -17.75 5.66 -3.29
N PRO C 328 -18.81 5.57 -2.48
CA PRO C 328 -19.67 6.74 -2.27
C PRO C 328 -18.95 7.81 -1.45
N VAL C 329 -19.41 9.05 -1.62
CA VAL C 329 -18.81 10.18 -0.93
C VAL C 329 -19.81 10.77 0.06
N PHE C 330 -21.10 10.67 -0.24
CA PHE C 330 -22.15 11.23 0.60
C PHE C 330 -23.19 10.17 0.89
N ASP C 331 -24.09 10.49 1.82
CA ASP C 331 -25.15 9.58 2.21
C ASP C 331 -26.35 10.39 2.71
N TYR C 332 -27.50 9.73 2.75
CA TYR C 332 -28.73 10.38 3.17
C TYR C 332 -28.93 10.26 4.68
N VAL C 333 -29.33 11.36 5.31
CA VAL C 333 -29.57 11.39 6.74
C VAL C 333 -30.98 11.88 7.00
N PRO C 334 -31.88 11.04 7.52
CA PRO C 334 -33.25 11.47 7.76
C PRO C 334 -33.28 12.55 8.83
N PRO C 335 -34.24 13.47 8.76
CA PRO C 335 -34.33 14.54 9.76
C PRO C 335 -34.67 14.06 11.16
N GLU C 336 -35.19 12.84 11.31
CA GLU C 336 -35.55 12.34 12.63
C GLU C 336 -34.34 12.16 13.52
N LEU C 337 -33.15 12.04 12.93
CA LEU C 337 -31.91 11.82 13.67
C LEU C 337 -31.23 13.12 14.07
N ILE C 338 -31.83 14.27 13.76
CA ILE C 338 -31.25 15.58 14.04
C ILE C 338 -32.03 16.24 15.17
N THR C 339 -31.32 16.78 16.15
CA THR C 339 -31.93 17.43 17.30
C THR C 339 -32.03 18.94 17.15
N LEU C 340 -30.99 19.60 16.63
CA LEU C 340 -30.98 21.05 16.51
C LEU C 340 -30.12 21.46 15.33
N PHE C 341 -30.36 22.68 14.86
CA PHE C 341 -29.60 23.28 13.77
C PHE C 341 -29.03 24.62 14.23
N ILE C 342 -27.79 24.88 13.84
CA ILE C 342 -27.11 26.14 14.16
C ILE C 342 -26.84 26.89 12.87
N SER C 343 -27.27 28.15 12.83
CA SER C 343 -27.08 29.00 11.66
C SER C 343 -26.92 30.44 12.14
N ASN C 344 -27.06 31.39 11.21
CA ASN C 344 -26.93 32.81 11.56
C ASN C 344 -28.06 33.28 12.48
N ILE C 345 -29.20 32.59 12.48
CA ILE C 345 -30.31 32.98 13.34
C ILE C 345 -30.18 32.36 14.73
N GLY C 346 -29.89 31.06 14.80
CA GLY C 346 -29.74 30.39 16.07
C GLY C 346 -30.22 28.95 16.05
N GLY C 347 -30.68 28.46 17.19
CA GLY C 347 -31.15 27.09 17.29
C GLY C 347 -32.49 26.87 16.60
N ASN C 348 -32.47 26.11 15.50
CA ASN C 348 -33.67 25.83 14.72
C ASN C 348 -33.95 24.33 14.74
N ALA C 349 -35.20 23.97 15.00
CA ALA C 349 -35.59 22.58 15.01
C ALA C 349 -35.53 21.99 13.59
N PRO C 350 -35.31 20.68 13.47
CA PRO C 350 -35.30 20.08 12.12
C PRO C 350 -36.62 20.25 11.38
N SER C 351 -37.75 20.27 12.10
CA SER C 351 -39.03 20.55 11.46
C SER C 351 -39.11 22.00 11.00
N TYR C 352 -38.42 22.89 11.71
CA TYR C 352 -38.42 24.32 11.37
C TYR C 352 -37.29 24.60 10.39
N ILE C 353 -37.41 24.02 9.20
CA ILE C 353 -36.46 24.25 8.13
C ILE C 353 -37.19 24.78 6.91
N TYR C 354 -38.47 24.40 6.76
CA TYR C 354 -39.27 24.80 5.61
C TYR C 354 -39.63 26.29 5.65
N ARG C 355 -39.88 26.83 6.84
CA ARG C 355 -40.36 28.21 6.95
C ARG C 355 -39.36 29.22 6.40
N LEU C 356 -38.09 28.85 6.31
CA LEU C 356 -37.10 29.75 5.70
C LEU C 356 -37.11 29.69 4.18
N MET C 357 -37.71 28.65 3.59
CA MET C 357 -37.74 28.54 2.14
C MET C 357 -38.52 29.68 1.51
N SER C 358 -39.67 30.04 2.10
CA SER C 358 -40.48 31.11 1.54
C SER C 358 -39.73 32.45 1.58
N GLU C 359 -39.02 32.71 2.68
CA GLU C 359 -38.26 33.95 2.77
C GLU C 359 -37.06 33.95 1.83
N LEU C 360 -36.45 32.78 1.62
CA LEU C 360 -35.22 32.72 0.83
C LEU C 360 -35.50 32.57 -0.65
N TYR C 361 -36.31 31.57 -1.03
CA TYR C 361 -36.52 31.23 -2.43
C TYR C 361 -37.98 31.38 -2.82
N HIS C 362 -38.21 31.79 -4.07
CA HIS C 362 -39.53 31.82 -4.68
C HIS C 362 -39.90 30.43 -5.17
N PRO C 363 -41.12 29.95 -4.88
CA PRO C 363 -41.48 28.58 -5.28
C PRO C 363 -41.36 28.32 -6.77
N ASP C 364 -41.52 29.33 -7.62
CA ASP C 364 -41.38 29.13 -9.05
C ASP C 364 -39.95 28.78 -9.44
N ASP C 365 -38.97 29.17 -8.63
CA ASP C 365 -37.56 28.93 -8.92
C ASP C 365 -37.04 27.64 -8.31
N HIS C 366 -37.89 26.89 -7.59
CA HIS C 366 -37.43 25.65 -6.95
C HIS C 366 -37.03 24.61 -7.99
N VAL C 367 -37.80 24.48 -9.06
CA VAL C 367 -37.50 23.48 -10.08
C VAL C 367 -36.39 23.94 -11.03
N LEU C 368 -36.09 25.24 -11.05
CA LEU C 368 -35.06 25.80 -11.92
C LEU C 368 -35.27 25.42 -13.38
N VAL D 167 13.03 -12.05 32.05
CA VAL D 167 12.51 -11.23 30.96
C VAL D 167 11.85 -9.96 31.51
N PRO D 168 12.29 -8.80 31.04
CA PRO D 168 11.72 -7.54 31.50
C PRO D 168 10.36 -7.27 30.87
N THR D 169 9.59 -6.42 31.55
CA THR D 169 8.29 -6.04 31.04
C THR D 169 8.43 -5.17 29.80
N ARG D 170 7.51 -5.35 28.84
CA ARG D 170 7.57 -4.59 27.60
C ARG D 170 7.23 -3.13 27.85
N LYS D 171 8.03 -2.24 27.27
CA LYS D 171 7.84 -0.82 27.46
C LYS D 171 6.61 -0.32 26.69
N ASP D 172 6.10 0.83 27.12
CA ASP D 172 4.97 1.46 26.46
C ASP D 172 5.44 2.19 25.21
N TYR D 173 4.50 2.89 24.56
CA TYR D 173 4.84 3.63 23.33
C TYR D 173 3.82 4.74 23.15
N GLY D 174 4.26 5.99 23.30
CA GLY D 174 3.42 7.13 23.02
C GLY D 174 2.41 7.41 24.11
N SER D 175 1.77 8.57 23.99
CA SER D 175 0.71 8.94 24.92
C SER D 175 -0.54 8.12 24.65
N LYS D 176 -1.23 7.73 25.72
CA LYS D 176 -2.42 6.91 25.63
C LYS D 176 -3.67 7.76 25.84
N VAL D 177 -4.80 7.26 25.30
CA VAL D 177 -6.06 7.98 25.45
C VAL D 177 -6.47 8.00 26.92
N SER D 178 -7.14 9.10 27.31
CA SER D 178 -7.58 9.23 28.70
C SER D 178 -8.59 8.16 29.07
N LEU D 179 -9.51 7.84 28.16
CA LEU D 179 -10.51 6.81 28.43
C LEU D 179 -9.93 5.40 28.37
N PHE D 180 -8.76 5.24 27.75
CA PHE D 180 -8.11 3.93 27.61
C PHE D 180 -6.80 3.88 28.39
N SER D 181 -6.75 4.56 29.53
CA SER D 181 -5.51 4.61 30.31
C SER D 181 -5.14 3.25 30.88
N HIS D 182 -6.13 2.49 31.34
CA HIS D 182 -5.85 1.21 31.98
C HIS D 182 -5.27 0.20 30.99
N LEU D 183 -5.78 0.19 29.77
CA LEU D 183 -5.31 -0.77 28.78
C LEU D 183 -3.87 -0.47 28.37
N PRO D 184 -3.09 -1.50 28.04
CA PRO D 184 -1.72 -1.29 27.59
C PRO D 184 -1.63 -1.14 26.07
N GLN D 185 -0.66 -0.32 25.66
CA GLN D 185 -0.44 -0.03 24.24
C GLN D 185 1.04 -0.16 23.95
N TYR D 186 1.40 -1.12 23.10
CA TYR D 186 2.78 -1.37 22.73
C TYR D 186 3.00 -1.04 21.26
N SER D 187 4.28 -0.90 20.89
CA SER D 187 4.67 -0.65 19.52
C SER D 187 5.03 -1.96 18.82
N ARG D 188 4.97 -1.94 17.50
CA ARG D 188 5.24 -3.15 16.72
C ARG D 188 6.72 -3.26 16.37
N GLN D 189 7.39 -2.14 16.10
CA GLN D 189 8.77 -2.18 15.65
C GLN D 189 9.70 -2.75 16.72
N ASN D 190 9.50 -2.37 17.99
CA ASN D 190 10.33 -2.90 19.05
C ASN D 190 9.87 -4.29 19.48
N SER D 191 10.81 -5.07 20.01
CA SER D 191 10.54 -6.44 20.40
C SER D 191 11.07 -6.70 21.80
N LEU D 192 10.51 -7.73 22.43
CA LEU D 192 10.91 -8.13 23.78
C LEU D 192 12.10 -9.06 23.79
N THR D 193 12.58 -9.49 22.62
CA THR D 193 13.67 -10.46 22.53
C THR D 193 15.05 -9.82 22.46
N GLN D 194 15.14 -8.50 22.56
CA GLN D 194 16.45 -7.83 22.53
C GLN D 194 17.28 -8.24 23.74
N PHE D 195 16.69 -8.20 24.93
CA PHE D 195 17.39 -8.58 26.16
C PHE D 195 17.08 -10.03 26.53
N MET D 196 17.37 -10.92 25.58
CA MET D 196 17.18 -12.35 25.77
C MET D 196 18.38 -13.10 25.21
N SER D 197 18.69 -14.24 25.82
CA SER D 197 19.77 -15.09 25.33
C SER D 197 19.41 -15.66 23.97
N ILE D 198 20.40 -15.74 23.09
CA ILE D 198 20.16 -16.28 21.75
C ILE D 198 19.69 -17.73 21.80
N PRO D 199 20.35 -18.65 22.54
CA PRO D 199 19.69 -19.93 22.85
C PRO D 199 18.80 -19.76 24.06
N SER D 200 17.49 -19.80 23.83
CA SER D 200 16.53 -19.46 24.87
C SER D 200 16.53 -20.52 25.97
N SER D 201 16.65 -20.06 27.22
CA SER D 201 16.66 -20.94 28.38
C SER D 201 15.60 -20.59 29.40
N VAL D 202 15.37 -19.29 29.65
CA VAL D 202 14.30 -18.89 30.57
C VAL D 202 12.94 -19.19 29.96
N ILE D 203 12.79 -18.95 28.67
CA ILE D 203 11.55 -19.21 27.94
C ILE D 203 11.86 -20.26 26.88
N HIS D 204 10.92 -21.20 26.69
CA HIS D 204 11.14 -22.25 25.71
C HIS D 204 11.28 -21.64 24.31
N PRO D 205 12.18 -22.18 23.48
CA PRO D 205 12.38 -21.58 22.14
C PRO D 205 11.12 -21.56 21.29
N ALA D 206 10.27 -22.57 21.40
CA ALA D 206 9.00 -22.56 20.68
C ALA D 206 8.13 -21.40 21.13
N MET D 207 8.09 -21.15 22.45
CA MET D 207 7.33 -20.02 22.97
C MET D 207 7.92 -18.69 22.49
N VAL D 208 9.25 -18.62 22.40
CA VAL D 208 9.90 -17.41 21.90
C VAL D 208 9.51 -17.15 20.45
N ARG D 209 9.53 -18.21 19.63
CA ARG D 209 9.10 -18.07 18.24
C ARG D 209 7.65 -17.65 18.14
N LEU D 210 6.79 -18.24 18.98
CA LEU D 210 5.37 -17.89 18.97
C LEU D 210 5.17 -16.42 19.34
N GLY D 211 5.87 -15.95 20.37
CA GLY D 211 5.77 -14.56 20.76
C GLY D 211 6.30 -13.60 19.70
N LEU D 212 7.41 -13.96 19.06
CA LEU D 212 7.95 -13.13 17.99
C LEU D 212 6.99 -13.05 16.82
N GLN D 213 6.35 -14.16 16.45
CA GLN D 213 5.36 -14.14 15.38
C GLN D 213 4.13 -13.33 15.79
N TYR D 214 3.73 -13.42 17.06
CA TYR D 214 2.56 -12.67 17.53
C TYR D 214 2.82 -11.17 17.52
N SER D 215 4.02 -10.75 17.94
CA SER D 215 4.33 -9.31 17.99
C SER D 215 4.33 -8.69 16.61
N GLN D 216 4.86 -9.38 15.61
CA GLN D 216 4.96 -8.84 14.26
C GLN D 216 3.65 -8.95 13.49
N GLY D 217 2.64 -9.61 14.04
CA GLY D 217 1.37 -9.75 13.35
C GLY D 217 1.34 -10.81 12.29
N LEU D 218 2.30 -11.74 12.28
CA LEU D 218 2.30 -12.81 11.28
C LEU D 218 1.06 -13.69 11.43
N VAL D 219 0.68 -14.02 12.66
CA VAL D 219 -0.52 -14.79 12.94
C VAL D 219 -1.46 -13.90 13.74
N SER D 220 -2.65 -13.65 13.18
CA SER D 220 -3.62 -12.76 13.83
C SER D 220 -5.02 -13.32 13.88
N GLY D 221 -5.32 -14.41 13.18
CA GLY D 221 -6.64 -15.00 13.25
C GLY D 221 -6.94 -15.54 14.64
N SER D 222 -8.20 -15.42 15.04
CA SER D 222 -8.62 -15.90 16.34
C SER D 222 -8.43 -17.41 16.47
N ASN D 223 -8.81 -18.15 15.42
CA ASN D 223 -8.68 -19.61 15.45
C ASN D 223 -7.22 -20.02 15.25
N ALA D 224 -6.52 -19.34 14.33
CA ALA D 224 -5.13 -19.70 14.05
C ALA D 224 -4.22 -19.43 15.24
N ARG D 225 -4.51 -18.36 16.00
CA ARG D 225 -3.71 -18.08 17.20
C ARG D 225 -3.82 -19.23 18.19
N CYS D 226 -5.04 -19.73 18.43
CA CYS D 226 -5.22 -20.86 19.34
C CYS D 226 -4.54 -22.11 18.80
N ILE D 227 -4.65 -22.35 17.49
CA ILE D 227 -4.01 -23.53 16.90
C ILE D 227 -2.49 -23.47 17.09
N ALA D 228 -1.89 -22.32 16.82
CA ALA D 228 -0.45 -22.17 16.98
C ALA D 228 -0.04 -22.28 18.44
N LEU D 229 -0.84 -21.71 19.35
CA LEU D 229 -0.52 -21.79 20.78
C LEU D 229 -0.53 -23.25 21.24
N LEU D 230 -1.54 -24.01 20.83
CA LEU D 230 -1.59 -25.41 21.23
C LEU D 230 -0.49 -26.24 20.56
N ARG D 231 -0.13 -25.90 19.32
CA ARG D 231 0.98 -26.58 18.67
C ARG D 231 2.29 -26.35 19.40
N ALA D 232 2.53 -25.11 19.84
CA ALA D 232 3.72 -24.82 20.62
C ALA D 232 3.67 -25.49 21.98
N LEU D 233 2.48 -25.56 22.58
CA LEU D 233 2.33 -26.26 23.84
C LEU D 233 2.63 -27.75 23.71
N GLN D 234 2.33 -28.33 22.54
CA GLN D 234 2.72 -29.72 22.29
C GLN D 234 4.24 -29.88 22.35
N GLN D 235 4.98 -28.96 21.73
CA GLN D 235 6.43 -29.01 21.78
C GLN D 235 6.93 -28.82 23.21
N VAL D 236 6.31 -27.92 23.96
CA VAL D 236 6.71 -27.70 25.35
C VAL D 236 6.49 -28.98 26.17
N ILE D 237 5.34 -29.63 25.97
CA ILE D 237 5.05 -30.86 26.71
C ILE D 237 6.05 -31.96 26.34
N GLN D 238 6.35 -32.09 25.04
CA GLN D 238 7.24 -33.16 24.60
C GLN D 238 8.64 -33.00 25.19
N ASP D 239 9.16 -31.77 25.24
CA ASP D 239 10.50 -31.53 25.72
C ASP D 239 10.61 -31.45 27.24
N TYR D 240 9.49 -31.39 27.94
CA TYR D 240 9.53 -31.27 29.40
C TYR D 240 10.01 -32.57 30.04
N THR D 241 10.81 -32.43 31.10
CA THR D 241 11.27 -33.55 31.89
C THR D 241 11.04 -33.26 33.37
N THR D 242 10.65 -34.29 34.11
CA THR D 242 10.35 -34.11 35.53
C THR D 242 11.64 -34.08 36.34
N PRO D 243 11.86 -33.03 37.14
CA PRO D 243 13.03 -33.02 38.03
C PRO D 243 12.86 -34.04 39.15
N PRO D 244 13.95 -34.42 39.82
CA PRO D 244 13.85 -35.41 40.89
C PRO D 244 12.98 -34.93 42.04
N ASN D 245 12.39 -35.89 42.74
CA ASN D 245 11.51 -35.65 43.90
C ASN D 245 10.48 -34.56 43.64
N GLU D 246 9.98 -34.49 42.41
CA GLU D 246 8.96 -33.54 42.02
C GLU D 246 7.83 -34.26 41.29
N GLU D 247 6.64 -33.67 41.34
CA GLU D 247 5.45 -34.23 40.73
C GLU D 247 5.13 -33.51 39.43
N LEU D 248 4.89 -34.29 38.37
CA LEU D 248 4.68 -33.70 37.05
C LEU D 248 3.43 -32.82 37.02
N SER D 249 2.34 -33.29 37.63
CA SER D 249 1.05 -32.63 37.47
C SER D 249 1.07 -31.19 37.98
N ARG D 250 1.82 -30.92 39.05
CA ARG D 250 1.90 -29.59 39.63
C ARG D 250 3.11 -28.81 39.13
N ASP D 251 4.25 -29.47 38.95
CA ASP D 251 5.44 -28.77 38.47
C ASP D 251 5.25 -28.27 37.05
N LEU D 252 4.57 -29.04 36.20
CA LEU D 252 4.30 -28.60 34.84
C LEU D 252 3.43 -27.34 34.83
N VAL D 253 2.40 -27.31 35.67
CA VAL D 253 1.54 -26.13 35.76
C VAL D 253 2.34 -24.93 36.26
N ASN D 254 3.18 -25.14 37.28
CA ASN D 254 3.99 -24.03 37.79
C ASN D 254 4.96 -23.51 36.75
N LYS D 255 5.57 -24.41 35.97
CA LYS D 255 6.56 -24.01 34.98
C LYS D 255 5.92 -23.33 33.79
N LEU D 256 4.68 -23.71 33.44
CA LEU D 256 4.04 -23.12 32.26
C LEU D 256 3.64 -21.66 32.46
N LYS D 257 3.52 -21.20 33.71
CA LYS D 257 3.08 -19.83 33.96
C LYS D 257 4.03 -18.77 33.40
N PRO D 258 5.36 -18.84 33.61
CA PRO D 258 6.24 -17.83 33.01
C PRO D 258 6.14 -17.75 31.49
N TYR D 259 5.94 -18.88 30.82
CA TYR D 259 5.83 -18.86 29.36
C TYR D 259 4.64 -18.03 28.91
N MET D 260 3.47 -18.25 29.53
CA MET D 260 2.29 -17.49 29.17
C MET D 260 2.39 -16.04 29.62
N SER D 261 3.09 -15.79 30.73
CA SER D 261 3.33 -14.41 31.15
C SER D 261 4.16 -13.67 30.11
N PHE D 262 5.19 -14.34 29.56
CA PHE D 262 5.98 -13.75 28.49
C PHE D 262 5.14 -13.54 27.23
N LEU D 263 4.29 -14.51 26.90
CA LEU D 263 3.45 -14.39 25.71
C LEU D 263 2.45 -13.24 25.86
N THR D 264 1.99 -12.96 27.08
CA THR D 264 1.04 -11.88 27.29
C THR D 264 1.64 -10.52 26.93
N GLN D 265 2.93 -10.32 27.26
CA GLN D 265 3.57 -9.06 26.95
C GLN D 265 3.66 -8.82 25.45
N CYS D 266 3.93 -9.87 24.68
CA CYS D 266 4.02 -9.72 23.22
C CYS D 266 2.70 -9.28 22.61
N ARG D 267 1.60 -9.88 23.07
CA ARG D 267 0.28 -9.54 22.54
C ARG D 267 -0.77 -9.97 23.55
N PRO D 268 -1.80 -9.16 23.80
CA PRO D 268 -2.86 -9.57 24.73
C PRO D 268 -3.55 -10.84 24.26
N LEU D 269 -3.91 -11.68 25.22
CA LEU D 269 -4.51 -12.97 24.91
C LEU D 269 -6.01 -12.83 24.65
N SER D 270 -6.51 -13.65 23.74
CA SER D 270 -7.93 -13.65 23.40
C SER D 270 -8.72 -14.54 24.36
N ALA D 271 -10.05 -14.45 24.27
CA ALA D 271 -10.91 -15.26 25.13
C ALA D 271 -10.76 -16.75 24.81
N SER D 272 -10.67 -17.08 23.52
CA SER D 272 -10.44 -18.48 23.13
C SER D 272 -9.12 -18.98 23.70
N MET D 273 -8.10 -18.13 23.72
CA MET D 273 -6.82 -18.49 24.34
C MET D 273 -7.00 -18.76 25.83
N HIS D 274 -7.80 -17.94 26.51
CA HIS D 274 -8.05 -18.16 27.93
C HIS D 274 -8.76 -19.49 28.17
N ASN D 275 -9.76 -19.81 27.34
CA ASN D 275 -10.45 -21.09 27.49
C ASN D 275 -9.51 -22.26 27.23
N ALA D 276 -8.67 -22.17 26.20
CA ALA D 276 -7.71 -23.23 25.92
C ALA D 276 -6.73 -23.40 27.07
N ILE D 277 -6.25 -22.29 27.63
CA ILE D 277 -5.31 -22.35 28.76
C ILE D 277 -5.97 -23.00 29.96
N LYS D 278 -7.21 -22.63 30.26
CA LYS D 278 -7.91 -23.21 31.40
C LYS D 278 -8.13 -24.71 31.19
N PHE D 279 -8.52 -25.12 29.98
CA PHE D 279 -8.72 -26.54 29.70
C PHE D 279 -7.42 -27.31 29.84
N LEU D 280 -6.33 -26.78 29.29
CA LEU D 280 -5.04 -27.47 29.39
C LEU D 280 -4.57 -27.57 30.83
N ASN D 281 -4.74 -26.50 31.61
CA ASN D 281 -4.35 -26.53 33.02
C ASN D 281 -5.17 -27.56 33.79
N LYS D 282 -6.48 -27.62 33.53
CA LYS D 282 -7.32 -28.62 34.18
C LYS D 282 -6.90 -30.04 33.80
N GLU D 283 -6.59 -30.26 32.52
CA GLU D 283 -6.16 -31.58 32.08
C GLU D 283 -4.83 -31.97 32.70
N ILE D 284 -3.88 -31.04 32.78
CA ILE D 284 -2.58 -31.34 33.38
C ILE D 284 -2.73 -31.60 34.88
N THR D 285 -3.64 -30.89 35.53
CA THR D 285 -3.86 -31.12 36.96
C THR D 285 -4.33 -32.54 37.24
N SER D 286 -5.08 -33.15 36.32
CA SER D 286 -5.63 -34.48 36.49
C SER D 286 -4.67 -35.59 36.10
N VAL D 287 -3.36 -35.31 36.03
CA VAL D 287 -2.37 -36.33 35.71
C VAL D 287 -2.15 -37.20 36.94
N GLY D 288 -2.32 -38.51 36.79
CA GLY D 288 -2.18 -39.41 37.92
C GLY D 288 -0.76 -39.51 38.41
N SER D 289 -0.62 -39.78 39.71
CA SER D 289 0.71 -39.94 40.31
C SER D 289 1.36 -41.24 39.86
N SER D 290 0.57 -42.30 39.69
CA SER D 290 1.13 -43.59 39.32
C SER D 290 1.71 -43.57 37.91
N LYS D 291 1.15 -42.76 37.02
CA LYS D 291 1.64 -42.70 35.65
C LYS D 291 3.04 -42.12 35.60
N ARG D 292 3.89 -42.71 34.76
CA ARG D 292 5.26 -42.26 34.60
C ARG D 292 5.31 -41.13 33.56
N GLU D 293 6.53 -40.76 33.16
CA GLU D 293 6.70 -39.62 32.25
C GLU D 293 6.16 -39.92 30.86
N GLU D 294 6.52 -41.08 30.30
CA GLU D 294 6.22 -41.35 28.89
C GLU D 294 4.71 -41.44 28.65
N GLU D 295 4.01 -42.25 29.44
CA GLU D 295 2.57 -42.40 29.22
C GLU D 295 1.82 -41.11 29.48
N ALA D 296 2.20 -40.37 30.53
CA ALA D 296 1.52 -39.12 30.83
C ALA D 296 1.73 -38.09 29.71
N LYS D 297 2.96 -37.98 29.20
CA LYS D 297 3.23 -37.03 28.13
C LYS D 297 2.50 -37.42 26.85
N SER D 298 2.51 -38.71 26.50
CA SER D 298 1.80 -39.15 25.31
C SER D 298 0.29 -38.92 25.44
N GLU D 299 -0.27 -39.19 26.62
CA GLU D 299 -1.69 -38.96 26.84
C GLU D 299 -2.02 -37.47 26.76
N LEU D 300 -1.15 -36.61 27.30
CA LEU D 300 -1.38 -35.17 27.22
C LEU D 300 -1.36 -34.69 25.77
N ARG D 301 -0.37 -35.16 24.99
CA ARG D 301 -0.31 -34.77 23.59
C ARG D 301 -1.53 -35.26 22.82
N ALA D 302 -1.95 -36.51 23.07
CA ALA D 302 -3.13 -37.04 22.41
C ALA D 302 -4.38 -36.27 22.80
N ALA D 303 -4.49 -35.88 24.07
CA ALA D 303 -5.64 -35.10 24.51
C ALA D 303 -5.67 -33.73 23.86
N ILE D 304 -4.50 -33.09 23.72
CA ILE D 304 -4.45 -31.78 23.05
C ILE D 304 -4.86 -31.93 21.59
N ASP D 305 -4.34 -32.97 20.92
CA ASP D 305 -4.71 -33.19 19.51
C ASP D 305 -6.19 -33.48 19.37
N ARG D 306 -6.75 -34.29 20.26
CA ARG D 306 -8.18 -34.59 20.22
C ARG D 306 -9.03 -33.35 20.46
N TYR D 307 -8.63 -32.52 21.42
CA TYR D 307 -9.33 -31.26 21.67
C TYR D 307 -9.32 -30.38 20.43
N VAL D 308 -8.15 -30.24 19.79
CA VAL D 308 -8.06 -29.44 18.58
C VAL D 308 -9.00 -30.02 17.51
N GLN D 309 -8.91 -31.33 17.28
CA GLN D 309 -9.68 -31.95 16.20
C GLN D 309 -11.18 -31.80 16.43
N GLU D 310 -11.64 -32.06 17.66
CA GLU D 310 -13.06 -32.09 17.96
C GLU D 310 -13.65 -30.73 18.28
N LYS D 311 -12.83 -29.69 18.47
CA LYS D 311 -13.35 -28.37 18.78
C LYS D 311 -12.92 -27.29 17.79
N ILE D 312 -12.14 -27.62 16.77
CA ILE D 312 -11.61 -26.60 15.87
C ILE D 312 -12.01 -26.92 14.43
N VAL D 313 -11.64 -28.10 13.95
CA VAL D 313 -11.89 -28.44 12.54
C VAL D 313 -13.15 -29.27 12.38
N LEU D 314 -13.48 -30.12 13.36
CA LEU D 314 -14.72 -30.90 13.28
C LEU D 314 -15.92 -30.10 13.71
N ALA D 315 -15.75 -29.11 14.59
CA ALA D 315 -16.86 -28.27 15.03
C ALA D 315 -17.30 -27.28 13.97
N ALA D 316 -16.50 -27.05 12.92
CA ALA D 316 -16.89 -26.14 11.85
C ALA D 316 -17.83 -26.81 10.86
N GLN D 317 -17.75 -28.13 10.71
CA GLN D 317 -18.63 -28.83 9.78
C GLN D 317 -20.09 -28.70 10.18
N ALA D 318 -20.38 -28.86 11.48
CA ALA D 318 -21.75 -28.71 11.95
C ALA D 318 -22.27 -27.30 11.75
N ILE D 319 -21.43 -26.30 12.03
CA ILE D 319 -21.83 -24.91 11.84
C ILE D 319 -22.12 -24.63 10.37
N SER D 320 -21.26 -25.12 9.47
CA SER D 320 -21.48 -24.92 8.05
C SER D 320 -22.75 -25.60 7.58
N ARG D 321 -23.00 -26.84 8.01
CA ARG D 321 -24.21 -27.54 7.60
C ARG D 321 -25.46 -26.88 8.16
N PHE D 322 -25.37 -26.28 9.35
CA PHE D 322 -26.51 -25.54 9.89
C PHE D 322 -26.75 -24.26 9.09
N ALA D 323 -25.68 -23.52 8.78
CA ALA D 323 -25.81 -22.30 8.00
C ALA D 323 -26.17 -22.57 6.54
N TYR D 324 -26.12 -23.84 6.11
CA TYR D 324 -26.53 -24.18 4.75
C TYR D 324 -28.00 -23.83 4.53
N GLN D 325 -28.86 -24.12 5.50
CA GLN D 325 -30.29 -23.88 5.33
C GLN D 325 -30.62 -22.40 5.25
N LYS D 326 -29.78 -21.54 5.82
CA LYS D 326 -30.03 -20.11 5.85
C LYS D 326 -29.51 -19.39 4.60
N ILE D 327 -29.00 -20.12 3.62
CA ILE D 327 -28.49 -19.54 2.37
C ILE D 327 -29.30 -20.15 1.24
N SER D 328 -30.21 -19.38 0.67
CA SER D 328 -31.03 -19.82 -0.45
C SER D 328 -30.61 -19.12 -1.73
N ASN D 329 -31.23 -19.54 -2.83
CA ASN D 329 -30.90 -18.98 -4.14
C ASN D 329 -31.38 -17.53 -4.23
N GLY D 330 -30.54 -16.68 -4.81
CA GLY D 330 -30.86 -15.29 -5.01
C GLY D 330 -30.55 -14.38 -3.84
N ASP D 331 -30.14 -14.93 -2.70
CA ASP D 331 -29.82 -14.11 -1.54
C ASP D 331 -28.47 -13.42 -1.72
N VAL D 332 -28.34 -12.25 -1.11
CA VAL D 332 -27.09 -11.50 -1.08
C VAL D 332 -26.67 -11.37 0.38
N ILE D 333 -25.41 -11.71 0.67
CA ILE D 333 -24.89 -11.79 2.02
C ILE D 333 -23.80 -10.73 2.18
N LEU D 334 -23.90 -9.93 3.24
CA LEU D 334 -22.91 -8.90 3.54
C LEU D 334 -22.06 -9.39 4.70
N VAL D 335 -20.81 -9.73 4.40
CA VAL D 335 -19.87 -10.21 5.41
C VAL D 335 -18.94 -9.06 5.78
N TYR D 336 -18.31 -9.19 6.95
CA TYR D 336 -17.40 -8.18 7.46
C TYR D 336 -16.11 -8.84 7.93
N GLY D 337 -14.98 -8.24 7.56
CA GLY D 337 -13.69 -8.70 8.05
C GLY D 337 -13.25 -10.01 7.40
N CYS D 338 -12.19 -10.56 7.98
CA CYS D 338 -11.61 -11.83 7.54
C CYS D 338 -11.85 -12.85 8.64
N SER D 339 -12.96 -13.58 8.53
CA SER D 339 -13.31 -14.65 9.46
C SER D 339 -13.20 -15.97 8.74
N SER D 340 -12.40 -16.89 9.29
CA SER D 340 -12.20 -18.19 8.65
C SER D 340 -13.50 -18.98 8.57
N LEU D 341 -14.28 -18.99 9.66
CA LEU D 341 -15.53 -19.73 9.67
C LEU D 341 -16.54 -19.15 8.70
N VAL D 342 -16.65 -17.82 8.65
CA VAL D 342 -17.63 -17.18 7.77
C VAL D 342 -17.30 -17.46 6.31
N SER D 343 -16.02 -17.31 5.93
CA SER D 343 -15.62 -17.58 4.55
C SER D 343 -15.77 -19.07 4.22
N ARG D 344 -15.44 -19.95 5.17
CA ARG D 344 -15.60 -21.38 4.95
C ARG D 344 -17.06 -21.75 4.72
N ILE D 345 -17.97 -21.11 5.45
CA ILE D 345 -19.40 -21.38 5.26
C ILE D 345 -19.83 -21.06 3.83
N LEU D 346 -19.43 -19.88 3.34
CA LEU D 346 -19.79 -19.48 1.99
C LEU D 346 -19.15 -20.41 0.96
N GLN D 347 -17.88 -20.76 1.15
CA GLN D 347 -17.21 -21.63 0.19
C GLN D 347 -17.84 -23.02 0.16
N GLU D 348 -18.22 -23.56 1.32
CA GLU D 348 -18.82 -24.87 1.39
C GLU D 348 -20.27 -24.88 0.93
N ALA D 349 -20.95 -23.74 0.99
CA ALA D 349 -22.34 -23.66 0.55
C ALA D 349 -22.49 -23.29 -0.92
N TRP D 350 -21.48 -22.65 -1.52
CA TRP D 350 -21.59 -22.28 -2.92
C TRP D 350 -21.51 -23.49 -3.85
N THR D 351 -20.74 -24.51 -3.48
CA THR D 351 -20.52 -25.67 -4.34
C THR D 351 -21.62 -26.72 -4.22
N GLU D 352 -22.60 -26.52 -3.34
CA GLU D 352 -23.69 -27.47 -3.18
C GLU D 352 -24.92 -27.12 -4.00
N GLY D 353 -24.85 -26.08 -4.83
CA GLY D 353 -25.93 -25.70 -5.71
C GLY D 353 -26.48 -24.30 -5.47
N ARG D 354 -26.25 -23.73 -4.30
CA ARG D 354 -26.77 -22.39 -4.01
C ARG D 354 -25.99 -21.35 -4.80
N ARG D 355 -26.72 -20.44 -5.45
CA ARG D 355 -26.14 -19.37 -6.26
C ARG D 355 -26.47 -18.04 -5.59
N PHE D 356 -25.52 -17.53 -4.81
CA PHE D 356 -25.68 -16.29 -4.08
C PHE D 356 -24.57 -15.31 -4.46
N ARG D 357 -24.67 -14.09 -3.94
CA ARG D 357 -23.68 -13.05 -4.16
C ARG D 357 -23.27 -12.47 -2.82
N VAL D 358 -21.97 -12.26 -2.64
CA VAL D 358 -21.42 -11.80 -1.37
C VAL D 358 -20.90 -10.37 -1.53
N VAL D 359 -21.20 -9.53 -0.55
CA VAL D 359 -20.69 -8.17 -0.48
C VAL D 359 -19.69 -8.12 0.67
N VAL D 360 -18.44 -7.84 0.35
CA VAL D 360 -17.37 -7.84 1.35
C VAL D 360 -17.17 -6.41 1.85
N VAL D 361 -17.26 -6.23 3.16
CA VAL D 361 -17.09 -4.93 3.80
C VAL D 361 -15.98 -5.04 4.83
N ASP D 362 -15.07 -4.07 4.84
CA ASP D 362 -13.97 -4.05 5.78
C ASP D 362 -13.60 -2.61 6.11
N SER D 363 -12.66 -2.44 7.03
CA SER D 363 -12.22 -1.12 7.46
C SER D 363 -10.72 -1.12 7.69
N ARG D 364 -10.12 0.03 7.48
CA ARG D 364 -8.71 0.26 7.76
C ARG D 364 -8.49 0.36 9.26
N PRO D 365 -7.23 0.22 9.75
CA PRO D 365 -5.96 0.05 9.02
C PRO D 365 -5.63 -1.39 8.66
N TRP D 366 -6.25 -2.39 9.30
CA TRP D 366 -5.92 -3.77 8.99
C TRP D 366 -6.26 -4.12 7.54
N LEU D 367 -7.44 -3.71 7.08
CA LEU D 367 -7.89 -3.97 5.71
C LEU D 367 -7.81 -5.46 5.37
N GLU D 368 -8.21 -6.29 6.34
CA GLU D 368 -8.13 -7.73 6.19
C GLU D 368 -9.28 -8.30 5.38
N GLY D 369 -10.27 -7.47 5.01
CA GLY D 369 -11.36 -7.96 4.16
C GLY D 369 -10.89 -8.41 2.80
N ARG D 370 -9.76 -7.89 2.31
CA ARG D 370 -9.21 -8.37 1.05
C ARG D 370 -8.85 -9.85 1.11
N HIS D 371 -8.46 -10.33 2.30
CA HIS D 371 -8.08 -11.73 2.44
C HIS D 371 -9.24 -12.67 2.08
N THR D 372 -10.44 -12.36 2.57
CA THR D 372 -11.61 -13.15 2.19
C THR D 372 -12.18 -12.76 0.84
N LEU D 373 -12.00 -11.51 0.41
CA LEU D 373 -12.48 -11.11 -0.91
C LEU D 373 -11.77 -11.87 -2.02
N ARG D 374 -10.44 -11.95 -1.94
CA ARG D 374 -9.69 -12.69 -2.95
C ARG D 374 -9.99 -14.18 -2.92
N SER D 375 -10.16 -14.75 -1.72
CA SER D 375 -10.54 -16.15 -1.61
C SER D 375 -11.90 -16.42 -2.23
N LEU D 376 -12.88 -15.53 -2.00
CA LEU D 376 -14.18 -15.70 -2.61
C LEU D 376 -14.12 -15.55 -4.13
N VAL D 377 -13.30 -14.60 -4.61
CA VAL D 377 -13.14 -14.42 -6.05
C VAL D 377 -12.54 -15.66 -6.69
N HIS D 378 -11.52 -16.25 -6.04
CA HIS D 378 -10.91 -17.46 -6.57
C HIS D 378 -11.84 -18.65 -6.54
N ALA D 379 -12.92 -18.59 -5.76
CA ALA D 379 -13.89 -19.68 -5.68
C ALA D 379 -15.04 -19.52 -6.68
N GLY D 380 -15.03 -18.47 -7.48
CA GLY D 380 -16.07 -18.24 -8.46
C GLY D 380 -17.31 -17.53 -7.94
N VAL D 381 -17.37 -17.23 -6.65
CA VAL D 381 -18.53 -16.54 -6.08
C VAL D 381 -18.46 -15.06 -6.44
N PRO D 382 -19.52 -14.48 -7.00
CA PRO D 382 -19.51 -13.04 -7.25
C PRO D 382 -19.30 -12.26 -5.96
N ALA D 383 -18.53 -11.18 -6.05
CA ALA D 383 -18.11 -10.43 -4.86
C ALA D 383 -18.27 -8.94 -5.11
N SER D 384 -18.39 -8.20 -4.02
CA SER D 384 -18.46 -6.75 -4.04
C SER D 384 -17.69 -6.21 -2.84
N TYR D 385 -16.88 -5.18 -3.07
CA TYR D 385 -15.99 -4.64 -2.05
C TYR D 385 -16.32 -3.17 -1.80
N LEU D 386 -16.43 -2.80 -0.53
CA LEU D 386 -16.68 -1.42 -0.14
C LEU D 386 -16.34 -1.26 1.34
N LEU D 387 -16.14 -0.02 1.75
CA LEU D 387 -15.69 0.26 3.11
C LEU D 387 -16.88 0.37 4.05
N ILE D 388 -16.56 0.48 5.35
CA ILE D 388 -17.60 0.43 6.38
C ILE D 388 -18.63 1.55 6.23
N PRO D 389 -18.25 2.82 6.05
CA PRO D 389 -19.28 3.86 5.92
C PRO D 389 -20.22 3.68 4.73
N ALA D 390 -19.80 2.96 3.70
CA ALA D 390 -20.66 2.70 2.55
C ALA D 390 -21.66 1.58 2.79
N ALA D 391 -21.57 0.89 3.93
CA ALA D 391 -22.51 -0.18 4.22
C ALA D 391 -23.94 0.34 4.29
N SER D 392 -24.14 1.49 4.95
CA SER D 392 -25.47 2.08 5.03
C SER D 392 -26.04 2.38 3.66
N TYR D 393 -25.17 2.72 2.70
CA TYR D 393 -25.63 2.93 1.33
C TYR D 393 -25.96 1.62 0.65
N VAL D 394 -25.16 0.57 0.90
CA VAL D 394 -25.35 -0.71 0.21
C VAL D 394 -26.27 -1.66 0.96
N LEU D 395 -26.63 -1.36 2.20
CA LEU D 395 -27.44 -2.27 3.01
C LEU D 395 -28.88 -2.43 2.54
N PRO D 396 -29.53 -1.40 1.95
CA PRO D 396 -30.90 -1.60 1.46
C PRO D 396 -31.05 -2.79 0.52
N GLU D 397 -30.08 -3.03 -0.36
CA GLU D 397 -30.16 -4.19 -1.24
C GLU D 397 -29.72 -5.48 -0.57
N VAL D 398 -29.06 -5.40 0.59
CA VAL D 398 -28.53 -6.58 1.24
C VAL D 398 -29.66 -7.32 1.96
N SER D 399 -29.69 -8.64 1.78
CA SER D 399 -30.74 -9.47 2.37
C SER D 399 -30.32 -10.16 3.67
N LYS D 400 -29.03 -10.42 3.87
CA LYS D 400 -28.57 -11.09 5.07
C LYS D 400 -27.19 -10.58 5.44
N VAL D 401 -26.87 -10.67 6.73
CA VAL D 401 -25.58 -10.26 7.26
C VAL D 401 -24.96 -11.43 8.01
N LEU D 402 -23.72 -11.77 7.69
CA LEU D 402 -22.99 -12.83 8.36
C LEU D 402 -21.74 -12.24 9.00
N LEU D 403 -21.56 -12.51 10.30
CA LEU D 403 -20.44 -12.00 11.04
C LEU D 403 -19.82 -13.11 11.89
N GLY D 404 -18.54 -12.96 12.18
CA GLY D 404 -17.82 -13.89 13.03
C GLY D 404 -17.70 -13.33 14.44
N ALA D 405 -17.79 -14.22 15.43
CA ALA D 405 -17.74 -13.83 16.83
C ALA D 405 -16.41 -14.27 17.43
N HIS D 406 -15.64 -13.31 17.95
CA HIS D 406 -14.39 -13.62 18.62
C HIS D 406 -14.61 -14.15 20.03
N ALA D 407 -15.72 -13.79 20.67
CA ALA D 407 -16.01 -14.24 22.02
C ALA D 407 -17.49 -14.09 22.35
N LEU D 408 -18.08 -15.10 22.98
CA LEU D 408 -19.46 -15.06 23.42
C LEU D 408 -19.49 -14.75 24.92
N LEU D 409 -20.18 -13.70 25.30
CA LEU D 409 -20.18 -13.25 26.68
C LEU D 409 -21.26 -13.98 27.48
N ALA D 410 -21.20 -13.78 28.80
CA ALA D 410 -22.15 -14.45 29.69
C ALA D 410 -23.55 -13.89 29.54
N ASN D 411 -23.67 -12.58 29.28
CA ASN D 411 -24.96 -11.93 29.15
C ASN D 411 -25.53 -12.01 27.74
N GLY D 412 -24.82 -12.64 26.81
CA GLY D 412 -25.27 -12.75 25.44
C GLY D 412 -24.61 -11.77 24.47
N SER D 413 -23.84 -10.82 24.97
CA SER D 413 -23.15 -9.88 24.09
C SER D 413 -22.13 -10.61 23.23
N VAL D 414 -22.00 -10.18 21.99
CA VAL D 414 -21.11 -10.81 21.02
C VAL D 414 -19.90 -9.91 20.85
N MET D 415 -18.76 -10.35 21.36
CA MET D 415 -17.51 -9.61 21.17
C MET D 415 -16.87 -10.04 19.86
N SER D 416 -16.49 -9.06 19.04
CA SER D 416 -15.97 -9.33 17.71
C SER D 416 -15.11 -8.13 17.29
N ARG D 417 -14.81 -8.05 16.00
CA ARG D 417 -14.03 -6.94 15.47
C ARG D 417 -14.73 -5.61 15.74
N VAL D 418 -13.94 -4.53 15.70
CA VAL D 418 -14.43 -3.21 16.11
C VAL D 418 -15.60 -2.77 15.24
N GLY D 419 -15.62 -3.16 13.98
CA GLY D 419 -16.70 -2.77 13.10
C GLY D 419 -17.95 -3.63 13.15
N THR D 420 -17.92 -4.72 13.93
CA THR D 420 -19.05 -5.65 13.96
C THR D 420 -20.25 -5.05 14.68
N ALA D 421 -20.02 -4.42 15.84
CA ALA D 421 -21.12 -3.93 16.65
C ALA D 421 -21.87 -2.79 16.01
N GLN D 422 -21.25 -2.06 15.08
CA GLN D 422 -21.90 -0.97 14.37
C GLN D 422 -22.65 -1.42 13.13
N LEU D 423 -22.14 -2.45 12.43
CA LEU D 423 -22.82 -2.97 11.25
C LEU D 423 -24.19 -3.53 11.61
N ALA D 424 -24.29 -4.25 12.74
CA ALA D 424 -25.58 -4.77 13.17
C ALA D 424 -26.56 -3.64 13.49
N LEU D 425 -26.08 -2.58 14.15
CA LEU D 425 -26.94 -1.45 14.45
C LEU D 425 -27.44 -0.78 13.19
N VAL D 426 -26.56 -0.62 12.19
CA VAL D 426 -26.98 -0.01 10.93
C VAL D 426 -27.97 -0.90 10.18
N ALA D 427 -27.75 -2.22 10.24
CA ALA D 427 -28.63 -3.14 9.54
C ALA D 427 -30.00 -3.24 10.21
N ARG D 428 -30.07 -3.02 11.52
CA ARG D 428 -31.35 -3.07 12.21
C ARG D 428 -32.30 -2.00 11.67
N ALA D 429 -31.78 -0.80 11.42
CA ALA D 429 -32.62 0.26 10.86
C ALA D 429 -33.13 -0.09 9.47
N HIS D 430 -32.38 -0.90 8.73
CA HIS D 430 -32.79 -1.34 7.39
C HIS D 430 -33.55 -2.65 7.41
N ASN D 431 -33.85 -3.18 8.60
CA ASN D 431 -34.63 -4.42 8.76
C ASN D 431 -33.94 -5.63 8.14
N VAL D 432 -32.63 -5.56 7.94
CA VAL D 432 -31.87 -6.68 7.37
C VAL D 432 -31.51 -7.64 8.51
N PRO D 433 -31.90 -8.91 8.42
CA PRO D 433 -31.51 -9.87 9.47
C PRO D 433 -30.00 -10.02 9.55
N VAL D 434 -29.51 -10.18 10.77
CA VAL D 434 -28.08 -10.32 11.04
C VAL D 434 -27.86 -11.61 11.83
N LEU D 435 -26.94 -12.44 11.35
CA LEU D 435 -26.62 -13.72 11.98
C LEU D 435 -25.13 -13.79 12.27
N VAL D 436 -24.78 -14.32 13.44
CA VAL D 436 -23.39 -14.53 13.82
C VAL D 436 -23.18 -16.02 14.08
N CYS D 437 -22.03 -16.52 13.67
CA CYS D 437 -21.70 -17.94 13.80
C CYS D 437 -20.35 -18.11 14.47
N CYS D 438 -20.31 -18.91 15.53
CA CYS D 438 -19.07 -19.20 16.23
C CYS D 438 -19.24 -20.48 17.02
N GLU D 439 -18.12 -21.09 17.39
CA GLU D 439 -18.13 -22.32 18.17
C GLU D 439 -18.44 -22.02 19.63
N THR D 440 -18.75 -23.08 20.38
CA THR D 440 -19.10 -22.94 21.79
C THR D 440 -17.90 -22.84 22.71
N TYR D 441 -16.68 -23.07 22.21
CA TYR D 441 -15.48 -22.95 23.02
C TYR D 441 -14.98 -21.52 23.12
N LYS D 442 -15.59 -20.59 22.40
CA LYS D 442 -15.26 -19.18 22.50
C LYS D 442 -16.11 -18.46 23.55
N PHE D 443 -17.00 -19.17 24.23
CA PHE D 443 -17.87 -18.59 25.23
C PHE D 443 -17.11 -18.44 26.53
N CYS D 444 -16.84 -17.20 26.92
CA CYS D 444 -16.11 -16.89 28.15
C CYS D 444 -17.09 -16.54 29.27
N GLU D 445 -16.71 -16.90 30.49
CA GLU D 445 -17.59 -16.70 31.64
C GLU D 445 -17.70 -15.24 32.05
N ARG D 446 -16.72 -14.41 31.67
CA ARG D 446 -16.73 -13.01 32.07
C ARG D 446 -17.88 -12.26 31.41
N VAL D 447 -18.42 -11.29 32.13
CA VAL D 447 -19.55 -10.49 31.67
C VAL D 447 -19.18 -9.02 31.77
N GLN D 448 -19.43 -8.27 30.69
CA GLN D 448 -19.09 -6.85 30.63
C GLN D 448 -19.77 -6.24 29.42
N THR D 449 -20.42 -5.10 29.61
CA THR D 449 -21.33 -4.56 28.60
C THR D 449 -20.73 -3.42 27.77
N ASP D 450 -19.60 -2.87 28.17
CA ASP D 450 -19.01 -1.73 27.50
C ASP D 450 -17.83 -2.15 26.63
N ALA D 451 -17.27 -1.20 25.91
CA ALA D 451 -16.08 -1.43 25.09
C ALA D 451 -14.82 -0.83 25.69
N PHE D 452 -14.85 -0.45 26.97
CA PHE D 452 -13.76 0.30 27.59
C PHE D 452 -13.02 -0.48 28.66
N VAL D 453 -13.72 -1.27 29.48
CA VAL D 453 -13.08 -1.93 30.61
C VAL D 453 -12.13 -3.02 30.13
N SER D 454 -12.50 -3.75 29.09
CA SER D 454 -11.68 -4.85 28.58
C SER D 454 -11.55 -4.70 27.07
N ASN D 455 -10.34 -4.44 26.60
CA ASN D 455 -10.05 -4.32 25.18
C ASN D 455 -8.53 -4.38 25.00
N GLU D 456 -8.07 -4.20 23.76
CA GLU D 456 -6.65 -4.23 23.45
C GLU D 456 -6.33 -3.05 22.54
N LEU D 457 -5.28 -2.31 22.87
CA LEU D 457 -4.83 -1.18 22.07
C LEU D 457 -3.69 -1.62 21.16
N ASP D 458 -3.81 -1.31 19.87
CA ASP D 458 -2.82 -1.70 18.87
C ASP D 458 -1.83 -0.57 18.63
N ASP D 459 -0.98 -0.76 17.63
CA ASP D 459 0.02 0.25 17.28
C ASP D 459 -0.66 1.48 16.72
N PRO D 460 -0.45 2.67 17.29
CA PRO D 460 -1.10 3.87 16.75
C PRO D 460 -0.54 4.34 15.42
N ASP D 461 0.65 3.87 15.03
CA ASP D 461 1.24 4.29 13.76
C ASP D 461 0.47 3.79 12.54
N ASP D 462 -0.39 2.79 12.71
CA ASP D 462 -1.18 2.30 11.57
C ASP D 462 -2.28 3.26 11.17
N LEU D 463 -2.66 4.18 12.06
CA LEU D 463 -3.72 5.13 11.73
C LEU D 463 -3.31 6.06 10.60
N GLN D 464 -2.07 6.52 10.61
CA GLN D 464 -1.61 7.47 9.60
C GLN D 464 -1.61 6.83 8.22
N CYS D 465 -1.95 7.63 7.22
CA CYS D 465 -1.99 7.17 5.83
C CYS D 465 -1.40 8.24 4.93
N LYS D 466 -0.93 7.82 3.77
CA LYS D 466 -0.33 8.73 2.80
C LYS D 466 -1.38 9.17 1.78
N ARG D 467 -2.33 9.96 2.27
CA ARG D 467 -3.32 10.57 1.40
C ARG D 467 -2.69 11.75 0.67
N GLY D 468 -2.71 11.71 -0.66
CA GLY D 468 -2.00 12.71 -1.42
C GLY D 468 -0.50 12.46 -1.40
N GLU D 469 0.27 13.54 -1.53
CA GLU D 469 1.72 13.46 -1.56
C GLU D 469 2.35 13.61 -0.18
N HIS D 470 1.56 13.84 0.87
CA HIS D 470 2.09 14.05 2.20
C HIS D 470 1.20 13.34 3.22
N VAL D 471 1.80 13.04 4.38
CA VAL D 471 1.10 12.36 5.46
C VAL D 471 0.65 13.41 6.47
N ALA D 472 -0.66 13.46 6.73
CA ALA D 472 -1.19 14.41 7.69
C ALA D 472 -0.76 14.09 9.11
N LEU D 473 -0.58 12.81 9.43
CA LEU D 473 -0.18 12.37 10.76
C LEU D 473 1.25 11.82 10.75
N ALA D 474 2.13 12.47 9.98
CA ALA D 474 3.52 12.00 9.90
C ALA D 474 4.22 12.09 11.24
N ASN D 475 4.01 13.19 11.98
CA ASN D 475 4.62 13.41 13.28
C ASN D 475 3.52 13.81 14.26
N TRP D 476 2.87 12.82 14.85
CA TRP D 476 1.80 13.08 15.81
C TRP D 476 2.30 13.20 17.24
N GLN D 477 3.53 12.75 17.52
CA GLN D 477 4.05 12.82 18.88
C GLN D 477 4.49 14.23 19.26
N ASN D 478 4.75 15.09 18.27
CA ASN D 478 5.14 16.46 18.59
C ASN D 478 4.03 17.22 19.30
N HIS D 479 2.79 17.02 18.87
CA HIS D 479 1.65 17.66 19.52
C HIS D 479 1.38 16.98 20.85
N ALA D 480 1.34 17.79 21.92
CA ALA D 480 1.15 17.27 23.26
C ALA D 480 -0.32 16.95 23.59
N SER D 481 -1.25 17.41 22.75
CA SER D 481 -2.68 17.19 23.00
C SER D 481 -3.33 16.34 21.93
N LEU D 482 -2.56 15.67 21.08
CA LEU D 482 -3.10 14.81 20.04
C LEU D 482 -2.71 13.37 20.35
N ARG D 483 -3.71 12.49 20.48
CA ARG D 483 -3.50 11.10 20.79
C ARG D 483 -4.20 10.23 19.76
N LEU D 484 -3.52 9.17 19.32
CA LEU D 484 -4.08 8.25 18.33
C LEU D 484 -4.66 7.03 19.03
N LEU D 485 -5.90 6.71 18.70
CA LEU D 485 -6.62 5.58 19.29
C LEU D 485 -6.85 4.52 18.22
N ASN D 486 -6.40 3.30 18.50
CA ASN D 486 -6.55 2.17 17.58
C ASN D 486 -7.27 1.05 18.34
N LEU D 487 -8.60 1.11 18.33
CA LEU D 487 -9.40 0.09 18.99
C LEU D 487 -9.42 -1.19 18.16
N VAL D 488 -9.68 -2.30 18.84
CA VAL D 488 -9.65 -3.63 18.21
C VAL D 488 -11.00 -4.34 18.36
N TYR D 489 -11.52 -4.40 19.57
CA TYR D 489 -12.74 -5.15 19.87
C TYR D 489 -13.81 -4.24 20.45
N ASP D 490 -15.06 -4.65 20.28
CA ASP D 490 -16.19 -4.01 20.94
C ASP D 490 -17.34 -5.00 20.96
N VAL D 491 -18.22 -4.84 21.94
CA VAL D 491 -19.35 -5.75 22.14
C VAL D 491 -20.60 -5.12 21.56
N THR D 492 -21.53 -5.97 21.12
CA THR D 492 -22.82 -5.53 20.60
C THR D 492 -23.94 -6.00 21.52
N PRO D 493 -25.00 -5.22 21.68
CA PRO D 493 -26.10 -5.64 22.52
C PRO D 493 -26.75 -6.90 21.96
N PRO D 494 -27.25 -7.78 22.82
CA PRO D 494 -27.90 -9.00 22.33
C PRO D 494 -29.18 -8.74 21.54
N GLU D 495 -29.79 -7.57 21.69
CA GLU D 495 -31.01 -7.27 20.94
C GLU D 495 -30.71 -6.96 19.48
N LEU D 496 -29.48 -6.54 19.16
CA LEU D 496 -29.16 -6.18 17.79
C LEU D 496 -29.15 -7.40 16.88
N VAL D 497 -28.51 -8.49 17.31
CA VAL D 497 -28.48 -9.73 16.54
C VAL D 497 -29.60 -10.64 17.02
N ASP D 498 -30.34 -11.21 16.08
CA ASP D 498 -31.53 -12.00 16.39
C ASP D 498 -31.30 -13.51 16.29
N LEU D 499 -30.08 -13.94 15.94
CA LEU D 499 -29.82 -15.38 15.81
C LEU D 499 -28.34 -15.62 16.00
N VAL D 500 -28.01 -16.61 16.83
CA VAL D 500 -26.65 -17.04 17.07
C VAL D 500 -26.52 -18.49 16.60
N ILE D 501 -25.60 -18.73 15.69
CA ILE D 501 -25.39 -20.06 15.12
C ILE D 501 -24.20 -20.70 15.81
N THR D 502 -24.43 -21.83 16.48
CA THR D 502 -23.39 -22.57 17.18
C THR D 502 -23.44 -24.02 16.74
N GLU D 503 -22.49 -24.81 17.24
CA GLU D 503 -22.45 -26.23 16.89
C GLU D 503 -23.60 -27.01 17.50
N LEU D 504 -24.28 -26.47 18.52
CA LEU D 504 -25.35 -27.17 19.20
C LEU D 504 -26.73 -26.84 18.65
N GLY D 505 -26.85 -25.90 17.73
CA GLY D 505 -28.13 -25.57 17.14
C GLY D 505 -28.18 -24.12 16.71
N MET D 506 -29.39 -23.57 16.73
CA MET D 506 -29.67 -22.21 16.29
C MET D 506 -30.38 -21.43 17.39
N ILE D 507 -29.83 -21.48 18.60
CA ILE D 507 -30.48 -20.84 19.74
C ILE D 507 -30.51 -19.33 19.54
N PRO D 508 -31.53 -18.63 20.02
CA PRO D 508 -31.53 -17.17 19.93
C PRO D 508 -30.48 -16.56 20.83
N CYS D 509 -30.08 -15.33 20.49
CA CYS D 509 -29.04 -14.65 21.25
C CYS D 509 -29.45 -14.39 22.69
N SER D 510 -30.75 -14.23 22.94
CA SER D 510 -31.21 -13.95 24.30
C SER D 510 -30.92 -15.13 25.23
N SER D 511 -31.34 -16.32 24.84
CA SER D 511 -31.10 -17.53 25.64
C SER D 511 -29.83 -18.26 25.18
N VAL D 512 -28.72 -17.54 25.09
CA VAL D 512 -27.43 -18.16 24.75
C VAL D 512 -26.78 -18.77 25.98
N PRO D 513 -26.64 -18.05 27.11
CA PRO D 513 -25.95 -18.67 28.26
C PRO D 513 -26.64 -19.91 28.80
N VAL D 514 -27.98 -19.94 28.78
CA VAL D 514 -28.71 -21.08 29.34
C VAL D 514 -28.36 -22.34 28.58
N VAL D 515 -28.37 -22.28 27.25
CA VAL D 515 -28.02 -23.44 26.43
C VAL D 515 -26.53 -23.75 26.54
N LEU D 516 -25.70 -22.71 26.53
CA LEU D 516 -24.25 -22.92 26.50
C LEU D 516 -23.70 -23.42 27.82
N ARG D 517 -24.44 -23.28 28.92
CA ARG D 517 -23.97 -23.75 30.21
C ARG D 517 -23.91 -25.28 30.25
#